data_3IBG
#
_entry.id   3IBG
#
_cell.length_a   67.760
_cell.length_b   154.780
_cell.length_c   242.880
_cell.angle_alpha   90.000
_cell.angle_beta   90.000
_cell.angle_gamma   90.000
#
_symmetry.space_group_name_H-M   'P 21 21 21'
#
loop_
_entity.id
_entity.type
_entity.pdbx_description
1 polymer 'ATPase, subunit of the Get complex'
2 non-polymer "ADENOSINE-5'-DIPHOSPHATE"
#
_entity_poly.entity_id   1
_entity_poly.type   'polypeptide(L)'
_entity_poly.pdbx_seq_one_letter_code
;MGSTAVVHGDDLMEPTLQSILSQKTLRWIFVGGKGGVGKTTTSCSLAIQLAKVRKSVLLISTDPAHNLSDAFGQKFGKEA
RLVDGYSNLSAMEIDPNGSIQDLLASGDSQGDDPLAGLGMGNMMQDLAFSIPGVDEAMSFAEVLKQVKSLSYEVIVFDTA
PTGHTLRFLQFPTVLEKALAKLSQLSSQFGPMLNSILGARGGLPGGQNIDELLQKMESLRETISEVNTQFKNPDMTTFVC
VCIAEFLSLYETERMIQELTSYGIDTHAIVVNQLLFPKEGSGCEQCNARRKMQKKYLEQIEELYEDFNVVRMPLLVEEVR
GKEKLEKFSEMLVHPYVPPQLEHHHHHH
;
_entity_poly.pdbx_strand_id   A,B,C,D,E,F
#
# COMPACT_ATOMS: atom_id res chain seq x y z
N LEU A 12 -6.84 -53.27 -17.92
CA LEU A 12 -6.46 -53.11 -16.53
C LEU A 12 -4.97 -52.80 -16.40
N MET A 13 -4.47 -52.79 -15.16
CA MET A 13 -3.09 -52.43 -14.90
C MET A 13 -2.46 -53.25 -13.78
N GLU A 14 -1.73 -54.29 -14.16
CA GLU A 14 -1.15 -55.23 -13.21
C GLU A 14 -0.47 -54.55 -12.03
N PRO A 15 -0.41 -55.23 -10.88
CA PRO A 15 0.14 -54.74 -9.62
C PRO A 15 1.65 -54.83 -9.62
N THR A 16 2.28 -54.29 -10.66
CA THR A 16 3.72 -54.45 -10.89
C THR A 16 4.33 -53.18 -11.42
N LEU A 17 5.57 -52.91 -11.00
CA LEU A 17 6.33 -51.81 -11.56
C LEU A 17 7.02 -52.25 -12.84
N GLN A 18 6.54 -53.34 -13.42
CA GLN A 18 7.18 -53.89 -14.62
C GLN A 18 7.11 -52.93 -15.78
N SER A 19 5.96 -52.29 -15.94
CA SER A 19 5.75 -51.34 -17.02
C SER A 19 6.81 -50.25 -17.04
N ILE A 20 7.27 -49.86 -15.85
CA ILE A 20 8.27 -48.81 -15.69
C ILE A 20 9.69 -49.28 -16.03
N LEU A 21 10.08 -50.43 -15.49
CA LEU A 21 11.39 -50.99 -15.77
C LEU A 21 11.52 -51.30 -17.25
N SER A 22 10.39 -51.39 -17.95
CA SER A 22 10.38 -51.69 -19.39
C SER A 22 10.58 -50.44 -20.25
N GLN A 23 10.29 -49.27 -19.69
CA GLN A 23 10.44 -48.02 -20.43
C GLN A 23 11.89 -47.62 -20.48
N LYS A 24 12.50 -47.79 -21.64
CA LYS A 24 13.91 -47.47 -21.80
C LYS A 24 14.11 -46.00 -22.18
N THR A 25 12.99 -45.28 -22.30
CA THR A 25 13.07 -43.84 -22.54
C THR A 25 13.05 -43.05 -21.24
N LEU A 26 12.69 -43.71 -20.14
CA LEU A 26 12.66 -43.04 -18.84
C LEU A 26 14.06 -42.62 -18.43
N ARG A 27 14.21 -41.37 -17.99
CA ARG A 27 15.50 -40.89 -17.53
C ARG A 27 15.41 -40.44 -16.09
N TRP A 28 14.26 -39.90 -15.71
CA TRP A 28 14.01 -39.51 -14.33
C TRP A 28 12.88 -40.30 -13.70
N ILE A 29 13.19 -41.06 -12.65
CA ILE A 29 12.17 -41.80 -11.91
C ILE A 29 12.18 -41.41 -10.43
N PHE A 30 11.23 -40.54 -10.05
CA PHE A 30 11.07 -40.08 -8.68
C PHE A 30 10.47 -41.14 -7.78
N VAL A 31 10.89 -41.15 -6.51
CA VAL A 31 10.26 -41.98 -5.49
C VAL A 31 9.91 -41.11 -4.28
N GLY A 32 8.63 -40.98 -3.99
CA GLY A 32 8.17 -40.17 -2.87
C GLY A 32 7.17 -40.89 -2.00
N GLY A 33 7.13 -40.50 -0.74
CA GLY A 33 6.23 -41.13 0.23
C GLY A 33 6.50 -40.55 1.60
N LYS A 34 5.46 -40.03 2.24
CA LYS A 34 5.65 -39.31 3.48
C LYS A 34 5.35 -40.16 4.69
N GLY A 35 6.22 -40.12 5.69
CA GLY A 35 5.91 -40.65 7.01
C GLY A 35 6.41 -42.05 7.36
N GLY A 36 7.56 -42.45 6.85
CA GLY A 36 8.15 -43.71 7.24
C GLY A 36 7.39 -44.92 6.72
N VAL A 37 6.90 -44.81 5.50
CA VAL A 37 6.11 -45.87 4.89
C VAL A 37 6.99 -46.83 4.08
N GLY A 38 8.30 -46.59 4.10
CA GLY A 38 9.22 -47.37 3.30
C GLY A 38 9.59 -46.70 1.99
N LYS A 39 9.77 -45.38 2.04
CA LYS A 39 10.14 -44.63 0.85
C LYS A 39 11.56 -44.99 0.46
N THR A 40 12.49 -44.76 1.39
CA THR A 40 13.90 -45.06 1.17
C THR A 40 14.11 -46.47 0.61
N THR A 41 13.47 -47.45 1.26
CA THR A 41 13.59 -48.84 0.85
C THR A 41 13.09 -49.07 -0.58
N THR A 42 12.07 -48.32 -0.99
CA THR A 42 11.56 -48.45 -2.36
C THR A 42 12.54 -47.84 -3.36
N SER A 43 13.10 -46.68 -3.01
CA SER A 43 14.06 -46.00 -3.87
C SER A 43 15.26 -46.89 -4.20
N CYS A 44 15.82 -47.52 -3.18
CA CYS A 44 16.92 -48.48 -3.35
C CYS A 44 16.48 -49.71 -4.13
N SER A 45 15.31 -50.24 -3.78
CA SER A 45 14.81 -51.44 -4.43
C SER A 45 14.57 -51.19 -5.91
N LEU A 46 13.97 -50.04 -6.22
CA LEU A 46 13.65 -49.68 -7.60
C LEU A 46 14.93 -49.45 -8.44
N ALA A 47 15.97 -48.92 -7.80
CA ALA A 47 17.26 -48.74 -8.46
C ALA A 47 17.94 -50.09 -8.73
N ILE A 48 17.94 -50.96 -7.73
CA ILE A 48 18.53 -52.29 -7.87
C ILE A 48 17.88 -53.05 -9.00
N GLN A 49 16.56 -52.96 -9.10
CA GLN A 49 15.84 -53.63 -10.18
C GLN A 49 16.13 -52.95 -11.51
N LEU A 50 16.43 -51.66 -11.46
CA LEU A 50 16.72 -50.90 -12.68
C LEU A 50 18.09 -51.23 -13.22
N ALA A 51 19.05 -51.46 -12.33
CA ALA A 51 20.41 -51.80 -12.73
C ALA A 51 20.47 -53.11 -13.51
N LYS A 52 19.45 -53.94 -13.33
CA LYS A 52 19.38 -55.23 -14.03
C LYS A 52 19.04 -55.04 -15.51
N VAL A 53 18.36 -53.95 -15.83
CA VAL A 53 17.79 -53.78 -17.17
C VAL A 53 18.39 -52.60 -17.92
N ARG A 54 18.84 -51.58 -17.18
CA ARG A 54 19.40 -50.37 -17.80
C ARG A 54 20.92 -50.36 -17.70
N LYS A 55 21.56 -49.65 -18.61
CA LYS A 55 23.02 -49.67 -18.70
C LYS A 55 23.67 -49.23 -17.40
N SER A 56 23.19 -48.12 -16.85
CA SER A 56 23.70 -47.58 -15.61
C SER A 56 22.61 -46.78 -14.90
N VAL A 57 22.64 -46.80 -13.58
CA VAL A 57 21.61 -46.15 -12.79
C VAL A 57 22.24 -45.28 -11.71
N LEU A 58 21.84 -44.02 -11.63
CA LEU A 58 22.29 -43.12 -10.57
C LEU A 58 21.17 -42.88 -9.57
N LEU A 59 21.49 -42.99 -8.29
CA LEU A 59 20.54 -42.81 -7.21
C LEU A 59 20.88 -41.53 -6.44
N ILE A 60 20.21 -40.42 -6.73
CA ILE A 60 20.46 -39.16 -6.03
C ILE A 60 19.41 -38.96 -4.93
N SER A 61 19.81 -38.34 -3.82
CA SER A 61 18.91 -38.23 -2.68
C SER A 61 18.81 -36.82 -2.10
N THR A 62 17.59 -36.28 -2.12
CA THR A 62 17.29 -34.99 -1.52
C THR A 62 16.87 -35.16 -0.06
N ASP A 63 16.68 -36.41 0.35
CA ASP A 63 16.26 -36.74 1.72
C ASP A 63 17.34 -36.35 2.72
N PRO A 64 17.02 -35.38 3.61
CA PRO A 64 17.93 -34.85 4.62
C PRO A 64 18.41 -35.90 5.60
N ALA A 65 17.66 -36.99 5.74
CA ALA A 65 17.99 -38.05 6.68
C ALA A 65 19.11 -38.89 6.11
N HIS A 66 19.30 -38.80 4.80
CA HIS A 66 20.28 -39.60 4.11
C HIS A 66 20.18 -41.04 4.58
N ASN A 67 18.97 -41.59 4.52
CA ASN A 67 18.74 -42.99 4.84
C ASN A 67 19.31 -43.87 3.75
N LEU A 68 19.77 -43.22 2.68
CA LEU A 68 20.37 -43.93 1.55
C LEU A 68 21.63 -44.65 1.98
N SER A 69 22.26 -44.17 3.04
CA SER A 69 23.42 -44.84 3.61
C SER A 69 22.99 -46.00 4.50
N ASP A 70 22.22 -45.70 5.54
CA ASP A 70 21.74 -46.71 6.46
C ASP A 70 21.09 -47.90 5.74
N ALA A 71 20.54 -47.65 4.55
CA ALA A 71 19.87 -48.69 3.78
C ALA A 71 20.86 -49.66 3.14
N PHE A 72 21.91 -49.14 2.51
CA PHE A 72 22.92 -49.97 1.86
C PHE A 72 24.08 -50.32 2.78
N GLY A 73 24.07 -49.77 4.00
CA GLY A 73 25.16 -49.96 4.93
C GLY A 73 26.47 -49.49 4.31
N GLN A 74 26.48 -48.26 3.82
CA GLN A 74 27.63 -47.71 3.12
C GLN A 74 27.53 -46.20 3.04
N LYS A 75 28.64 -45.51 3.31
CA LYS A 75 28.62 -44.06 3.36
C LYS A 75 28.67 -43.41 1.97
N PHE A 76 27.66 -42.57 1.71
CA PHE A 76 27.58 -41.81 0.47
C PHE A 76 27.74 -40.33 0.77
N GLY A 77 28.27 -39.59 -0.20
CA GLY A 77 28.47 -38.16 -0.05
C GLY A 77 27.88 -37.39 -1.22
N LYS A 78 28.43 -36.21 -1.49
CA LYS A 78 27.96 -35.42 -2.62
C LYS A 78 28.65 -35.88 -3.90
N GLU A 79 29.65 -36.75 -3.74
CA GLU A 79 30.31 -37.35 -4.87
C GLU A 79 29.64 -38.68 -5.17
N ALA A 80 29.24 -38.89 -6.41
CA ALA A 80 28.63 -40.16 -6.79
C ALA A 80 29.59 -41.33 -6.62
N ARG A 81 29.28 -42.23 -5.69
CA ARG A 81 30.07 -43.43 -5.47
C ARG A 81 29.35 -44.64 -6.05
N LEU A 82 30.04 -45.77 -6.14
CA LEU A 82 29.45 -46.98 -6.67
C LEU A 82 28.90 -47.79 -5.51
N VAL A 83 27.63 -48.19 -5.58
CA VAL A 83 27.04 -49.01 -4.53
C VAL A 83 27.81 -50.32 -4.48
N ASP A 84 28.24 -50.71 -3.29
CA ASP A 84 29.25 -51.76 -3.16
C ASP A 84 29.07 -53.03 -4.01
N GLY A 85 27.93 -53.70 -3.87
CA GLY A 85 27.73 -54.97 -4.55
C GLY A 85 27.33 -54.88 -6.02
N TYR A 86 27.58 -53.75 -6.65
CA TYR A 86 27.13 -53.52 -8.02
C TYR A 86 28.21 -52.92 -8.90
N SER A 87 27.90 -52.82 -10.20
CA SER A 87 28.87 -52.35 -11.19
C SER A 87 28.32 -51.17 -11.98
N ASN A 88 26.99 -51.06 -12.03
CA ASN A 88 26.36 -49.97 -12.77
C ASN A 88 25.39 -49.13 -11.94
N LEU A 89 25.37 -49.38 -10.63
CA LEU A 89 24.51 -48.64 -9.72
C LEU A 89 25.34 -47.74 -8.81
N SER A 90 25.04 -46.45 -8.82
CA SER A 90 25.77 -45.47 -8.05
C SER A 90 24.81 -44.56 -7.29
N ALA A 91 25.25 -44.04 -6.14
CA ALA A 91 24.41 -43.19 -5.31
C ALA A 91 25.14 -41.95 -4.81
N MET A 92 24.44 -40.83 -4.80
CA MET A 92 24.99 -39.61 -4.23
C MET A 92 23.93 -38.93 -3.38
N GLU A 93 24.36 -38.13 -2.42
CA GLU A 93 23.43 -37.40 -1.57
C GLU A 93 23.61 -35.90 -1.70
N ILE A 94 22.64 -35.24 -2.33
CA ILE A 94 22.68 -33.81 -2.56
C ILE A 94 22.45 -33.00 -1.28
N ASP A 95 23.32 -32.02 -1.04
CA ASP A 95 23.14 -31.10 0.08
C ASP A 95 22.41 -29.86 -0.42
N PRO A 96 21.46 -29.36 0.38
CA PRO A 96 20.58 -28.28 -0.07
C PRO A 96 21.34 -26.96 -0.31
N ASN A 97 22.19 -26.56 0.64
CA ASN A 97 23.02 -25.36 0.50
C ASN A 97 22.26 -24.04 0.49
N GLY A 98 21.30 -23.91 1.39
CA GLY A 98 20.65 -22.62 1.62
C GLY A 98 21.60 -21.70 2.38
N SER A 99 21.66 -20.45 1.97
CA SER A 99 22.61 -19.50 2.54
C SER A 99 21.98 -18.66 3.64
N ILE A 100 22.81 -17.90 4.37
CA ILE A 100 22.30 -16.98 5.37
C ILE A 100 21.44 -15.94 4.67
N GLN A 101 21.91 -15.48 3.51
CA GLN A 101 21.12 -14.57 2.71
C GLN A 101 19.77 -15.21 2.41
N ASP A 102 19.80 -16.43 1.87
CA ASP A 102 18.61 -17.18 1.49
C ASP A 102 17.53 -17.12 2.56
N LEU A 103 17.95 -17.41 3.78
CA LEU A 103 17.07 -17.42 4.94
C LEU A 103 16.55 -16.00 5.22
N LEU A 104 17.48 -15.05 5.24
CA LEU A 104 17.15 -13.66 5.52
C LEU A 104 16.13 -13.12 4.52
N ALA A 105 16.13 -13.69 3.32
CA ALA A 105 15.27 -13.17 2.26
C ALA A 105 13.80 -13.60 2.40
N SER A 106 13.54 -14.64 3.20
CA SER A 106 12.17 -15.12 3.35
C SER A 106 11.34 -14.23 4.28
N GLN A 125 2.44 -20.37 9.72
CA GLN A 125 2.75 -21.77 10.04
C GLN A 125 4.13 -22.19 9.55
N ASP A 126 4.21 -23.39 8.98
CA ASP A 126 5.47 -23.96 8.50
C ASP A 126 5.76 -23.61 7.04
N LEU A 127 4.74 -23.10 6.34
CA LEU A 127 4.89 -22.67 4.96
C LEU A 127 5.58 -21.33 4.91
N ALA A 128 6.41 -21.05 5.91
CA ALA A 128 7.15 -19.80 5.99
C ALA A 128 8.56 -19.94 5.43
N PHE A 129 9.06 -21.17 5.42
CA PHE A 129 10.35 -21.48 4.81
C PHE A 129 10.15 -22.34 3.55
N SER A 130 9.02 -22.15 2.88
CA SER A 130 8.64 -23.03 1.76
C SER A 130 9.16 -22.57 0.40
N ILE A 131 9.56 -21.32 0.28
CA ILE A 131 10.15 -20.84 -0.97
C ILE A 131 11.67 -20.85 -0.86
N PRO A 132 12.34 -21.51 -1.83
CA PRO A 132 13.80 -21.65 -1.82
C PRO A 132 14.51 -20.32 -2.15
N GLY A 133 15.76 -20.21 -1.73
CA GLY A 133 16.55 -19.03 -2.01
C GLY A 133 17.24 -19.15 -3.35
N VAL A 134 17.76 -18.03 -3.85
CA VAL A 134 18.47 -18.06 -5.12
C VAL A 134 19.75 -18.88 -5.00
N ASP A 135 20.36 -18.86 -3.82
CA ASP A 135 21.59 -19.59 -3.58
C ASP A 135 21.38 -21.09 -3.57
N GLU A 136 20.25 -21.54 -3.03
CA GLU A 136 19.94 -22.96 -3.03
C GLU A 136 19.60 -23.45 -4.43
N ALA A 137 18.73 -22.70 -5.10
CA ALA A 137 18.35 -22.99 -6.49
C ALA A 137 19.57 -23.11 -7.40
N MET A 138 20.46 -22.12 -7.31
CA MET A 138 21.72 -22.14 -8.08
C MET A 138 22.56 -23.40 -7.77
N SER A 139 22.67 -23.76 -6.49
CA SER A 139 23.48 -24.91 -6.10
C SER A 139 23.00 -26.18 -6.75
N PHE A 140 21.69 -26.41 -6.69
CA PHE A 140 21.05 -27.58 -7.29
C PHE A 140 21.26 -27.61 -8.80
N ALA A 141 21.17 -26.44 -9.43
CA ALA A 141 21.42 -26.31 -10.87
C ALA A 141 22.83 -26.76 -11.21
N GLU A 142 23.78 -26.42 -10.34
CA GLU A 142 25.16 -26.83 -10.52
C GLU A 142 25.30 -28.35 -10.43
N VAL A 143 24.52 -28.97 -9.55
CA VAL A 143 24.57 -30.43 -9.39
C VAL A 143 23.97 -31.15 -10.59
N LEU A 144 22.83 -30.66 -11.06
CA LEU A 144 22.21 -31.18 -12.28
C LEU A 144 23.20 -31.10 -13.42
N LYS A 145 23.95 -30.00 -13.46
CA LYS A 145 25.00 -29.81 -14.45
C LYS A 145 26.02 -30.94 -14.35
N GLN A 146 26.57 -31.15 -13.16
CA GLN A 146 27.49 -32.26 -12.91
C GLN A 146 26.92 -33.57 -13.42
N VAL A 147 25.74 -33.90 -12.93
CA VAL A 147 25.10 -35.19 -13.19
C VAL A 147 24.94 -35.47 -14.69
N LYS A 148 24.67 -34.43 -15.46
CA LYS A 148 24.52 -34.58 -16.90
C LYS A 148 25.87 -34.93 -17.54
N SER A 149 26.96 -34.47 -16.92
CA SER A 149 28.29 -34.76 -17.43
C SER A 149 28.66 -36.23 -17.27
N LEU A 150 28.21 -36.83 -16.18
CA LEU A 150 28.50 -38.25 -15.91
C LEU A 150 27.85 -39.20 -16.92
N SER A 151 26.78 -38.75 -17.57
CA SER A 151 26.05 -39.59 -18.52
C SER A 151 25.61 -40.92 -17.91
N TYR A 152 24.82 -40.84 -16.84
CA TYR A 152 24.15 -42.01 -16.30
C TYR A 152 22.88 -42.27 -17.11
N GLU A 153 22.62 -43.53 -17.40
CA GLU A 153 21.51 -43.91 -18.27
C GLU A 153 20.15 -43.48 -17.74
N VAL A 154 19.87 -43.81 -16.49
CA VAL A 154 18.62 -43.39 -15.85
C VAL A 154 18.91 -42.99 -14.41
N ILE A 155 18.09 -42.10 -13.86
CA ILE A 155 18.28 -41.65 -12.49
C ILE A 155 17.06 -41.92 -11.62
N VAL A 156 17.27 -42.54 -10.48
CA VAL A 156 16.22 -42.68 -9.48
C VAL A 156 16.39 -41.54 -8.49
N PHE A 157 15.30 -40.83 -8.21
CA PHE A 157 15.35 -39.61 -7.43
C PHE A 157 14.67 -39.83 -6.08
N ASP A 158 15.49 -40.12 -5.06
CA ASP A 158 15.00 -40.36 -3.72
C ASP A 158 14.61 -39.04 -3.06
N THR A 159 13.33 -38.71 -3.10
CA THR A 159 12.84 -37.42 -2.60
C THR A 159 12.82 -37.33 -1.07
N ALA A 160 12.63 -36.12 -0.56
CA ALA A 160 12.56 -35.87 0.87
C ALA A 160 11.14 -36.13 1.34
N PRO A 161 11.00 -36.96 2.39
CA PRO A 161 9.71 -37.33 2.96
C PRO A 161 9.21 -36.25 3.93
N THR A 162 9.58 -35.00 3.67
CA THR A 162 9.12 -33.89 4.49
C THR A 162 7.95 -33.15 3.84
N GLY A 163 7.73 -31.92 4.27
CA GLY A 163 6.69 -31.09 3.67
C GLY A 163 7.24 -30.39 2.46
N HIS A 164 8.52 -30.61 2.16
CA HIS A 164 9.17 -29.94 1.04
C HIS A 164 9.59 -30.91 -0.05
N THR A 165 8.81 -31.96 -0.23
CA THR A 165 9.11 -33.01 -1.20
C THR A 165 9.36 -32.48 -2.62
N LEU A 166 8.50 -31.57 -3.06
CA LEU A 166 8.56 -31.04 -4.41
C LEU A 166 9.13 -29.61 -4.43
N ARG A 167 9.96 -29.28 -3.45
CA ARG A 167 10.51 -27.94 -3.33
C ARG A 167 11.38 -27.54 -4.52
N PHE A 168 12.10 -28.52 -5.07
CA PHE A 168 13.02 -28.24 -6.18
C PHE A 168 12.30 -27.75 -7.44
N LEU A 169 10.98 -27.93 -7.47
CA LEU A 169 10.20 -27.55 -8.64
C LEU A 169 10.00 -26.04 -8.70
N GLN A 170 10.45 -25.34 -7.66
CA GLN A 170 10.39 -23.89 -7.62
C GLN A 170 11.68 -23.25 -8.16
N PHE A 171 12.71 -24.06 -8.36
CA PHE A 171 14.00 -23.56 -8.82
C PHE A 171 13.98 -22.84 -10.19
N PRO A 172 13.15 -23.32 -11.12
CA PRO A 172 13.05 -22.61 -12.40
C PRO A 172 12.51 -21.20 -12.22
N THR A 173 11.42 -21.05 -11.48
CA THR A 173 10.86 -19.72 -11.27
C THR A 173 11.75 -18.85 -10.38
N VAL A 174 12.49 -19.46 -9.47
CA VAL A 174 13.42 -18.72 -8.64
C VAL A 174 14.58 -18.16 -9.46
N LEU A 175 15.15 -18.98 -10.34
CA LEU A 175 16.26 -18.58 -11.18
C LEU A 175 15.82 -17.60 -12.27
N GLU A 176 14.59 -17.70 -12.72
CA GLU A 176 14.10 -16.78 -13.73
C GLU A 176 13.90 -15.39 -13.16
N LYS A 177 13.38 -15.31 -11.94
CA LYS A 177 13.23 -14.00 -11.30
C LYS A 177 14.59 -13.38 -11.02
N ALA A 178 15.57 -14.22 -10.70
CA ALA A 178 16.92 -13.75 -10.45
C ALA A 178 17.52 -13.22 -11.76
N LEU A 179 17.51 -14.05 -12.79
CA LEU A 179 18.04 -13.67 -14.10
C LEU A 179 17.37 -12.40 -14.63
N ALA A 180 16.16 -12.13 -14.14
CA ALA A 180 15.44 -10.93 -14.56
C ALA A 180 15.93 -9.70 -13.82
N LYS A 181 15.90 -9.76 -12.49
CA LYS A 181 16.41 -8.69 -11.64
C LYS A 181 17.86 -8.39 -11.98
N LEU A 182 18.57 -9.42 -12.42
CA LEU A 182 19.97 -9.29 -12.78
C LEU A 182 20.09 -8.57 -14.13
N SER A 183 19.21 -8.89 -15.06
CA SER A 183 19.25 -8.28 -16.40
C SER A 183 18.76 -6.83 -16.37
N GLN A 184 17.84 -6.54 -15.47
CA GLN A 184 17.31 -5.19 -15.30
C GLN A 184 18.38 -4.26 -14.76
N LEU A 185 19.20 -4.75 -13.84
CA LEU A 185 20.33 -3.98 -13.36
C LEU A 185 21.36 -3.84 -14.47
N SER A 186 21.35 -4.77 -15.42
CA SER A 186 22.32 -4.76 -16.51
C SER A 186 21.97 -3.72 -17.58
N SER A 187 20.87 -3.00 -17.38
CA SER A 187 20.53 -1.87 -18.24
C SER A 187 20.83 -0.55 -17.52
N GLN A 188 21.00 -0.64 -16.20
CA GLN A 188 21.44 0.48 -15.38
C GLN A 188 22.90 0.35 -14.99
N PHE A 189 23.75 0.30 -16.01
CA PHE A 189 25.20 0.33 -15.85
C PHE A 189 25.94 0.30 -17.19
N SER A 195 33.79 4.28 -18.72
CA SER A 195 33.82 5.47 -17.87
C SER A 195 35.23 6.07 -17.84
N ILE A 196 35.33 7.33 -17.45
CA ILE A 196 36.63 7.96 -17.29
C ILE A 196 37.15 7.64 -15.89
N LEU A 197 36.44 6.75 -15.20
CA LEU A 197 36.75 6.40 -13.81
C LEU A 197 37.70 5.24 -13.66
N GLY A 198 38.03 4.58 -14.77
CA GLY A 198 38.89 3.40 -14.73
C GLY A 198 38.33 2.37 -13.77
N ALA A 199 39.22 1.62 -13.12
CA ALA A 199 38.79 0.57 -12.21
C ALA A 199 37.98 1.12 -11.03
N ARG A 200 38.01 2.45 -10.88
CA ARG A 200 37.24 3.12 -9.82
C ARG A 200 35.77 3.19 -10.17
N GLY A 201 35.44 2.77 -11.39
CA GLY A 201 34.07 2.85 -11.88
C GLY A 201 33.31 1.55 -11.73
N GLY A 202 33.89 0.61 -11.00
CA GLY A 202 33.23 -0.67 -10.79
C GLY A 202 32.13 -0.58 -9.76
N LEU A 203 31.38 -1.67 -9.61
CA LEU A 203 30.46 -1.81 -8.50
C LEU A 203 31.25 -2.03 -7.23
N PRO A 204 30.76 -1.53 -6.09
CA PRO A 204 31.36 -1.90 -4.80
C PRO A 204 30.82 -3.29 -4.45
N GLY A 205 31.67 -4.15 -3.92
CA GLY A 205 31.29 -5.54 -3.75
C GLY A 205 32.03 -6.35 -4.79
N GLY A 206 32.40 -5.68 -5.87
CA GLY A 206 33.25 -6.27 -6.88
C GLY A 206 32.49 -7.17 -7.83
N GLN A 207 31.16 -7.18 -7.71
CA GLN A 207 30.36 -8.04 -8.58
C GLN A 207 30.51 -7.58 -10.02
N ASN A 208 30.73 -8.52 -10.93
CA ASN A 208 30.74 -8.21 -12.34
C ASN A 208 29.41 -8.63 -12.95
N ILE A 209 28.54 -7.66 -13.24
CA ILE A 209 27.19 -7.98 -13.70
C ILE A 209 27.13 -8.87 -14.95
N ASP A 210 27.83 -8.48 -16.01
CA ASP A 210 27.82 -9.23 -17.26
C ASP A 210 28.40 -10.63 -17.09
N GLU A 211 29.23 -10.79 -16.06
CA GLU A 211 29.88 -12.05 -15.78
C GLU A 211 28.94 -12.97 -15.01
N LEU A 212 28.04 -12.36 -14.23
CA LEU A 212 27.05 -13.09 -13.47
C LEU A 212 25.84 -13.43 -14.34
N LEU A 213 25.49 -12.51 -15.22
CA LEU A 213 24.40 -12.72 -16.16
C LEU A 213 24.66 -13.96 -17.01
N GLN A 214 25.92 -14.41 -17.01
CA GLN A 214 26.28 -15.63 -17.73
C GLN A 214 26.03 -16.87 -16.87
N LYS A 215 26.63 -16.92 -15.69
CA LYS A 215 26.40 -18.03 -14.77
C LYS A 215 24.90 -18.23 -14.57
N MET A 216 24.17 -17.13 -14.52
CA MET A 216 22.74 -17.19 -14.28
C MET A 216 21.96 -17.67 -15.50
N GLU A 217 22.38 -17.26 -16.68
CA GLU A 217 21.73 -17.73 -17.89
C GLU A 217 22.01 -19.22 -18.08
N SER A 218 23.23 -19.62 -17.75
CA SER A 218 23.67 -21.01 -17.92
C SER A 218 23.04 -21.93 -16.89
N LEU A 219 22.81 -21.43 -15.69
CA LEU A 219 22.15 -22.21 -14.67
C LEU A 219 20.65 -22.28 -14.93
N ARG A 220 20.09 -21.21 -15.48
CA ARG A 220 18.68 -21.20 -15.84
C ARG A 220 18.42 -22.21 -16.95
N GLU A 221 19.32 -22.25 -17.93
CA GLU A 221 19.17 -23.15 -19.07
C GLU A 221 19.25 -24.61 -18.67
N THR A 222 20.13 -24.92 -17.71
CA THR A 222 20.22 -26.28 -17.19
C THR A 222 18.98 -26.64 -16.39
N ILE A 223 18.52 -25.71 -15.56
CA ILE A 223 17.29 -25.93 -14.81
C ILE A 223 16.06 -26.13 -15.71
N SER A 224 15.97 -25.32 -16.79
CA SER A 224 14.84 -25.43 -17.70
C SER A 224 14.84 -26.76 -18.46
N GLU A 225 16.00 -27.18 -18.94
CA GLU A 225 16.11 -28.45 -19.64
C GLU A 225 15.52 -29.55 -18.77
N VAL A 226 16.13 -29.75 -17.61
CA VAL A 226 15.69 -30.77 -16.68
C VAL A 226 14.21 -30.61 -16.34
N ASN A 227 13.75 -29.37 -16.20
CA ASN A 227 12.36 -29.15 -15.81
C ASN A 227 11.35 -29.56 -16.89
N THR A 228 11.64 -29.26 -18.15
CA THR A 228 10.72 -29.66 -19.23
C THR A 228 10.83 -31.16 -19.55
N GLN A 229 11.86 -31.79 -19.00
CA GLN A 229 11.97 -33.26 -19.06
C GLN A 229 11.04 -33.89 -18.03
N PHE A 230 11.06 -33.33 -16.82
CA PHE A 230 10.16 -33.77 -15.75
C PHE A 230 8.73 -33.75 -16.26
N LYS A 231 8.39 -32.73 -17.03
CA LYS A 231 7.02 -32.59 -17.52
C LYS A 231 6.74 -33.45 -18.75
N ASN A 232 7.70 -34.33 -19.07
CA ASN A 232 7.54 -35.28 -20.19
C ASN A 232 7.32 -36.71 -19.71
N PRO A 233 6.11 -37.25 -19.92
CA PRO A 233 5.75 -38.58 -19.44
C PRO A 233 6.69 -39.66 -19.97
N ASP A 234 7.12 -39.54 -21.22
CA ASP A 234 8.02 -40.52 -21.79
C ASP A 234 9.36 -40.56 -21.05
N MET A 235 9.71 -39.47 -20.39
CA MET A 235 11.03 -39.31 -19.77
C MET A 235 11.01 -39.33 -18.24
N THR A 236 9.89 -38.95 -17.64
CA THR A 236 9.81 -38.81 -16.19
C THR A 236 8.49 -39.29 -15.62
N THR A 237 8.56 -40.11 -14.59
CA THR A 237 7.38 -40.53 -13.84
C THR A 237 7.66 -40.54 -12.33
N PHE A 238 6.59 -40.41 -11.54
CA PHE A 238 6.70 -40.38 -10.09
C PHE A 238 6.03 -41.62 -9.50
N VAL A 239 6.76 -42.32 -8.63
CA VAL A 239 6.25 -43.51 -7.95
C VAL A 239 5.97 -43.18 -6.49
N CYS A 240 4.71 -43.32 -6.08
CA CYS A 240 4.35 -43.03 -4.70
C CYS A 240 4.49 -44.27 -3.81
N VAL A 241 4.86 -44.04 -2.55
CA VAL A 241 4.87 -45.10 -1.54
C VAL A 241 3.94 -44.71 -0.39
N CYS A 242 3.26 -45.70 0.20
CA CYS A 242 2.34 -45.43 1.28
C CYS A 242 2.08 -46.65 2.15
N ILE A 243 1.52 -46.43 3.34
CA ILE A 243 0.99 -47.51 4.15
C ILE A 243 -0.49 -47.59 3.83
N ALA A 244 -1.16 -48.65 4.26
CA ALA A 244 -2.61 -48.70 4.19
C ALA A 244 -3.26 -48.15 5.46
N GLU A 245 -2.94 -46.89 5.79
CA GLU A 245 -3.59 -46.18 6.89
C GLU A 245 -4.26 -44.96 6.30
N PHE A 246 -5.05 -44.25 7.09
CA PHE A 246 -5.75 -43.09 6.56
C PHE A 246 -4.80 -41.95 6.30
N LEU A 247 -4.09 -41.52 7.34
CA LEU A 247 -3.17 -40.40 7.22
C LEU A 247 -2.23 -40.53 6.02
N SER A 248 -1.85 -41.75 5.67
CA SER A 248 -0.94 -41.94 4.53
C SER A 248 -1.69 -41.96 3.20
N LEU A 249 -2.87 -42.58 3.17
CA LEU A 249 -3.69 -42.57 1.97
C LEU A 249 -4.10 -41.17 1.63
N TYR A 250 -4.21 -40.33 2.66
CA TYR A 250 -4.55 -38.93 2.49
C TYR A 250 -3.36 -38.16 1.95
N GLU A 251 -2.25 -38.23 2.67
CA GLU A 251 -1.04 -37.54 2.26
C GLU A 251 -0.64 -37.96 0.85
N THR A 252 -1.10 -39.12 0.42
CA THR A 252 -0.77 -39.62 -0.90
C THR A 252 -1.59 -38.97 -2.00
N GLU A 253 -2.91 -38.84 -1.78
CA GLU A 253 -3.78 -38.19 -2.75
C GLU A 253 -3.43 -36.72 -2.84
N ARG A 254 -2.89 -36.21 -1.74
CA ARG A 254 -2.51 -34.81 -1.63
C ARG A 254 -1.28 -34.53 -2.46
N MET A 255 -0.32 -35.44 -2.40
CA MET A 255 0.94 -35.28 -3.12
C MET A 255 0.80 -35.57 -4.61
N ILE A 256 -0.18 -36.38 -4.97
CA ILE A 256 -0.45 -36.64 -6.38
C ILE A 256 -1.13 -35.43 -7.00
N GLN A 257 -1.98 -34.76 -6.22
CA GLN A 257 -2.63 -33.55 -6.71
C GLN A 257 -1.59 -32.51 -7.06
N GLU A 258 -0.66 -32.31 -6.13
CA GLU A 258 0.40 -31.32 -6.35
C GLU A 258 1.22 -31.73 -7.57
N LEU A 259 1.53 -33.02 -7.70
CA LEU A 259 2.28 -33.52 -8.84
C LEU A 259 1.56 -33.25 -10.15
N THR A 260 0.26 -33.53 -10.19
CA THR A 260 -0.53 -33.30 -11.39
C THR A 260 -0.56 -31.81 -11.73
N SER A 261 -0.60 -30.95 -10.70
CA SER A 261 -0.61 -29.52 -10.93
C SER A 261 0.69 -29.07 -11.61
N TYR A 262 1.83 -29.53 -11.09
CA TYR A 262 3.12 -29.23 -11.72
C TYR A 262 3.27 -29.96 -13.06
N GLY A 263 2.31 -30.83 -13.36
CA GLY A 263 2.31 -31.55 -14.62
C GLY A 263 3.30 -32.70 -14.68
N ILE A 264 3.66 -33.24 -13.53
CA ILE A 264 4.59 -34.37 -13.46
C ILE A 264 3.86 -35.70 -13.40
N ASP A 265 4.13 -36.56 -14.37
CA ASP A 265 3.40 -37.83 -14.51
C ASP A 265 3.52 -38.77 -13.32
N THR A 266 2.42 -39.39 -12.94
CA THR A 266 2.42 -40.38 -11.86
C THR A 266 1.38 -41.44 -12.14
N HIS A 267 1.76 -42.71 -12.01
CA HIS A 267 0.86 -43.81 -12.35
C HIS A 267 1.17 -45.10 -11.61
N ALA A 268 1.84 -45.00 -10.47
CA ALA A 268 2.20 -46.18 -9.70
C ALA A 268 2.18 -45.89 -8.21
N ILE A 269 1.52 -46.74 -7.44
CA ILE A 269 1.57 -46.63 -5.99
C ILE A 269 2.11 -47.92 -5.42
N VAL A 270 3.04 -47.80 -4.49
CA VAL A 270 3.52 -48.96 -3.74
C VAL A 270 2.89 -48.94 -2.36
N VAL A 271 2.04 -49.92 -2.07
CA VAL A 271 1.41 -50.02 -0.77
C VAL A 271 2.24 -50.96 0.09
N ASN A 272 2.96 -50.40 1.05
CA ASN A 272 3.95 -51.15 1.81
C ASN A 272 3.43 -51.69 3.15
N GLN A 273 4.18 -52.59 3.76
CA GLN A 273 3.90 -53.09 5.11
C GLN A 273 2.53 -53.79 5.28
N LEU A 274 2.03 -54.41 4.23
CA LEU A 274 0.73 -55.08 4.28
C LEU A 274 0.79 -56.40 5.04
N LEU A 275 -0.33 -56.78 5.66
CA LEU A 275 -0.48 -58.09 6.29
C LEU A 275 -1.20 -59.03 5.33
N PHE A 276 -0.77 -60.29 5.31
CA PHE A 276 -1.39 -61.29 4.46
C PHE A 276 -1.90 -62.46 5.31
N PRO A 277 -2.89 -63.20 4.78
CA PRO A 277 -3.49 -64.33 5.49
C PRO A 277 -2.48 -65.45 5.77
N GLY A 282 -4.87 -68.81 13.48
CA GLY A 282 -4.99 -69.17 14.88
C GLY A 282 -4.86 -67.99 15.83
N CYS A 283 -4.54 -66.82 15.28
CA CYS A 283 -4.41 -65.59 16.06
C CYS A 283 -5.45 -64.56 15.63
N GLU A 284 -6.45 -64.37 16.48
CA GLU A 284 -7.66 -63.63 16.14
C GLU A 284 -7.46 -62.13 15.92
N GLN A 285 -6.91 -61.45 16.92
CA GLN A 285 -6.79 -59.99 16.86
C GLN A 285 -5.99 -59.47 15.66
N CYS A 286 -5.02 -60.24 15.19
CA CYS A 286 -4.28 -59.85 14.00
C CYS A 286 -5.17 -59.90 12.76
N ASN A 287 -6.11 -60.84 12.73
CA ASN A 287 -7.08 -60.94 11.65
C ASN A 287 -7.91 -59.68 11.51
N ALA A 288 -8.27 -59.07 12.65
CA ALA A 288 -9.04 -57.84 12.64
C ALA A 288 -8.26 -56.70 11.97
N ARG A 289 -6.99 -56.59 12.32
CA ARG A 289 -6.13 -55.58 11.75
C ARG A 289 -6.02 -55.74 10.24
N ARG A 290 -6.21 -56.97 9.77
CA ARG A 290 -6.16 -57.24 8.34
C ARG A 290 -7.46 -56.80 7.67
N LYS A 291 -8.58 -57.04 8.36
CA LYS A 291 -9.87 -56.63 7.84
C LYS A 291 -9.90 -55.14 7.54
N MET A 292 -9.18 -54.36 8.35
CA MET A 292 -9.11 -52.92 8.14
C MET A 292 -8.26 -52.56 6.93
N GLN A 293 -7.16 -53.28 6.75
CA GLN A 293 -6.33 -53.09 5.57
C GLN A 293 -7.14 -53.34 4.32
N LYS A 294 -7.95 -54.40 4.35
CA LYS A 294 -8.79 -54.76 3.23
C LYS A 294 -9.67 -53.57 2.84
N LYS A 295 -10.16 -52.85 3.85
CA LYS A 295 -10.97 -51.67 3.60
C LYS A 295 -10.17 -50.58 2.90
N TYR A 296 -9.04 -50.20 3.48
CA TYR A 296 -8.17 -49.18 2.90
C TYR A 296 -7.69 -49.59 1.52
N LEU A 297 -7.41 -50.87 1.36
CA LEU A 297 -6.85 -51.35 0.11
C LEU A 297 -7.90 -51.29 -1.00
N GLU A 298 -9.15 -51.54 -0.66
CA GLU A 298 -10.24 -51.45 -1.63
C GLU A 298 -10.41 -50.01 -2.08
N GLN A 299 -10.35 -49.08 -1.12
CA GLN A 299 -10.43 -47.66 -1.44
C GLN A 299 -9.37 -47.27 -2.45
N ILE A 300 -8.15 -47.76 -2.24
CA ILE A 300 -7.02 -47.44 -3.11
C ILE A 300 -7.20 -48.00 -4.52
N GLU A 301 -7.70 -49.23 -4.59
CA GLU A 301 -7.92 -49.89 -5.88
C GLU A 301 -8.97 -49.13 -6.66
N GLU A 302 -9.90 -48.49 -5.94
CA GLU A 302 -10.99 -47.77 -6.58
C GLU A 302 -10.56 -46.39 -7.05
N LEU A 303 -9.94 -45.62 -6.15
CA LEU A 303 -9.45 -44.30 -6.49
C LEU A 303 -8.43 -44.40 -7.61
N TYR A 304 -7.44 -45.27 -7.43
CA TYR A 304 -6.33 -45.37 -8.35
C TYR A 304 -6.50 -46.56 -9.28
N GLU A 305 -7.62 -46.60 -9.98
CA GLU A 305 -7.87 -47.65 -10.95
C GLU A 305 -6.86 -47.54 -12.08
N ASP A 306 -6.49 -46.31 -12.42
CA ASP A 306 -5.57 -46.05 -13.53
C ASP A 306 -4.12 -46.25 -13.14
N PHE A 307 -3.90 -46.69 -11.91
CA PHE A 307 -2.54 -46.84 -11.38
C PHE A 307 -2.12 -48.31 -11.29
N ASN A 308 -0.82 -48.56 -11.35
CA ASN A 308 -0.28 -49.83 -10.89
C ASN A 308 -0.26 -49.78 -9.38
N VAL A 309 -1.03 -50.63 -8.72
CA VAL A 309 -1.02 -50.65 -7.26
C VAL A 309 -0.22 -51.85 -6.75
N VAL A 310 1.05 -51.63 -6.47
CA VAL A 310 1.97 -52.69 -6.05
C VAL A 310 1.81 -52.98 -4.56
N ARG A 311 1.59 -54.26 -4.23
CA ARG A 311 1.41 -54.67 -2.83
C ARG A 311 2.63 -55.37 -2.23
N MET A 312 3.14 -54.80 -1.14
CA MET A 312 4.32 -55.34 -0.49
C MET A 312 3.97 -55.79 0.92
N PRO A 313 4.49 -56.95 1.33
CA PRO A 313 4.19 -57.53 2.63
C PRO A 313 5.06 -56.92 3.71
N LEU A 314 4.61 -56.92 4.96
CA LEU A 314 5.50 -56.58 6.06
C LEU A 314 6.43 -57.76 6.32
N LEU A 315 7.73 -57.56 6.16
CA LEU A 315 8.70 -58.62 6.42
C LEU A 315 9.08 -58.65 7.90
N VAL A 316 9.60 -59.79 8.35
CA VAL A 316 9.87 -59.98 9.77
C VAL A 316 11.14 -59.26 10.25
N GLU A 317 12.06 -59.01 9.34
CA GLU A 317 13.30 -58.31 9.67
C GLU A 317 13.43 -57.05 8.83
N GLU A 318 14.24 -56.10 9.30
CA GLU A 318 14.46 -54.87 8.56
C GLU A 318 15.04 -55.16 7.18
N VAL A 319 14.61 -54.42 6.18
CA VAL A 319 15.17 -54.56 4.83
C VAL A 319 16.44 -53.70 4.70
N ARG A 320 17.55 -54.23 5.20
CA ARG A 320 18.80 -53.47 5.27
C ARG A 320 19.88 -54.03 4.36
N GLY A 321 20.20 -55.30 4.51
CA GLY A 321 21.25 -55.92 3.71
C GLY A 321 21.07 -55.69 2.23
N LYS A 322 22.14 -55.88 1.45
CA LYS A 322 22.02 -55.81 0.00
C LYS A 322 21.24 -57.02 -0.49
N GLU A 323 21.43 -58.14 0.19
CA GLU A 323 20.73 -59.37 -0.18
C GLU A 323 19.26 -59.25 0.20
N LYS A 324 18.99 -58.54 1.29
CA LYS A 324 17.61 -58.35 1.74
C LYS A 324 16.85 -57.37 0.85
N LEU A 325 17.55 -56.33 0.39
CA LEU A 325 16.97 -55.35 -0.53
C LEU A 325 16.68 -56.00 -1.87
N GLU A 326 17.53 -56.92 -2.31
CA GLU A 326 17.32 -57.61 -3.57
C GLU A 326 16.04 -58.43 -3.47
N LYS A 327 15.95 -59.24 -2.42
CA LYS A 327 14.77 -60.08 -2.16
C LYS A 327 13.49 -59.25 -2.09
N PHE A 328 13.56 -58.11 -1.41
CA PHE A 328 12.42 -57.20 -1.35
C PHE A 328 12.11 -56.65 -2.74
N SER A 329 13.15 -56.22 -3.47
CA SER A 329 12.96 -55.57 -4.77
C SER A 329 12.38 -56.50 -5.82
N GLU A 330 12.56 -57.80 -5.66
CA GLU A 330 11.99 -58.77 -6.60
C GLU A 330 10.48 -58.68 -6.57
N MET A 331 9.93 -58.37 -5.41
CA MET A 331 8.49 -58.25 -5.23
C MET A 331 7.87 -57.02 -5.91
N LEU A 332 8.72 -56.09 -6.34
CA LEU A 332 8.24 -54.92 -7.08
C LEU A 332 7.88 -55.28 -8.51
N VAL A 333 8.19 -56.52 -8.89
CA VAL A 333 8.03 -56.94 -10.26
C VAL A 333 7.40 -58.34 -10.32
N HIS A 334 7.40 -59.02 -9.17
CA HIS A 334 6.67 -60.28 -9.00
C HIS A 334 5.78 -60.21 -7.78
N PRO A 335 4.48 -59.96 -8.01
CA PRO A 335 3.50 -59.83 -6.93
C PRO A 335 3.69 -60.93 -5.90
N TYR A 336 3.70 -60.54 -4.64
CA TYR A 336 3.91 -61.47 -3.53
C TYR A 336 2.72 -62.38 -3.34
N VAL A 337 3.00 -63.64 -2.99
CA VAL A 337 1.96 -64.57 -2.56
C VAL A 337 2.49 -65.40 -1.38
N PRO A 338 1.63 -65.63 -0.39
CA PRO A 338 1.94 -66.37 0.85
C PRO A 338 2.99 -67.46 0.67
N LEU B 12 4.90 -40.99 39.14
CA LEU B 12 4.28 -41.72 38.05
C LEU B 12 2.92 -41.14 37.68
N MET B 13 2.43 -41.49 36.49
CA MET B 13 1.11 -41.09 36.04
C MET B 13 0.39 -42.24 35.34
N GLU B 14 -0.39 -42.98 36.11
CA GLU B 14 -1.07 -44.18 35.62
C GLU B 14 -1.70 -44.00 34.24
N PRO B 15 -1.81 -45.10 33.49
CA PRO B 15 -2.35 -45.15 32.13
C PRO B 15 -3.87 -45.11 32.16
N THR B 16 -4.44 -44.08 32.77
CA THR B 16 -5.87 -44.03 32.98
C THR B 16 -6.41 -42.61 32.86
N LEU B 17 -7.67 -42.50 32.44
CA LEU B 17 -8.35 -41.23 32.44
C LEU B 17 -9.05 -41.03 33.79
N GLN B 18 -8.62 -41.78 34.80
CA GLN B 18 -9.26 -41.73 36.10
C GLN B 18 -9.09 -40.36 36.74
N SER B 19 -7.90 -39.78 36.56
CA SER B 19 -7.58 -38.48 37.13
C SER B 19 -8.53 -37.40 36.63
N ILE B 20 -9.04 -37.59 35.42
CA ILE B 20 -9.99 -36.64 34.83
C ILE B 20 -11.41 -36.86 35.36
N LEU B 21 -11.87 -38.12 35.34
CA LEU B 21 -13.20 -38.46 35.84
C LEU B 21 -13.37 -38.03 37.31
N SER B 22 -12.26 -37.99 38.05
CA SER B 22 -12.28 -37.65 39.46
C SER B 22 -12.38 -36.15 39.69
N GLN B 23 -12.01 -35.36 38.69
CA GLN B 23 -12.10 -33.90 38.79
C GLN B 23 -13.54 -33.44 38.63
N LYS B 24 -14.13 -32.95 39.71
CA LYS B 24 -15.51 -32.51 39.67
C LYS B 24 -15.60 -31.01 39.35
N THR B 25 -14.45 -30.37 39.21
CA THR B 25 -14.43 -28.97 38.82
C THR B 25 -14.36 -28.81 37.30
N LEU B 26 -14.04 -29.90 36.60
CA LEU B 26 -14.01 -29.86 35.14
C LEU B 26 -15.39 -29.54 34.59
N ARG B 27 -15.47 -28.59 33.65
CA ARG B 27 -16.71 -28.27 32.97
C ARG B 27 -16.59 -28.50 31.47
N TRP B 28 -15.39 -28.30 30.94
CA TRP B 28 -15.13 -28.51 29.53
C TRP B 28 -14.04 -29.57 29.30
N ILE B 29 -14.39 -30.70 28.70
CA ILE B 29 -13.40 -31.71 28.36
C ILE B 29 -13.36 -31.95 26.86
N PHE B 30 -12.32 -31.44 26.20
CA PHE B 30 -12.17 -31.64 24.76
C PHE B 30 -11.66 -33.04 24.47
N VAL B 31 -12.06 -33.59 23.34
CA VAL B 31 -11.48 -34.82 22.82
C VAL B 31 -11.16 -34.61 21.35
N GLY B 32 -9.90 -34.77 20.98
CA GLY B 32 -9.50 -34.56 19.60
C GLY B 32 -8.48 -35.57 19.12
N GLY B 33 -8.38 -35.71 17.81
CA GLY B 33 -7.45 -36.66 17.21
C GLY B 33 -7.70 -36.76 15.73
N LYS B 34 -6.64 -36.69 14.94
CA LYS B 34 -6.84 -36.57 13.51
C LYS B 34 -6.62 -37.89 12.77
N GLY B 35 -7.50 -38.16 11.81
CA GLY B 35 -7.28 -39.24 10.86
C GLY B 35 -7.84 -40.62 11.21
N GLY B 36 -9.06 -40.64 11.74
CA GLY B 36 -9.72 -41.91 12.00
C GLY B 36 -9.02 -42.80 13.00
N VAL B 37 -8.47 -42.19 14.04
CA VAL B 37 -7.77 -42.93 15.08
C VAL B 37 -8.75 -43.41 16.15
N GLY B 38 -10.02 -43.03 16.00
CA GLY B 38 -11.03 -43.41 16.96
C GLY B 38 -11.39 -42.27 17.90
N LYS B 39 -11.27 -41.04 17.38
CA LYS B 39 -11.62 -39.85 18.14
C LYS B 39 -13.07 -39.88 18.61
N THR B 40 -13.99 -40.12 17.68
CA THR B 40 -15.42 -40.16 17.99
C THR B 40 -15.77 -41.22 19.04
N THR B 41 -15.21 -42.42 18.86
CA THR B 41 -15.41 -43.50 19.82
C THR B 41 -14.93 -43.11 21.21
N THR B 42 -13.81 -42.40 21.30
CA THR B 42 -13.28 -41.96 22.58
C THR B 42 -14.17 -40.88 23.21
N SER B 43 -14.71 -40.00 22.37
CA SER B 43 -15.59 -38.93 22.85
C SER B 43 -16.82 -39.52 23.53
N CYS B 44 -17.43 -40.51 22.89
CA CYS B 44 -18.60 -41.17 23.46
C CYS B 44 -18.22 -41.96 24.71
N SER B 45 -17.15 -42.74 24.62
CA SER B 45 -16.70 -43.55 25.73
C SER B 45 -16.40 -42.72 26.97
N LEU B 46 -15.75 -41.57 26.77
CA LEU B 46 -15.44 -40.67 27.87
C LEU B 46 -16.72 -40.04 28.46
N ALA B 47 -17.69 -39.80 27.60
CA ALA B 47 -18.97 -39.23 28.01
C ALA B 47 -19.75 -40.24 28.85
N ILE B 48 -19.86 -41.45 28.33
CA ILE B 48 -20.53 -42.53 29.05
C ILE B 48 -19.93 -42.70 30.44
N GLN B 49 -18.60 -42.76 30.51
CA GLN B 49 -17.92 -42.99 31.77
C GLN B 49 -18.06 -41.79 32.70
N LEU B 50 -18.38 -40.63 32.13
CA LEU B 50 -18.58 -39.41 32.91
C LEU B 50 -19.99 -39.35 33.50
N ALA B 51 -20.95 -39.92 32.78
CA ALA B 51 -22.33 -39.95 33.26
C ALA B 51 -22.45 -40.74 34.56
N LYS B 52 -21.54 -41.71 34.75
CA LYS B 52 -21.52 -42.55 35.93
C LYS B 52 -21.04 -41.80 37.16
N VAL B 53 -20.35 -40.68 36.95
CA VAL B 53 -19.71 -39.95 38.03
C VAL B 53 -20.23 -38.51 38.20
N ARG B 54 -20.74 -37.93 37.12
CA ARG B 54 -21.24 -36.57 37.18
C ARG B 54 -22.77 -36.55 37.10
N LYS B 55 -23.37 -35.46 37.57
CA LYS B 55 -24.84 -35.34 37.60
C LYS B 55 -25.44 -35.43 36.20
N SER B 56 -24.95 -34.61 35.28
CA SER B 56 -25.39 -34.66 33.89
C SER B 56 -24.24 -34.32 32.95
N VAL B 57 -24.24 -34.96 31.78
CA VAL B 57 -23.16 -34.78 30.82
C VAL B 57 -23.71 -34.45 29.44
N LEU B 58 -23.29 -33.30 28.90
CA LEU B 58 -23.65 -32.92 27.54
C LEU B 58 -22.52 -33.20 26.55
N LEU B 59 -22.86 -33.87 25.45
CA LEU B 59 -21.90 -34.22 24.43
C LEU B 59 -22.17 -33.41 23.16
N ILE B 60 -21.40 -32.32 22.96
CA ILE B 60 -21.57 -31.48 21.76
C ILE B 60 -20.51 -31.83 20.71
N SER B 61 -20.90 -31.80 19.44
CA SER B 61 -19.97 -32.19 18.38
C SER B 61 -19.80 -31.17 17.27
N THR B 62 -18.55 -30.77 17.06
CA THR B 62 -18.15 -29.85 16.02
C THR B 62 -17.76 -30.64 14.76
N ASP B 63 -17.69 -31.96 14.90
CA ASP B 63 -17.29 -32.87 13.82
C ASP B 63 -18.31 -32.88 12.67
N PRO B 64 -17.85 -32.57 11.45
CA PRO B 64 -18.70 -32.44 10.26
C PRO B 64 -19.18 -33.79 9.74
N ALA B 65 -18.55 -34.88 10.18
CA ALA B 65 -18.99 -36.20 9.78
C ALA B 65 -20.21 -36.62 10.61
N HIS B 66 -20.42 -35.91 11.72
CA HIS B 66 -21.47 -36.25 12.66
C HIS B 66 -21.48 -37.74 12.93
N ASN B 67 -20.29 -38.28 13.24
CA ASN B 67 -20.16 -39.69 13.58
C ASN B 67 -20.78 -39.98 14.94
N LEU B 68 -21.16 -38.93 15.64
CA LEU B 68 -21.77 -39.07 16.95
C LEU B 68 -23.06 -39.86 16.83
N SER B 69 -23.69 -39.79 15.65
CA SER B 69 -24.89 -40.58 15.38
C SER B 69 -24.54 -42.04 15.06
N ASP B 70 -23.80 -42.26 13.97
CA ASP B 70 -23.40 -43.62 13.59
C ASP B 70 -22.88 -44.38 14.80
N ALA B 71 -22.30 -43.66 15.75
CA ALA B 71 -21.76 -44.27 16.96
C ALA B 71 -22.87 -44.83 17.87
N PHE B 72 -23.79 -43.98 18.32
CA PHE B 72 -24.87 -44.40 19.19
C PHE B 72 -26.05 -44.93 18.38
N GLY B 73 -25.89 -45.01 17.07
CA GLY B 73 -26.95 -45.45 16.19
C GLY B 73 -28.27 -44.76 16.53
N GLN B 74 -28.21 -43.44 16.56
CA GLN B 74 -29.36 -42.61 16.95
C GLN B 74 -29.15 -41.23 16.34
N LYS B 75 -30.19 -40.65 15.78
CA LYS B 75 -30.05 -39.35 15.09
C LYS B 75 -30.02 -38.19 16.07
N PHE B 76 -28.98 -37.37 15.97
CA PHE B 76 -28.86 -36.18 16.80
C PHE B 76 -28.93 -34.95 15.89
N GLY B 77 -29.44 -33.84 16.42
CA GLY B 77 -29.52 -32.61 15.66
C GLY B 77 -28.86 -31.44 16.37
N LYS B 78 -29.38 -30.23 16.13
CA LYS B 78 -28.87 -29.05 16.82
C LYS B 78 -29.58 -28.90 18.16
N GLU B 79 -30.60 -29.72 18.36
CA GLU B 79 -31.32 -29.77 19.62
C GLU B 79 -30.75 -30.89 20.48
N ALA B 80 -30.38 -30.56 21.72
CA ALA B 80 -29.85 -31.54 22.65
C ALA B 80 -30.87 -32.63 22.97
N ARG B 81 -30.60 -33.85 22.53
CA ARG B 81 -31.46 -34.98 22.83
C ARG B 81 -30.82 -35.85 23.90
N LEU B 82 -31.58 -36.78 24.44
CA LEU B 82 -31.06 -37.70 25.44
C LEU B 82 -30.55 -38.95 24.75
N VAL B 83 -29.30 -39.33 25.02
CA VAL B 83 -28.77 -40.57 24.46
C VAL B 83 -29.61 -41.73 24.98
N ASP B 84 -30.15 -42.52 24.07
CA ASP B 84 -31.19 -43.50 24.39
C ASP B 84 -31.01 -44.26 25.70
N GLY B 85 -29.90 -44.98 25.84
CA GLY B 85 -29.71 -45.86 26.99
C GLY B 85 -29.36 -45.17 28.30
N TYR B 86 -29.55 -43.86 28.36
CA TYR B 86 -29.12 -43.10 29.53
C TYR B 86 -30.17 -42.10 30.01
N SER B 87 -29.91 -41.50 31.17
CA SER B 87 -30.85 -40.56 31.77
C SER B 87 -30.19 -39.20 32.03
N ASN B 88 -28.87 -39.18 32.07
CA ASN B 88 -28.15 -37.94 32.33
C ASN B 88 -27.16 -37.60 31.23
N LEU B 89 -27.13 -38.41 30.17
CA LEU B 89 -26.23 -38.20 29.05
C LEU B 89 -27.00 -37.68 27.84
N SER B 90 -26.61 -36.50 27.36
CA SER B 90 -27.27 -35.89 26.20
C SER B 90 -26.25 -35.49 25.15
N ALA B 91 -26.67 -35.43 23.89
CA ALA B 91 -25.78 -35.07 22.80
C ALA B 91 -26.44 -34.16 21.76
N MET B 92 -25.66 -33.22 21.24
CA MET B 92 -26.13 -32.36 20.14
C MET B 92 -25.03 -32.20 19.11
N GLU B 93 -25.41 -31.93 17.88
CA GLU B 93 -24.45 -31.69 16.81
C GLU B 93 -24.55 -30.27 16.26
N ILE B 94 -23.52 -29.45 16.51
CA ILE B 94 -23.53 -28.04 16.13
C ILE B 94 -23.24 -27.88 14.65
N ASP B 95 -23.96 -26.96 14.00
CA ASP B 95 -23.70 -26.62 12.61
C ASP B 95 -22.86 -25.34 12.57
N PRO B 96 -21.88 -25.29 11.65
CA PRO B 96 -20.94 -24.16 11.53
C PRO B 96 -21.64 -22.85 11.19
N ASN B 97 -22.52 -22.88 10.19
CA ASN B 97 -23.30 -21.72 9.80
C ASN B 97 -22.48 -20.56 9.22
N GLY B 98 -21.43 -20.89 8.49
CA GLY B 98 -20.70 -19.87 7.76
C GLY B 98 -21.62 -19.32 6.69
N SER B 99 -21.57 -18.00 6.47
CA SER B 99 -22.47 -17.34 5.53
C SER B 99 -21.82 -17.07 4.18
N ILE B 100 -22.62 -16.64 3.22
CA ILE B 100 -22.10 -16.25 1.91
C ILE B 100 -21.18 -15.07 2.13
N GLN B 101 -21.58 -14.17 3.03
CA GLN B 101 -20.75 -13.03 3.38
C GLN B 101 -19.44 -13.50 3.99
N ASP B 102 -19.53 -14.40 4.97
CA ASP B 102 -18.35 -14.97 5.62
C ASP B 102 -17.31 -15.37 4.58
N LEU B 103 -17.77 -16.08 3.56
CA LEU B 103 -16.91 -16.63 2.52
C LEU B 103 -16.32 -15.53 1.65
N LEU B 104 -17.15 -14.58 1.26
CA LEU B 104 -16.72 -13.48 0.39
C LEU B 104 -15.72 -12.59 1.11
N ALA B 105 -15.67 -12.69 2.43
CA ALA B 105 -14.81 -11.81 3.23
C ALA B 105 -13.39 -12.34 3.38
N SER B 106 -13.17 -13.61 3.02
CA SER B 106 -11.84 -14.20 3.08
C SER B 106 -11.04 -13.87 1.82
N GLN B 125 -1.65 -24.22 1.52
CA GLN B 125 -2.56 -23.94 0.41
C GLN B 125 -4.02 -23.92 0.86
N ASP B 126 -4.32 -24.70 1.89
CA ASP B 126 -5.68 -24.86 2.41
C ASP B 126 -5.98 -23.89 3.55
N LEU B 127 -4.95 -23.19 4.02
CA LEU B 127 -5.10 -22.21 5.09
C LEU B 127 -5.70 -20.91 4.56
N ALA B 128 -6.49 -21.03 3.50
CA ALA B 128 -7.14 -19.88 2.88
C ALA B 128 -8.53 -19.68 3.48
N PHE B 129 -9.10 -20.78 3.97
CA PHE B 129 -10.40 -20.72 4.61
C PHE B 129 -10.26 -20.97 6.12
N SER B 130 -9.13 -20.57 6.68
CA SER B 130 -8.82 -20.90 8.07
C SER B 130 -9.39 -19.91 9.09
N ILE B 131 -9.61 -18.66 8.68
CA ILE B 131 -10.17 -17.64 9.58
C ILE B 131 -11.70 -17.60 9.50
N PRO B 132 -12.38 -17.76 10.65
CA PRO B 132 -13.84 -17.78 10.71
C PRO B 132 -14.46 -16.43 10.36
N GLY B 133 -15.69 -16.44 9.86
CA GLY B 133 -16.41 -15.20 9.58
C GLY B 133 -17.18 -14.70 10.79
N VAL B 134 -17.68 -13.48 10.72
CA VAL B 134 -18.40 -12.89 11.85
C VAL B 134 -19.73 -13.59 12.09
N ASP B 135 -20.32 -14.11 11.01
CA ASP B 135 -21.60 -14.80 11.09
C ASP B 135 -21.44 -16.16 11.75
N GLU B 136 -20.34 -16.84 11.46
CA GLU B 136 -20.09 -18.16 12.01
C GLU B 136 -19.75 -18.05 13.49
N ALA B 137 -18.89 -17.10 13.82
CA ALA B 137 -18.52 -16.84 15.20
C ALA B 137 -19.74 -16.49 16.03
N MET B 138 -20.61 -15.63 15.48
CA MET B 138 -21.83 -15.24 16.17
C MET B 138 -22.74 -16.42 16.44
N SER B 139 -22.94 -17.28 15.43
CA SER B 139 -23.78 -18.46 15.59
C SER B 139 -23.32 -19.36 16.72
N PHE B 140 -22.01 -19.58 16.81
CA PHE B 140 -21.45 -20.40 17.89
C PHE B 140 -21.68 -19.78 19.26
N ALA B 141 -21.46 -18.47 19.36
CA ALA B 141 -21.73 -17.75 20.61
C ALA B 141 -23.17 -17.95 21.05
N GLU B 142 -24.09 -17.94 20.08
CA GLU B 142 -25.50 -18.13 20.36
C GLU B 142 -25.77 -19.52 20.91
N VAL B 143 -25.02 -20.50 20.44
CA VAL B 143 -25.18 -21.88 20.89
C VAL B 143 -24.61 -22.09 22.29
N LEU B 144 -23.46 -21.48 22.55
CA LEU B 144 -22.89 -21.50 23.90
C LEU B 144 -23.86 -20.83 24.87
N LYS B 145 -24.55 -19.79 24.40
CA LYS B 145 -25.56 -19.12 25.21
C LYS B 145 -26.62 -20.14 25.64
N GLN B 146 -27.28 -20.76 24.66
CA GLN B 146 -28.22 -21.84 24.91
C GLN B 146 -27.67 -22.83 25.93
N VAL B 147 -26.53 -23.41 25.60
CA VAL B 147 -25.94 -24.48 26.39
C VAL B 147 -25.78 -24.11 27.85
N LYS B 148 -25.50 -22.85 28.12
CA LYS B 148 -25.33 -22.38 29.49
C LYS B 148 -26.68 -22.41 30.22
N SER B 149 -27.74 -22.08 29.50
CA SER B 149 -29.09 -22.10 30.05
C SER B 149 -29.48 -23.49 30.51
N LEU B 150 -29.06 -24.51 29.77
CA LEU B 150 -29.42 -25.89 30.06
C LEU B 150 -28.82 -26.38 31.39
N SER B 151 -27.78 -25.71 31.85
CA SER B 151 -27.11 -26.08 33.09
C SER B 151 -26.74 -27.56 33.14
N TYR B 152 -25.98 -28.00 32.13
CA TYR B 152 -25.41 -29.34 32.13
C TYR B 152 -24.16 -29.34 32.99
N GLU B 153 -23.98 -30.37 33.81
CA GLU B 153 -22.89 -30.41 34.79
C GLU B 153 -21.51 -30.26 34.14
N VAL B 154 -21.25 -31.09 33.13
CA VAL B 154 -19.97 -31.08 32.41
C VAL B 154 -20.20 -31.31 30.94
N ILE B 155 -19.30 -30.81 30.09
CA ILE B 155 -19.44 -30.95 28.64
C ILE B 155 -18.25 -31.61 27.95
N VAL B 156 -18.51 -32.73 27.29
CA VAL B 156 -17.50 -33.39 26.47
C VAL B 156 -17.59 -32.87 25.05
N PHE B 157 -16.48 -32.33 24.56
CA PHE B 157 -16.47 -31.57 23.32
C PHE B 157 -15.85 -32.40 22.19
N ASP B 158 -16.70 -33.01 21.37
CA ASP B 158 -16.23 -33.82 20.25
C ASP B 158 -15.72 -32.93 19.13
N THR B 159 -14.42 -32.68 19.13
CA THR B 159 -13.79 -31.77 18.16
C THR B 159 -13.77 -32.31 16.72
N ALA B 160 -13.53 -31.41 15.75
CA ALA B 160 -13.50 -31.81 14.35
C ALA B 160 -12.13 -32.34 13.97
N PRO B 161 -12.06 -33.59 13.48
CA PRO B 161 -10.79 -34.24 13.14
C PRO B 161 -10.25 -33.73 11.83
N THR B 162 -10.52 -32.46 11.49
CA THR B 162 -10.05 -31.89 10.25
C THR B 162 -8.83 -31.01 10.48
N GLY B 163 -8.59 -30.09 9.55
CA GLY B 163 -7.48 -29.17 9.69
C GLY B 163 -7.84 -28.02 10.61
N HIS B 164 -9.12 -27.93 10.96
CA HIS B 164 -9.61 -26.79 11.72
C HIS B 164 -10.12 -27.18 13.10
N THR B 165 -9.45 -28.16 13.72
CA THR B 165 -9.81 -28.64 15.04
C THR B 165 -10.03 -27.49 16.04
N LEU B 166 -9.11 -26.52 16.04
CA LEU B 166 -9.15 -25.42 17.01
C LEU B 166 -9.58 -24.09 16.38
N ARG B 167 -10.45 -24.15 15.38
CA ARG B 167 -10.93 -22.95 14.69
C ARG B 167 -11.78 -22.06 15.60
N PHE B 168 -12.50 -22.67 16.52
CA PHE B 168 -13.41 -21.93 17.40
C PHE B 168 -12.67 -21.04 18.40
N LEU B 169 -11.34 -21.13 18.40
CA LEU B 169 -10.53 -20.34 19.33
C LEU B 169 -10.21 -18.96 18.75
N GLN B 170 -10.66 -18.72 17.53
CA GLN B 170 -10.51 -17.39 16.93
C GLN B 170 -11.80 -16.59 17.07
N PHE B 171 -12.85 -17.23 17.59
CA PHE B 171 -14.14 -16.56 17.73
C PHE B 171 -14.10 -15.33 18.64
N PRO B 172 -13.32 -15.38 19.73
CA PRO B 172 -13.18 -14.19 20.58
C PRO B 172 -12.56 -13.01 19.83
N THR B 173 -11.45 -13.24 19.14
CA THR B 173 -10.82 -12.17 18.39
C THR B 173 -11.67 -11.71 17.20
N VAL B 174 -12.49 -12.62 16.66
CA VAL B 174 -13.35 -12.27 15.52
C VAL B 174 -14.50 -11.35 15.94
N LEU B 175 -15.08 -11.63 17.12
CA LEU B 175 -16.22 -10.85 17.62
C LEU B 175 -15.76 -9.52 18.17
N GLU B 176 -14.58 -9.50 18.77
CA GLU B 176 -14.02 -8.27 19.29
C GLU B 176 -13.76 -7.29 18.16
N LYS B 177 -13.18 -7.79 17.07
CA LYS B 177 -12.92 -6.96 15.90
C LYS B 177 -14.21 -6.43 15.31
N ALA B 178 -15.28 -7.23 15.39
CA ALA B 178 -16.58 -6.82 14.88
C ALA B 178 -17.23 -5.80 15.82
N LEU B 179 -17.13 -6.05 17.12
CA LEU B 179 -17.66 -5.13 18.12
C LEU B 179 -16.96 -3.78 18.06
N ALA B 180 -15.71 -3.78 17.62
CA ALA B 180 -14.91 -2.57 17.50
C ALA B 180 -15.30 -1.77 16.26
N LYS B 181 -15.30 -2.42 15.11
CA LYS B 181 -15.74 -1.81 13.85
C LYS B 181 -17.20 -1.36 13.93
N LEU B 182 -17.95 -1.94 14.87
CA LEU B 182 -19.36 -1.59 15.04
C LEU B 182 -19.51 -0.37 15.94
N SER B 183 -18.67 -0.28 16.96
CA SER B 183 -18.70 0.85 17.88
C SER B 183 -18.11 2.08 17.20
N GLN B 184 -17.04 1.89 16.43
CA GLN B 184 -16.45 2.95 15.64
C GLN B 184 -17.48 3.54 14.69
N LEU B 185 -18.54 2.79 14.44
CA LEU B 185 -19.61 3.24 13.55
C LEU B 185 -20.75 3.89 14.32
N SER B 186 -20.79 3.67 15.63
CA SER B 186 -21.83 4.25 16.48
C SER B 186 -21.65 5.76 16.57
N SER B 187 -20.42 6.23 16.33
CA SER B 187 -20.11 7.65 16.35
C SER B 187 -20.63 8.37 15.10
N GLN B 188 -20.95 7.58 14.08
CA GLN B 188 -21.58 8.11 12.87
C GLN B 188 -23.10 8.12 13.03
N PHE B 189 -23.57 8.82 14.06
CA PHE B 189 -25.01 9.04 14.25
C PHE B 189 -25.28 10.08 15.35
N SER B 195 -33.90 12.74 15.29
CA SER B 195 -33.79 13.51 14.04
C SER B 195 -35.16 13.90 13.49
N ILE B 196 -35.15 14.79 12.50
CA ILE B 196 -36.36 15.28 11.86
C ILE B 196 -36.92 14.28 10.86
N LEU B 197 -36.02 13.51 10.25
CA LEU B 197 -36.40 12.62 9.15
C LEU B 197 -37.25 11.42 9.58
N GLY B 198 -37.29 11.14 10.87
CA GLY B 198 -38.09 10.03 11.37
C GLY B 198 -37.74 8.73 10.68
N ALA B 199 -38.77 7.94 10.37
CA ALA B 199 -38.60 6.61 9.80
C ALA B 199 -37.67 6.57 8.60
N ARG B 200 -37.63 7.66 7.85
CA ARG B 200 -36.78 7.72 6.66
C ARG B 200 -35.36 8.11 7.02
N GLY B 201 -35.12 8.32 8.31
CA GLY B 201 -33.85 8.86 8.78
C GLY B 201 -32.90 7.84 9.35
N GLY B 202 -33.19 6.56 9.10
CA GLY B 202 -32.35 5.50 9.58
C GLY B 202 -31.39 5.03 8.50
N LEU B 203 -30.51 4.11 8.86
CA LEU B 203 -29.58 3.53 7.90
C LEU B 203 -30.35 2.85 6.76
N PRO B 204 -29.85 3.00 5.52
CA PRO B 204 -30.45 2.21 4.43
C PRO B 204 -30.03 0.77 4.64
N GLY B 205 -30.93 -0.17 4.45
CA GLY B 205 -30.61 -1.55 4.77
C GLY B 205 -31.22 -1.91 6.11
N GLY B 206 -31.61 -0.90 6.88
CA GLY B 206 -32.44 -1.10 8.06
C GLY B 206 -31.75 -1.42 9.36
N GLN B 207 -30.45 -1.72 9.31
CA GLN B 207 -29.72 -2.04 10.53
C GLN B 207 -29.89 -0.95 11.61
N ASN B 208 -30.07 -1.38 12.85
CA ASN B 208 -30.06 -0.47 13.98
C ASN B 208 -28.76 -0.60 14.74
N ILE B 209 -27.87 0.39 14.59
CA ILE B 209 -26.52 0.30 15.14
C ILE B 209 -26.47 0.06 16.65
N ASP B 210 -27.13 0.91 17.42
CA ASP B 210 -27.13 0.79 18.88
C ASP B 210 -27.80 -0.52 19.33
N GLU B 211 -28.57 -1.11 18.43
CA GLU B 211 -29.32 -2.33 18.73
C GLU B 211 -28.46 -3.56 18.47
N LEU B 212 -27.60 -3.48 17.46
CA LEU B 212 -26.65 -4.55 17.16
C LEU B 212 -25.47 -4.49 18.11
N LEU B 213 -25.13 -3.27 18.55
CA LEU B 213 -24.03 -3.06 19.48
C LEU B 213 -24.34 -3.83 20.76
N GLN B 214 -25.61 -4.13 20.99
CA GLN B 214 -26.03 -4.92 22.15
C GLN B 214 -25.85 -6.41 21.92
N LYS B 215 -26.45 -6.92 20.85
CA LYS B 215 -26.27 -8.32 20.50
C LYS B 215 -24.79 -8.66 20.46
N MET B 216 -24.00 -7.79 19.83
CA MET B 216 -22.58 -8.04 19.69
C MET B 216 -21.86 -8.03 21.04
N GLU B 217 -22.22 -7.09 21.91
CA GLU B 217 -21.58 -7.01 23.22
C GLU B 217 -21.95 -8.23 24.04
N SER B 218 -23.19 -8.68 23.91
CA SER B 218 -23.70 -9.81 24.67
C SER B 218 -23.10 -11.14 24.23
N LEU B 219 -22.91 -11.31 22.93
CA LEU B 219 -22.26 -12.51 22.41
C LEU B 219 -20.78 -12.50 22.74
N ARG B 220 -20.15 -11.32 22.66
CA ARG B 220 -18.73 -11.19 22.96
C ARG B 220 -18.45 -11.53 24.40
N GLU B 221 -19.39 -11.18 25.28
CA GLU B 221 -19.25 -11.48 26.70
C GLU B 221 -19.41 -12.97 26.96
N THR B 222 -20.38 -13.58 26.28
CA THR B 222 -20.60 -15.02 26.38
C THR B 222 -19.37 -15.77 25.86
N ILE B 223 -18.88 -15.36 24.70
CA ILE B 223 -17.70 -15.96 24.11
C ILE B 223 -16.48 -15.84 25.03
N SER B 224 -16.28 -14.66 25.62
CA SER B 224 -15.13 -14.42 26.49
C SER B 224 -15.18 -15.22 27.78
N GLU B 225 -16.36 -15.33 28.38
CA GLU B 225 -16.52 -16.17 29.57
C GLU B 225 -15.98 -17.55 29.29
N VAL B 226 -16.60 -18.21 28.31
CA VAL B 226 -16.21 -19.57 27.92
C VAL B 226 -14.73 -19.68 27.53
N ASN B 227 -14.20 -18.66 26.88
CA ASN B 227 -12.80 -18.70 26.44
C ASN B 227 -11.81 -18.66 27.59
N THR B 228 -12.09 -17.85 28.60
CA THR B 228 -11.22 -17.78 29.76
C THR B 228 -11.43 -18.99 30.67
N GLN B 229 -12.56 -19.67 30.48
CA GLN B 229 -12.78 -20.95 31.17
C GLN B 229 -11.90 -22.01 30.53
N PHE B 230 -11.87 -22.02 29.20
CA PHE B 230 -11.01 -22.91 28.43
C PHE B 230 -9.55 -22.81 28.90
N LYS B 231 -9.10 -21.58 29.15
CA LYS B 231 -7.72 -21.35 29.55
C LYS B 231 -7.47 -21.59 31.05
N ASN B 232 -8.48 -22.14 31.72
CA ASN B 232 -8.36 -22.50 33.13
C ASN B 232 -8.24 -24.02 33.31
N PRO B 233 -7.05 -24.49 33.73
CA PRO B 233 -6.78 -25.93 33.85
C PRO B 233 -7.73 -26.64 34.82
N ASP B 234 -8.25 -25.93 35.81
CA ASP B 234 -9.19 -26.52 36.75
C ASP B 234 -10.53 -26.84 36.10
N MET B 235 -10.85 -26.13 35.03
CA MET B 235 -12.16 -26.22 34.38
C MET B 235 -12.14 -26.87 32.99
N THR B 236 -10.99 -26.84 32.33
CA THR B 236 -10.89 -27.31 30.95
C THR B 236 -9.60 -28.06 30.65
N THR B 237 -9.74 -29.26 30.08
CA THR B 237 -8.59 -30.03 29.63
C THR B 237 -8.87 -30.70 28.29
N PHE B 238 -7.80 -31.04 27.58
CA PHE B 238 -7.89 -31.61 26.23
C PHE B 238 -7.32 -33.04 26.20
N VAL B 239 -8.13 -33.98 25.71
CA VAL B 239 -7.71 -35.38 25.63
C VAL B 239 -7.38 -35.78 24.18
N CYS B 240 -6.12 -36.12 23.95
CA CYS B 240 -5.67 -36.48 22.60
C CYS B 240 -5.93 -37.94 22.32
N VAL B 241 -6.37 -38.24 21.11
CA VAL B 241 -6.43 -39.61 20.65
C VAL B 241 -5.44 -39.82 19.50
N CYS B 242 -4.90 -41.04 19.39
CA CYS B 242 -3.93 -41.33 18.35
C CYS B 242 -3.73 -42.82 18.12
N ILE B 243 -3.24 -43.16 16.92
CA ILE B 243 -2.74 -44.49 16.63
C ILE B 243 -1.24 -44.49 16.95
N ALA B 244 -0.64 -45.65 16.97
CA ALA B 244 0.81 -45.73 17.14
C ALA B 244 1.48 -45.86 15.77
N GLU B 245 1.26 -44.86 14.92
CA GLU B 245 1.94 -44.76 13.63
C GLU B 245 2.75 -43.48 13.68
N PHE B 246 3.53 -43.21 12.64
CA PHE B 246 4.31 -41.97 12.64
C PHE B 246 3.41 -40.78 12.36
N LEU B 247 2.71 -40.83 11.24
CA LEU B 247 1.87 -39.72 10.84
C LEU B 247 0.90 -39.30 11.94
N SER B 248 0.48 -40.22 12.80
CA SER B 248 -0.40 -39.86 13.90
C SER B 248 0.38 -39.27 15.07
N LEU B 249 1.44 -39.95 15.48
CA LEU B 249 2.29 -39.44 16.56
C LEU B 249 2.75 -38.03 16.24
N TYR B 250 2.90 -37.75 14.95
CA TYR B 250 3.34 -36.43 14.49
C TYR B 250 2.22 -35.41 14.61
N GLU B 251 1.06 -35.74 14.06
CA GLU B 251 -0.08 -34.84 14.09
C GLU B 251 -0.48 -34.57 15.54
N THR B 252 -0.09 -35.46 16.44
CA THR B 252 -0.42 -35.35 17.85
C THR B 252 0.44 -34.32 18.58
N GLU B 253 1.75 -34.39 18.40
CA GLU B 253 2.65 -33.40 18.99
C GLU B 253 2.38 -32.03 18.37
N ARG B 254 1.94 -32.04 17.13
CA ARG B 254 1.65 -30.82 16.39
C ARG B 254 0.38 -30.16 16.91
N MET B 255 -0.54 -30.96 17.45
CA MET B 255 -1.79 -30.43 17.98
C MET B 255 -1.63 -30.01 19.44
N ILE B 256 -0.65 -30.60 20.11
CA ILE B 256 -0.37 -30.27 21.51
C ILE B 256 0.43 -28.98 21.61
N GLN B 257 1.21 -28.70 20.57
CA GLN B 257 1.91 -27.42 20.48
C GLN B 257 0.88 -26.31 20.33
N GLU B 258 0.01 -26.47 19.33
CA GLU B 258 -1.02 -25.46 19.07
C GLU B 258 -1.86 -25.25 20.33
N LEU B 259 -2.17 -26.33 21.02
CA LEU B 259 -2.96 -26.25 22.25
C LEU B 259 -2.23 -25.49 23.35
N THR B 260 -0.95 -25.78 23.54
CA THR B 260 -0.16 -25.11 24.55
C THR B 260 -0.02 -23.63 24.26
N SER B 261 0.02 -23.27 22.98
CA SER B 261 0.10 -21.87 22.59
C SER B 261 -1.18 -21.13 23.01
N TYR B 262 -2.34 -21.66 22.62
CA TYR B 262 -3.61 -21.04 22.98
C TYR B 262 -3.83 -21.01 24.49
N GLY B 263 -3.04 -21.79 25.21
CA GLY B 263 -3.12 -21.84 26.67
C GLY B 263 -4.11 -22.85 27.22
N ILE B 264 -4.46 -23.86 26.42
CA ILE B 264 -5.42 -24.89 26.81
C ILE B 264 -4.73 -26.15 27.36
N ASP B 265 -5.05 -26.51 28.59
CA ASP B 265 -4.43 -27.65 29.27
C ASP B 265 -4.62 -28.99 28.54
N THR B 266 -3.55 -29.75 28.42
CA THR B 266 -3.63 -31.12 27.92
C THR B 266 -2.62 -32.02 28.63
N HIS B 267 -3.08 -33.16 29.15
CA HIS B 267 -2.21 -34.03 29.91
C HIS B 267 -2.61 -35.50 29.78
N ALA B 268 -3.32 -35.84 28.71
CA ALA B 268 -3.78 -37.22 28.53
C ALA B 268 -3.82 -37.66 27.08
N ILE B 269 -3.07 -38.71 26.76
CA ILE B 269 -3.07 -39.26 25.41
C ILE B 269 -3.64 -40.68 25.35
N VAL B 270 -4.64 -40.88 24.51
CA VAL B 270 -5.23 -42.20 24.33
C VAL B 270 -4.67 -42.83 23.06
N VAL B 271 -3.89 -43.90 23.23
CA VAL B 271 -3.27 -44.61 22.10
C VAL B 271 -4.13 -45.80 21.69
N ASN B 272 -4.86 -45.66 20.58
CA ASN B 272 -5.89 -46.61 20.17
C ASN B 272 -5.42 -47.70 19.21
N GLN B 273 -6.25 -48.73 19.03
CA GLN B 273 -6.02 -49.79 18.03
C GLN B 273 -4.71 -50.58 18.21
N LEU B 274 -4.24 -50.71 19.44
CA LEU B 274 -2.99 -51.40 19.74
C LEU B 274 -3.12 -52.92 19.67
N LEU B 275 -2.05 -53.58 19.22
CA LEU B 275 -1.99 -55.04 19.24
C LEU B 275 -1.32 -55.53 20.53
N PHE B 276 -1.87 -56.59 21.12
CA PHE B 276 -1.29 -57.18 22.33
C PHE B 276 -0.85 -58.62 22.10
N PRO B 277 0.09 -59.11 22.94
CA PRO B 277 0.58 -60.49 22.86
C PRO B 277 -0.50 -61.53 23.11
N GLY B 282 1.73 -67.98 17.47
CA GLY B 282 1.69 -68.94 16.38
C GLY B 282 1.67 -68.28 15.01
N CYS B 283 1.47 -66.96 14.99
CA CYS B 283 1.46 -66.18 13.75
C CYS B 283 2.60 -65.16 13.75
N GLU B 284 3.59 -65.40 12.88
CA GLU B 284 4.84 -64.66 12.92
C GLU B 284 4.75 -63.20 12.49
N GLN B 285 4.23 -62.96 11.29
CA GLN B 285 4.17 -61.61 10.72
C GLN B 285 3.40 -60.61 11.59
N CYS B 286 2.44 -61.10 12.37
CA CYS B 286 1.68 -60.23 13.26
C CYS B 286 2.58 -59.79 14.41
N ASN B 287 3.55 -60.62 14.75
CA ASN B 287 4.52 -60.29 15.80
C ASN B 287 5.40 -59.11 15.41
N ALA B 288 5.84 -59.09 14.15
CA ALA B 288 6.69 -58.01 13.66
C ALA B 288 5.96 -56.68 13.77
N ARG B 289 4.73 -56.64 13.26
CA ARG B 289 3.89 -55.45 13.37
C ARG B 289 3.79 -54.96 14.81
N ARG B 290 3.89 -55.88 15.77
CA ARG B 290 3.81 -55.51 17.18
C ARG B 290 5.15 -54.96 17.70
N LYS B 291 6.25 -55.46 17.16
CA LYS B 291 7.57 -54.95 17.54
C LYS B 291 7.68 -53.48 17.17
N MET B 292 7.02 -53.09 16.08
CA MET B 292 7.02 -51.70 15.64
C MET B 292 6.20 -50.85 16.59
N GLN B 293 5.03 -51.34 16.98
CA GLN B 293 4.19 -50.65 17.97
C GLN B 293 4.97 -50.38 19.23
N LYS B 294 5.76 -51.35 19.66
CA LYS B 294 6.58 -51.23 20.85
C LYS B 294 7.52 -50.03 20.72
N LYS B 295 8.09 -49.84 19.53
CA LYS B 295 9.00 -48.73 19.28
C LYS B 295 8.28 -47.38 19.39
N TYR B 296 7.21 -47.21 18.61
CA TYR B 296 6.41 -46.00 18.67
C TYR B 296 5.90 -45.78 20.09
N LEU B 297 5.60 -46.88 20.77
CA LEU B 297 4.99 -46.81 22.10
C LEU B 297 6.01 -46.34 23.13
N GLU B 298 7.27 -46.72 22.94
CA GLU B 298 8.34 -46.24 23.82
C GLU B 298 8.58 -44.76 23.61
N GLN B 299 8.55 -44.32 22.35
CA GLN B 299 8.65 -42.91 22.02
C GLN B 299 7.61 -42.12 22.80
N ILE B 300 6.36 -42.55 22.69
CA ILE B 300 5.25 -41.85 23.32
C ILE B 300 5.46 -41.76 24.83
N GLU B 301 5.83 -42.89 25.44
CA GLU B 301 6.06 -42.95 26.87
C GLU B 301 7.19 -42.02 27.29
N GLU B 302 8.11 -41.75 26.36
CA GLU B 302 9.24 -40.86 26.65
C GLU B 302 8.87 -39.39 26.48
N LEU B 303 8.31 -39.05 25.32
CA LEU B 303 7.94 -37.67 25.05
C LEU B 303 6.93 -37.17 26.07
N TYR B 304 5.92 -37.99 26.33
CA TYR B 304 4.82 -37.58 27.19
C TYR B 304 4.88 -38.29 28.54
N GLU B 305 6.00 -38.11 29.24
CA GLU B 305 6.17 -38.68 30.57
C GLU B 305 5.15 -38.06 31.52
N ASP B 306 4.88 -36.76 31.33
CA ASP B 306 3.97 -36.01 32.19
C ASP B 306 2.50 -36.26 31.86
N PHE B 307 2.26 -37.13 30.89
CA PHE B 307 0.90 -37.43 30.45
C PHE B 307 0.41 -38.77 30.97
N ASN B 308 -0.90 -38.90 31.12
CA ASN B 308 -1.53 -40.20 31.25
C ASN B 308 -1.54 -40.79 29.84
N VAL B 309 -0.92 -41.94 29.66
CA VAL B 309 -0.96 -42.59 28.36
C VAL B 309 -1.81 -43.85 28.42
N VAL B 310 -3.05 -43.71 27.99
CA VAL B 310 -4.03 -44.80 28.03
C VAL B 310 -3.91 -45.71 26.81
N ARG B 311 -3.82 -47.02 27.05
CA ARG B 311 -3.65 -47.99 25.98
C ARG B 311 -4.92 -48.79 25.72
N MET B 312 -5.43 -48.67 24.49
CA MET B 312 -6.63 -49.38 24.09
C MET B 312 -6.29 -50.42 23.04
N PRO B 313 -6.87 -51.62 23.17
CA PRO B 313 -6.60 -52.74 22.26
C PRO B 313 -7.47 -52.61 21.02
N LEU B 314 -6.96 -53.03 19.87
CA LEU B 314 -7.81 -53.15 18.70
C LEU B 314 -8.81 -54.26 18.99
N LEU B 315 -10.09 -53.97 18.82
CA LEU B 315 -11.12 -54.97 19.03
C LEU B 315 -11.50 -55.63 17.71
N VAL B 316 -12.14 -56.80 17.79
CA VAL B 316 -12.44 -57.59 16.59
C VAL B 316 -13.69 -57.14 15.84
N GLU B 317 -14.59 -56.46 16.55
CA GLU B 317 -15.78 -55.89 15.94
C GLU B 317 -15.82 -54.39 16.15
N GLU B 318 -16.60 -53.70 15.32
CA GLU B 318 -16.76 -52.26 15.46
C GLU B 318 -17.33 -51.91 16.82
N VAL B 319 -16.81 -50.83 17.41
CA VAL B 319 -17.34 -50.33 18.68
C VAL B 319 -18.54 -49.45 18.40
N ARG B 320 -19.67 -50.07 18.06
CA ARG B 320 -20.86 -49.31 17.67
C ARG B 320 -21.97 -49.32 18.73
N GLY B 321 -22.35 -50.51 19.19
CA GLY B 321 -23.41 -50.62 20.16
C GLY B 321 -23.18 -49.80 21.41
N LYS B 322 -24.25 -49.55 22.17
CA LYS B 322 -24.10 -48.89 23.46
C LYS B 322 -23.43 -49.86 24.43
N GLU B 323 -23.76 -51.15 24.31
CA GLU B 323 -23.16 -52.16 25.15
C GLU B 323 -21.68 -52.34 24.82
N LYS B 324 -21.34 -52.15 23.54
CA LYS B 324 -19.95 -52.22 23.11
C LYS B 324 -19.19 -50.96 23.50
N LEU B 325 -19.84 -49.81 23.37
CA LEU B 325 -19.25 -48.55 23.79
C LEU B 325 -18.98 -48.54 25.29
N GLU B 326 -19.81 -49.26 26.05
CA GLU B 326 -19.65 -49.35 27.49
C GLU B 326 -18.41 -50.18 27.79
N LYS B 327 -18.42 -51.42 27.31
CA LYS B 327 -17.29 -52.32 27.48
C LYS B 327 -15.97 -51.67 27.04
N PHE B 328 -16.03 -50.90 25.95
CA PHE B 328 -14.83 -50.19 25.48
C PHE B 328 -14.44 -49.07 26.44
N SER B 329 -15.44 -48.35 26.95
CA SER B 329 -15.21 -47.22 27.84
C SER B 329 -14.59 -47.63 29.16
N GLU B 330 -14.88 -48.85 29.60
CA GLU B 330 -14.33 -49.35 30.86
C GLU B 330 -12.81 -49.36 30.82
N MET B 331 -12.24 -49.58 29.64
CA MET B 331 -10.79 -49.67 29.49
C MET B 331 -10.09 -48.31 29.57
N LEU B 332 -10.89 -47.25 29.66
CA LEU B 332 -10.36 -45.90 29.81
C LEU B 332 -10.03 -45.63 31.27
N VAL B 333 -10.56 -46.47 32.15
CA VAL B 333 -10.35 -46.31 33.59
C VAL B 333 -9.75 -47.57 34.21
N HIS B 334 -9.74 -48.66 33.46
CA HIS B 334 -9.16 -49.92 33.93
C HIS B 334 -8.27 -50.54 32.85
N PRO B 335 -6.96 -50.31 32.95
CA PRO B 335 -5.97 -50.73 31.95
C PRO B 335 -6.25 -52.13 31.43
N TYR B 336 -6.25 -52.28 30.11
CA TYR B 336 -6.54 -53.57 29.50
C TYR B 336 -5.44 -54.58 29.74
N VAL B 337 -5.83 -55.84 29.94
CA VAL B 337 -4.90 -56.96 30.03
C VAL B 337 -5.47 -58.17 29.29
N PRO B 338 -4.62 -58.85 28.52
CA PRO B 338 -5.01 -60.00 27.68
C PRO B 338 -6.11 -60.84 28.31
N LEU C 12 -44.76 21.09 -28.65
CA LEU C 12 -44.81 21.21 -27.20
C LEU C 12 -44.91 19.84 -26.52
N MET C 13 -45.19 19.85 -25.22
CA MET C 13 -45.40 18.63 -24.45
C MET C 13 -46.42 18.89 -23.33
N GLU C 14 -47.68 18.56 -23.60
CA GLU C 14 -48.79 18.88 -22.70
C GLU C 14 -48.48 18.54 -21.23
N PRO C 15 -49.11 19.30 -20.31
CA PRO C 15 -48.90 19.17 -18.86
C PRO C 15 -49.64 17.96 -18.32
N THR C 16 -49.36 16.79 -18.89
CA THR C 16 -50.13 15.59 -18.57
C THR C 16 -49.27 14.34 -18.60
N LEU C 17 -49.56 13.42 -17.68
CA LEU C 17 -48.93 12.10 -17.66
C LEU C 17 -49.68 11.14 -18.59
N GLN C 18 -50.40 11.70 -19.55
CA GLN C 18 -51.19 10.88 -20.47
C GLN C 18 -50.28 10.10 -21.41
N SER C 19 -49.22 10.76 -21.87
CA SER C 19 -48.25 10.14 -22.76
C SER C 19 -47.69 8.86 -22.17
N ILE C 20 -47.56 8.83 -20.84
CA ILE C 20 -47.07 7.64 -20.14
C ILE C 20 -48.17 6.58 -20.02
N LEU C 21 -49.35 6.99 -19.56
CA LEU C 21 -50.48 6.07 -19.42
C LEU C 21 -50.81 5.40 -20.74
N SER C 22 -50.37 6.02 -21.83
CA SER C 22 -50.67 5.52 -23.16
C SER C 22 -49.62 4.54 -23.69
N GLN C 23 -48.43 4.55 -23.08
CA GLN C 23 -47.41 3.57 -23.44
C GLN C 23 -47.73 2.20 -22.86
N LYS C 24 -48.04 1.25 -23.72
CA LYS C 24 -48.39 -0.09 -23.26
C LYS C 24 -47.17 -0.99 -23.17
N THR C 25 -46.00 -0.47 -23.54
CA THR C 25 -44.77 -1.22 -23.46
C THR C 25 -44.02 -0.93 -22.19
N LEU C 26 -44.47 0.09 -21.46
CA LEU C 26 -43.88 0.41 -20.16
C LEU C 26 -44.17 -0.71 -19.17
N ARG C 27 -43.14 -1.16 -18.47
CA ARG C 27 -43.29 -2.17 -17.44
C ARG C 27 -42.79 -1.64 -16.10
N TRP C 28 -41.78 -0.77 -16.15
CA TRP C 28 -41.22 -0.14 -14.96
C TRP C 28 -41.42 1.37 -14.98
N ILE C 29 -42.24 1.88 -14.08
CA ILE C 29 -42.45 3.31 -13.96
C ILE C 29 -42.06 3.81 -12.57
N PHE C 30 -40.85 4.34 -12.44
CA PHE C 30 -40.40 4.88 -11.17
C PHE C 30 -41.16 6.16 -10.78
N VAL C 31 -41.23 6.45 -9.49
CA VAL C 31 -41.74 7.73 -9.01
C VAL C 31 -40.87 8.17 -7.86
N GLY C 32 -40.22 9.33 -8.00
CA GLY C 32 -39.30 9.79 -6.99
C GLY C 32 -39.37 11.29 -6.75
N GLY C 33 -39.09 11.71 -5.52
CA GLY C 33 -39.17 13.11 -5.15
C GLY C 33 -38.85 13.28 -3.68
N LYS C 34 -37.93 14.19 -3.38
CA LYS C 34 -37.40 14.27 -2.03
C LYS C 34 -38.01 15.39 -1.19
N GLY C 35 -38.29 15.09 0.07
CA GLY C 35 -38.65 16.12 1.04
C GLY C 35 -40.12 16.43 1.18
N GLY C 36 -40.96 15.41 1.20
CA GLY C 36 -42.38 15.58 1.50
C GLY C 36 -43.13 16.42 0.50
N VAL C 37 -42.77 16.28 -0.77
CA VAL C 37 -43.37 17.09 -1.82
C VAL C 37 -44.65 16.44 -2.36
N GLY C 38 -44.98 15.28 -1.83
CA GLY C 38 -46.13 14.53 -2.29
C GLY C 38 -45.77 13.35 -3.18
N LYS C 39 -44.57 12.81 -2.99
CA LYS C 39 -44.13 11.67 -3.80
C LYS C 39 -45.09 10.51 -3.65
N THR C 40 -45.29 10.06 -2.41
CA THR C 40 -46.13 8.90 -2.12
C THR C 40 -47.51 9.07 -2.72
N THR C 41 -48.10 10.25 -2.53
CA THR C 41 -49.39 10.51 -3.11
C THR C 41 -49.37 10.36 -4.63
N THR C 42 -48.28 10.76 -5.26
CA THR C 42 -48.17 10.64 -6.71
C THR C 42 -48.04 9.17 -7.15
N SER C 43 -47.31 8.38 -6.37
CA SER C 43 -47.15 6.96 -6.67
C SER C 43 -48.50 6.25 -6.70
N CYS C 44 -49.35 6.56 -5.73
CA CYS C 44 -50.68 5.97 -5.65
C CYS C 44 -51.59 6.48 -6.76
N SER C 45 -51.62 7.79 -6.95
CA SER C 45 -52.42 8.37 -8.02
C SER C 45 -52.07 7.82 -9.40
N LEU C 46 -50.77 7.74 -9.69
CA LEU C 46 -50.30 7.21 -10.97
C LEU C 46 -50.61 5.72 -11.11
N ALA C 47 -50.59 5.00 -9.99
CA ALA C 47 -50.94 3.59 -10.01
C ALA C 47 -52.44 3.40 -10.23
N ILE C 48 -53.25 4.23 -9.57
CA ILE C 48 -54.69 4.16 -9.72
C ILE C 48 -55.06 4.45 -11.17
N GLN C 49 -54.41 5.44 -11.75
CA GLN C 49 -54.72 5.85 -13.11
C GLN C 49 -54.22 4.84 -14.14
N LEU C 50 -53.25 4.01 -13.75
CA LEU C 50 -52.74 2.95 -14.61
C LEU C 50 -53.66 1.73 -14.57
N ALA C 51 -54.21 1.43 -13.40
CA ALA C 51 -55.12 0.30 -13.25
C ALA C 51 -56.31 0.41 -14.19
N LYS C 52 -56.67 1.64 -14.55
CA LYS C 52 -57.78 1.89 -15.46
C LYS C 52 -57.44 1.48 -16.89
N VAL C 53 -56.18 1.56 -17.26
CA VAL C 53 -55.75 1.36 -18.63
C VAL C 53 -54.97 0.07 -18.85
N ARG C 54 -54.31 -0.43 -17.82
CA ARG C 54 -53.50 -1.62 -17.95
C ARG C 54 -54.17 -2.82 -17.27
N LYS C 55 -53.80 -4.02 -17.68
CA LYS C 55 -54.46 -5.24 -17.20
C LYS C 55 -54.34 -5.40 -15.68
N SER C 56 -53.11 -5.27 -15.19
CA SER C 56 -52.84 -5.33 -13.76
C SER C 56 -51.67 -4.41 -13.43
N VAL C 57 -51.67 -3.85 -12.22
CA VAL C 57 -50.62 -2.92 -11.84
C VAL C 57 -50.10 -3.21 -10.44
N LEU C 58 -48.80 -3.44 -10.32
CA LEU C 58 -48.19 -3.68 -9.01
C LEU C 58 -47.45 -2.44 -8.53
N LEU C 59 -47.70 -2.08 -7.28
CA LEU C 59 -47.09 -0.92 -6.66
C LEU C 59 -46.11 -1.39 -5.59
N ILE C 60 -44.83 -1.50 -5.94
CA ILE C 60 -43.82 -1.91 -4.96
C ILE C 60 -43.16 -0.69 -4.33
N SER C 61 -42.87 -0.78 -3.03
CA SER C 61 -42.35 0.39 -2.31
C SER C 61 -41.02 0.14 -1.61
N THR C 62 -40.04 0.96 -1.96
CA THR C 62 -38.73 0.96 -1.34
C THR C 62 -38.69 1.93 -0.15
N ASP C 63 -39.72 2.79 -0.08
CA ASP C 63 -39.82 3.81 0.96
C ASP C 63 -39.91 3.21 2.36
N PRO C 64 -38.95 3.57 3.22
CA PRO C 64 -38.84 3.11 4.61
C PRO C 64 -39.97 3.60 5.50
N ALA C 65 -40.61 4.71 5.13
CA ALA C 65 -41.70 5.23 5.92
C ALA C 65 -42.95 4.40 5.70
N HIS C 66 -42.94 3.63 4.62
CA HIS C 66 -44.10 2.86 4.21
C HIS C 66 -45.37 3.71 4.30
N ASN C 67 -45.30 4.91 3.74
CA ASN C 67 -46.46 5.81 3.64
C ASN C 67 -47.49 5.22 2.70
N LEU C 68 -47.08 4.16 2.01
CA LEU C 68 -47.96 3.49 1.07
C LEU C 68 -49.19 2.97 1.81
N SER C 69 -49.03 2.70 3.09
CA SER C 69 -50.16 2.24 3.92
C SER C 69 -51.01 3.41 4.37
N ASP C 70 -50.39 4.38 5.04
CA ASP C 70 -51.11 5.56 5.53
C ASP C 70 -51.92 6.21 4.41
N ALA C 71 -51.48 6.01 3.18
CA ALA C 71 -52.12 6.62 2.02
C ALA C 71 -53.43 5.94 1.71
N PHE C 72 -53.40 4.63 1.50
CA PHE C 72 -54.60 3.88 1.18
C PHE C 72 -55.34 3.43 2.43
N GLY C 73 -54.87 3.89 3.59
CA GLY C 73 -55.38 3.41 4.86
C GLY C 73 -55.55 1.91 4.88
N GLN C 74 -54.48 1.18 4.64
CA GLN C 74 -54.51 -0.28 4.57
C GLN C 74 -53.11 -0.81 4.84
N LYS C 75 -53.03 -1.93 5.56
CA LYS C 75 -51.73 -2.47 5.91
C LYS C 75 -51.12 -3.31 4.79
N PHE C 76 -49.93 -2.93 4.33
CA PHE C 76 -49.22 -3.69 3.31
C PHE C 76 -47.96 -4.32 3.91
N GLY C 77 -47.52 -5.43 3.33
CA GLY C 77 -46.37 -6.16 3.83
C GLY C 77 -45.45 -6.58 2.71
N LYS C 78 -44.61 -7.59 2.95
CA LYS C 78 -43.71 -8.06 1.89
C LYS C 78 -44.47 -8.95 0.91
N GLU C 79 -45.70 -9.28 1.27
CA GLU C 79 -46.57 -10.05 0.39
C GLU C 79 -47.46 -9.10 -0.39
N ALA C 80 -47.49 -9.27 -1.71
CA ALA C 80 -48.31 -8.44 -2.57
C ALA C 80 -49.79 -8.63 -2.25
N ARG C 81 -50.42 -7.59 -1.70
CA ARG C 81 -51.85 -7.63 -1.37
C ARG C 81 -52.62 -6.82 -2.40
N LEU C 82 -53.92 -7.04 -2.46
CA LEU C 82 -54.77 -6.29 -3.39
C LEU C 82 -55.23 -5.01 -2.70
N VAL C 83 -55.01 -3.87 -3.34
CA VAL C 83 -55.50 -2.61 -2.81
C VAL C 83 -57.02 -2.71 -2.74
N ASP C 84 -57.58 -2.38 -1.58
CA ASP C 84 -58.97 -2.72 -1.27
C ASP C 84 -60.02 -2.43 -2.34
N GLY C 85 -60.10 -1.19 -2.81
CA GLY C 85 -61.15 -0.81 -3.74
C GLY C 85 -60.97 -1.25 -5.18
N TYR C 86 -59.98 -2.09 -5.43
CA TYR C 86 -59.59 -2.42 -6.80
C TYR C 86 -59.47 -3.92 -7.05
N SER C 87 -59.37 -4.30 -8.32
CA SER C 87 -59.32 -5.71 -8.68
C SER C 87 -58.03 -6.06 -9.39
N ASN C 88 -57.38 -5.06 -9.97
CA ASN C 88 -56.12 -5.27 -10.68
C ASN C 88 -54.97 -4.43 -10.13
N LEU C 89 -55.18 -3.79 -8.97
CA LEU C 89 -54.15 -2.99 -8.33
C LEU C 89 -53.71 -3.62 -7.01
N SER C 90 -52.42 -3.94 -6.93
CA SER C 90 -51.86 -4.57 -5.75
C SER C 90 -50.62 -3.80 -5.27
N ALA C 91 -50.34 -3.87 -3.97
CA ALA C 91 -49.19 -3.18 -3.40
C ALA C 91 -48.37 -4.07 -2.46
N MET C 92 -47.06 -3.90 -2.51
CA MET C 92 -46.17 -4.58 -1.59
C MET C 92 -45.08 -3.64 -1.08
N GLU C 93 -44.57 -3.91 0.12
CA GLU C 93 -43.52 -3.08 0.68
C GLU C 93 -42.25 -3.89 0.89
N ILE C 94 -41.23 -3.60 0.08
CA ILE C 94 -39.96 -4.31 0.12
C ILE C 94 -39.16 -3.95 1.34
N ASP C 95 -38.62 -4.95 2.02
CA ASP C 95 -37.70 -4.71 3.13
C ASP C 95 -36.27 -4.82 2.60
N PRO C 96 -35.39 -3.92 3.06
CA PRO C 96 -34.00 -3.81 2.61
C PRO C 96 -33.15 -5.03 2.96
N ASN C 97 -33.22 -5.45 4.22
CA ASN C 97 -32.54 -6.65 4.67
C ASN C 97 -31.03 -6.59 4.61
N GLY C 98 -30.47 -5.47 5.08
CA GLY C 98 -29.04 -5.38 5.26
C GLY C 98 -28.65 -6.23 6.46
N SER C 99 -27.56 -6.96 6.34
CA SER C 99 -27.12 -7.84 7.41
C SER C 99 -26.08 -7.15 8.29
N ILE C 100 -25.74 -7.81 9.40
CA ILE C 100 -24.66 -7.32 10.26
C ILE C 100 -23.37 -7.33 9.47
N GLN C 101 -23.15 -8.41 8.72
CA GLN C 101 -21.99 -8.50 7.83
C GLN C 101 -21.99 -7.33 6.85
N ASP C 102 -23.12 -7.10 6.19
CA ASP C 102 -23.27 -5.98 5.27
C ASP C 102 -22.74 -4.69 5.88
N LEU C 103 -23.11 -4.46 7.14
CA LEU C 103 -22.76 -3.23 7.85
C LEU C 103 -21.28 -3.20 8.16
N LEU C 104 -20.78 -4.30 8.73
CA LEU C 104 -19.37 -4.42 9.09
C LEU C 104 -18.43 -4.25 7.88
N ALA C 105 -18.92 -4.55 6.69
CA ALA C 105 -18.08 -4.54 5.49
C ALA C 105 -17.85 -3.14 4.92
N SER C 106 -18.59 -2.15 5.43
CA SER C 106 -18.42 -0.79 4.96
C SER C 106 -17.33 -0.07 5.77
N GLN C 125 -20.56 13.34 4.86
CA GLN C 125 -20.52 12.74 6.18
C GLN C 125 -21.64 11.73 6.39
N ASP C 126 -22.35 11.40 5.31
CA ASP C 126 -23.42 10.40 5.34
C ASP C 126 -23.26 9.37 4.23
N LEU C 127 -22.37 9.67 3.28
CA LEU C 127 -22.08 8.76 2.17
C LEU C 127 -21.16 7.62 2.62
N ALA C 128 -21.26 7.27 3.89
CA ALA C 128 -20.46 6.20 4.44
C ALA C 128 -21.24 4.89 4.40
N PHE C 129 -22.57 5.00 4.39
CA PHE C 129 -23.43 3.84 4.29
C PHE C 129 -24.13 3.82 2.92
N SER C 130 -23.47 4.36 1.91
CA SER C 130 -24.10 4.53 0.60
C SER C 130 -24.04 3.27 -0.28
N ILE C 131 -23.00 2.46 -0.09
CA ILE C 131 -22.81 1.25 -0.88
C ILE C 131 -23.53 0.04 -0.25
N PRO C 132 -24.42 -0.59 -1.02
CA PRO C 132 -25.18 -1.75 -0.56
C PRO C 132 -24.30 -2.97 -0.32
N GLY C 133 -24.70 -3.82 0.62
CA GLY C 133 -23.98 -5.04 0.90
C GLY C 133 -24.42 -6.16 -0.02
N VAL C 134 -23.68 -7.27 0.01
CA VAL C 134 -24.01 -8.41 -0.83
C VAL C 134 -25.34 -9.04 -0.40
N ASP C 135 -25.56 -9.10 0.91
CA ASP C 135 -26.79 -9.68 1.43
C ASP C 135 -28.04 -8.88 1.02
N GLU C 136 -27.98 -7.57 1.19
CA GLU C 136 -29.10 -6.72 0.80
C GLU C 136 -29.35 -6.79 -0.70
N ALA C 137 -28.28 -6.74 -1.48
CA ALA C 137 -28.39 -6.86 -2.93
C ALA C 137 -29.07 -8.18 -3.29
N MET C 138 -28.62 -9.26 -2.68
CA MET C 138 -29.17 -10.58 -2.95
C MET C 138 -30.66 -10.66 -2.61
N SER C 139 -31.05 -10.03 -1.51
CA SER C 139 -32.45 -10.03 -1.09
C SER C 139 -33.34 -9.38 -2.14
N PHE C 140 -32.90 -8.22 -2.65
CA PHE C 140 -33.67 -7.51 -3.66
C PHE C 140 -33.79 -8.34 -4.93
N ALA C 141 -32.70 -8.98 -5.33
CA ALA C 141 -32.72 -9.87 -6.49
C ALA C 141 -33.75 -10.98 -6.31
N GLU C 142 -33.86 -11.49 -5.08
CA GLU C 142 -34.82 -12.54 -4.79
C GLU C 142 -36.25 -12.07 -4.93
N VAL C 143 -36.48 -10.80 -4.60
CA VAL C 143 -37.80 -10.20 -4.71
C VAL C 143 -38.18 -9.95 -6.17
N LEU C 144 -37.25 -9.41 -6.94
CA LEU C 144 -37.45 -9.23 -8.37
C LEU C 144 -37.80 -10.57 -9.02
N LYS C 145 -37.25 -11.64 -8.45
CA LYS C 145 -37.52 -13.00 -8.93
C LYS C 145 -38.99 -13.35 -8.69
N GLN C 146 -39.44 -13.20 -7.44
CA GLN C 146 -40.84 -13.39 -7.10
C GLN C 146 -41.74 -12.59 -8.03
N VAL C 147 -41.45 -11.30 -8.12
CA VAL C 147 -42.30 -10.37 -8.85
C VAL C 147 -42.51 -10.76 -10.30
N LYS C 148 -41.45 -11.28 -10.92
CA LYS C 148 -41.53 -11.70 -12.32
C LYS C 148 -42.45 -12.92 -12.47
N SER C 149 -42.49 -13.76 -11.45
CA SER C 149 -43.36 -14.95 -11.44
C SER C 149 -44.83 -14.56 -11.42
N LEU C 150 -45.14 -13.47 -10.70
CA LEU C 150 -46.51 -12.99 -10.58
C LEU C 150 -47.08 -12.48 -11.89
N SER C 151 -46.18 -12.10 -12.81
CA SER C 151 -46.59 -11.57 -14.11
C SER C 151 -47.61 -10.46 -13.97
N TYR C 152 -47.24 -9.39 -13.26
CA TYR C 152 -48.05 -8.18 -13.26
C TYR C 152 -47.75 -7.42 -14.54
N GLU C 153 -48.77 -6.81 -15.12
CA GLU C 153 -48.63 -6.14 -16.41
C GLU C 153 -47.58 -5.03 -16.36
N VAL C 154 -47.76 -4.09 -15.44
CA VAL C 154 -46.83 -2.98 -15.27
C VAL C 154 -46.57 -2.70 -13.79
N ILE C 155 -45.40 -2.15 -13.49
CA ILE C 155 -45.00 -1.94 -12.11
C ILE C 155 -44.69 -0.48 -11.77
N VAL C 156 -45.43 0.06 -10.82
CA VAL C 156 -45.14 1.39 -10.30
C VAL C 156 -44.18 1.29 -9.12
N PHE C 157 -43.03 1.94 -9.24
CA PHE C 157 -41.95 1.81 -8.27
C PHE C 157 -41.90 3.03 -7.37
N ASP C 158 -42.39 2.88 -6.14
CA ASP C 158 -42.40 3.97 -5.17
C ASP C 158 -41.03 4.04 -4.49
N THR C 159 -40.20 4.98 -4.93
CA THR C 159 -38.81 5.06 -4.47
C THR C 159 -38.68 5.65 -3.06
N ALA C 160 -37.49 5.53 -2.47
CA ALA C 160 -37.22 6.10 -1.16
C ALA C 160 -36.87 7.59 -1.27
N PRO C 161 -37.64 8.45 -0.58
CA PRO C 161 -37.38 9.89 -0.61
C PRO C 161 -36.18 10.28 0.26
N THR C 162 -35.26 9.35 0.48
CA THR C 162 -34.09 9.63 1.30
C THR C 162 -32.92 10.03 0.40
N GLY C 163 -31.71 9.89 0.93
CA GLY C 163 -30.52 10.18 0.13
C GLY C 163 -30.16 9.02 -0.78
N HIS C 164 -30.80 7.88 -0.55
CA HIS C 164 -30.47 6.65 -1.25
C HIS C 164 -31.57 6.24 -2.23
N THR C 165 -32.20 7.23 -2.86
CA THR C 165 -33.26 6.97 -3.81
C THR C 165 -32.84 5.95 -4.87
N LEU C 166 -31.60 6.08 -5.35
CA LEU C 166 -31.11 5.23 -6.43
C LEU C 166 -30.12 4.15 -5.98
N ARG C 167 -30.21 3.76 -4.72
CA ARG C 167 -29.28 2.78 -4.17
C ARG C 167 -29.36 1.41 -4.85
N PHE C 168 -30.55 1.03 -5.32
CA PHE C 168 -30.74 -0.29 -5.94
C PHE C 168 -30.00 -0.43 -7.28
N LEU C 169 -29.46 0.68 -7.77
CA LEU C 169 -28.78 0.68 -9.06
C LEU C 169 -27.33 0.21 -8.93
N GLN C 170 -26.88 -0.04 -7.70
CA GLN C 170 -25.56 -0.59 -7.47
C GLN C 170 -25.63 -2.10 -7.28
N PHE C 171 -26.84 -2.64 -7.22
CA PHE C 171 -26.99 -4.08 -7.01
C PHE C 171 -26.33 -4.94 -8.08
N PRO C 172 -26.39 -4.51 -9.36
CA PRO C 172 -25.72 -5.27 -10.42
C PRO C 172 -24.22 -5.40 -10.17
N THR C 173 -23.57 -4.26 -9.90
CA THR C 173 -22.14 -4.24 -9.65
C THR C 173 -21.76 -4.97 -8.37
N VAL C 174 -22.63 -4.90 -7.36
CA VAL C 174 -22.39 -5.58 -6.08
C VAL C 174 -22.42 -7.09 -6.22
N LEU C 175 -23.37 -7.59 -7.00
CA LEU C 175 -23.52 -9.01 -7.22
C LEU C 175 -22.48 -9.55 -8.20
N GLU C 176 -22.06 -8.71 -9.14
CA GLU C 176 -21.04 -9.10 -10.11
C GLU C 176 -19.67 -9.25 -9.45
N LYS C 177 -19.38 -8.36 -8.51
CA LYS C 177 -18.14 -8.45 -7.75
C LYS C 177 -18.18 -9.64 -6.79
N ALA C 178 -19.38 -9.98 -6.31
CA ALA C 178 -19.55 -11.17 -5.47
C ALA C 178 -19.32 -12.42 -6.30
N LEU C 179 -19.99 -12.49 -7.45
CA LEU C 179 -19.88 -13.63 -8.35
C LEU C 179 -18.46 -13.83 -8.83
N ALA C 180 -17.69 -12.74 -8.88
CA ALA C 180 -16.30 -12.80 -9.28
C ALA C 180 -15.47 -13.43 -8.16
N LYS C 181 -15.51 -12.81 -6.98
CA LYS C 181 -14.77 -13.31 -5.82
C LYS C 181 -15.14 -14.75 -5.51
N LEU C 182 -16.36 -15.14 -5.88
CA LEU C 182 -16.84 -16.48 -5.62
C LEU C 182 -16.28 -17.46 -6.65
N SER C 183 -16.15 -16.99 -7.89
CA SER C 183 -15.64 -17.84 -8.96
C SER C 183 -14.12 -17.97 -8.84
N GLN C 184 -13.48 -16.93 -8.32
CA GLN C 184 -12.03 -16.97 -8.09
C GLN C 184 -11.71 -17.92 -6.95
N LEU C 185 -12.62 -18.02 -5.97
CA LEU C 185 -12.48 -18.96 -4.88
C LEU C 185 -12.71 -20.40 -5.33
N SER C 186 -13.47 -20.58 -6.40
CA SER C 186 -13.78 -21.90 -6.93
C SER C 186 -12.75 -22.37 -7.95
N SER C 187 -11.65 -21.63 -8.06
CA SER C 187 -10.50 -22.08 -8.84
C SER C 187 -9.53 -22.77 -7.89
N GLN C 188 -9.94 -22.89 -6.63
CA GLN C 188 -9.15 -23.54 -5.60
C GLN C 188 -9.99 -24.54 -4.82
N PHE C 189 -10.55 -25.51 -5.55
CA PHE C 189 -11.29 -26.64 -4.97
C PHE C 189 -11.88 -27.49 -6.09
N SER C 195 -12.73 -36.79 -3.48
CA SER C 195 -11.68 -36.69 -2.45
C SER C 195 -11.70 -37.92 -1.54
N ILE C 196 -10.98 -37.84 -0.42
CA ILE C 196 -10.90 -38.96 0.52
C ILE C 196 -11.20 -38.50 1.94
N LEU C 197 -11.48 -37.21 2.09
CA LEU C 197 -11.79 -36.69 3.41
C LEU C 197 -13.29 -36.75 3.68
N GLY C 198 -14.03 -37.42 2.81
CA GLY C 198 -15.48 -37.58 2.98
C GLY C 198 -16.19 -36.30 3.37
N ALA C 199 -17.02 -36.37 4.39
CA ALA C 199 -17.72 -35.19 4.89
C ALA C 199 -16.76 -34.18 5.54
N ARG C 200 -15.66 -34.70 6.09
CA ARG C 200 -14.64 -33.85 6.69
C ARG C 200 -13.85 -33.13 5.61
N GLY C 201 -14.28 -33.27 4.37
CA GLY C 201 -13.57 -32.69 3.25
C GLY C 201 -13.95 -31.26 2.95
N GLY C 202 -15.23 -30.95 3.08
CA GLY C 202 -15.75 -29.64 2.71
C GLY C 202 -15.08 -28.49 3.43
N LEU C 203 -15.50 -27.27 3.10
CA LEU C 203 -15.02 -26.07 3.76
C LEU C 203 -15.52 -26.03 5.20
N PRO C 204 -14.75 -25.40 6.09
CA PRO C 204 -15.22 -25.19 7.46
C PRO C 204 -16.22 -24.06 7.42
N GLY C 205 -17.36 -24.21 8.07
CA GLY C 205 -18.41 -23.23 7.92
C GLY C 205 -19.48 -23.79 7.02
N GLY C 206 -19.14 -24.85 6.29
CA GLY C 206 -20.12 -25.66 5.58
C GLY C 206 -20.60 -25.15 4.23
N GLN C 207 -20.06 -24.01 3.80
CA GLN C 207 -20.46 -23.47 2.51
C GLN C 207 -20.10 -24.42 1.36
N ASN C 208 -21.05 -24.60 0.45
CA ASN C 208 -20.79 -25.33 -0.76
C ASN C 208 -20.55 -24.34 -1.88
N ILE C 209 -19.30 -24.23 -2.34
CA ILE C 209 -18.96 -23.21 -3.33
C ILE C 209 -19.70 -23.37 -4.66
N ASP C 210 -19.64 -24.55 -5.25
CA ASP C 210 -20.30 -24.79 -6.53
C ASP C 210 -21.81 -24.60 -6.43
N GLU C 211 -22.31 -24.67 -5.20
CA GLU C 211 -23.75 -24.56 -4.92
C GLU C 211 -24.17 -23.10 -4.79
N LEU C 212 -23.25 -22.27 -4.30
CA LEU C 212 -23.46 -20.84 -4.16
C LEU C 212 -23.20 -20.12 -5.48
N LEU C 213 -22.25 -20.64 -6.25
CA LEU C 213 -21.94 -20.07 -7.55
C LEU C 213 -23.19 -20.07 -8.41
N GLN C 214 -24.09 -21.01 -8.13
CA GLN C 214 -25.35 -21.10 -8.85
C GLN C 214 -26.33 -20.03 -8.38
N LYS C 215 -26.66 -20.03 -7.10
CA LYS C 215 -27.52 -18.99 -6.54
C LYS C 215 -27.07 -17.62 -7.01
N MET C 216 -25.76 -17.39 -6.96
CA MET C 216 -25.20 -16.09 -7.33
C MET C 216 -25.37 -15.83 -8.82
N GLU C 217 -25.10 -16.84 -9.65
CA GLU C 217 -25.25 -16.67 -11.08
C GLU C 217 -26.71 -16.39 -11.41
N SER C 218 -27.61 -17.12 -10.75
CA SER C 218 -29.04 -16.99 -11.00
C SER C 218 -29.58 -15.63 -10.58
N LEU C 219 -29.10 -15.14 -9.45
CA LEU C 219 -29.54 -13.84 -8.94
C LEU C 219 -28.94 -12.71 -9.76
N ARG C 220 -27.71 -12.89 -10.22
CA ARG C 220 -27.04 -11.89 -11.06
C ARG C 220 -27.81 -11.73 -12.37
N GLU C 221 -28.24 -12.86 -12.92
CA GLU C 221 -28.95 -12.88 -14.19
C GLU C 221 -30.32 -12.22 -14.07
N THR C 222 -30.97 -12.40 -12.93
CA THR C 222 -32.24 -11.76 -12.66
C THR C 222 -32.04 -10.25 -12.50
N ILE C 223 -31.00 -9.88 -11.76
CA ILE C 223 -30.65 -8.47 -11.59
C ILE C 223 -30.28 -7.81 -12.92
N SER C 224 -29.49 -8.50 -13.74
CA SER C 224 -29.08 -7.94 -15.03
C SER C 224 -30.24 -7.74 -16.00
N GLU C 225 -31.17 -8.70 -16.06
CA GLU C 225 -32.36 -8.56 -16.89
C GLU C 225 -33.06 -7.25 -16.57
N VAL C 226 -33.50 -7.14 -15.32
CA VAL C 226 -34.23 -5.97 -14.87
C VAL C 226 -33.46 -4.67 -15.06
N ASN C 227 -32.13 -4.72 -14.90
CA ASN C 227 -31.33 -3.51 -15.02
C ASN C 227 -31.26 -2.99 -16.45
N THR C 228 -31.11 -3.88 -17.42
CA THR C 228 -31.07 -3.45 -18.82
C THR C 228 -32.48 -3.09 -19.31
N GLN C 229 -33.49 -3.53 -18.58
CA GLN C 229 -34.86 -3.11 -18.85
C GLN C 229 -35.03 -1.67 -18.41
N PHE C 230 -34.51 -1.36 -17.23
CA PHE C 230 -34.51 0.00 -16.69
C PHE C 230 -33.90 0.96 -17.70
N LYS C 231 -32.81 0.53 -18.32
CA LYS C 231 -32.04 1.36 -19.25
C LYS C 231 -32.67 1.39 -20.64
N ASN C 232 -33.85 0.79 -20.77
CA ASN C 232 -34.60 0.84 -22.00
C ASN C 232 -35.78 1.82 -21.88
N PRO C 233 -35.70 2.95 -22.59
CA PRO C 233 -36.74 3.99 -22.52
C PRO C 233 -38.14 3.48 -22.82
N ASP C 234 -38.24 2.47 -23.69
CA ASP C 234 -39.53 1.90 -24.06
C ASP C 234 -40.18 1.17 -22.89
N MET C 235 -39.36 0.68 -21.97
CA MET C 235 -39.83 -0.15 -20.87
C MET C 235 -39.83 0.58 -19.53
N THR C 236 -38.96 1.57 -19.40
CA THR C 236 -38.73 2.19 -18.12
C THR C 236 -38.58 3.70 -18.19
N THR C 237 -39.38 4.39 -17.40
CA THR C 237 -39.29 5.84 -17.27
C THR C 237 -39.42 6.26 -15.80
N PHE C 238 -38.89 7.43 -15.49
CA PHE C 238 -38.87 7.93 -14.13
C PHE C 238 -39.66 9.23 -14.06
N VAL C 239 -40.58 9.29 -13.10
CA VAL C 239 -41.41 10.48 -12.89
C VAL C 239 -40.97 11.21 -11.64
N CYS C 240 -40.63 12.49 -11.79
CA CYS C 240 -40.15 13.26 -10.64
C CYS C 240 -41.28 14.05 -10.03
N VAL C 241 -41.22 14.21 -8.71
CA VAL C 241 -42.18 15.04 -7.99
C VAL C 241 -41.42 16.14 -7.28
N CYS C 242 -42.06 17.30 -7.09
CA CYS C 242 -41.39 18.43 -6.46
C CYS C 242 -42.37 19.53 -6.05
N ILE C 243 -41.94 20.37 -5.11
CA ILE C 243 -42.65 21.60 -4.79
C ILE C 243 -42.03 22.69 -5.65
N ALA C 244 -42.69 23.84 -5.72
CA ALA C 244 -42.09 25.02 -6.34
C ALA C 244 -41.36 25.83 -5.30
N GLU C 245 -40.35 25.22 -4.70
CA GLU C 245 -39.43 25.90 -3.78
C GLU C 245 -38.04 25.68 -4.34
N PHE C 246 -37.07 26.41 -3.82
CA PHE C 246 -35.72 26.26 -4.35
C PHE C 246 -35.15 24.90 -4.00
N LEU C 247 -35.04 24.60 -2.71
CA LEU C 247 -34.44 23.35 -2.27
C LEU C 247 -35.00 22.11 -2.97
N SER C 248 -36.23 22.19 -3.47
CA SER C 248 -36.87 21.07 -4.15
C SER C 248 -36.57 21.07 -5.65
N LEU C 249 -36.63 22.25 -6.27
CA LEU C 249 -36.22 22.39 -7.66
C LEU C 249 -34.76 21.98 -7.83
N TYR C 250 -33.97 22.26 -6.79
CA TYR C 250 -32.57 21.89 -6.79
C TYR C 250 -32.38 20.39 -6.70
N GLU C 251 -32.95 19.79 -5.67
CA GLU C 251 -32.84 18.36 -5.45
C GLU C 251 -33.40 17.61 -6.65
N THR C 252 -34.27 18.27 -7.41
CA THR C 252 -34.89 17.65 -8.58
C THR C 252 -33.94 17.58 -9.78
N GLU C 253 -33.26 18.69 -10.08
CA GLU C 253 -32.26 18.68 -11.15
C GLU C 253 -31.12 17.74 -10.77
N ARG C 254 -30.87 17.66 -9.47
CA ARG C 254 -29.79 16.84 -8.94
C ARG C 254 -30.07 15.35 -9.14
N MET C 255 -31.34 14.97 -9.00
CA MET C 255 -31.75 13.58 -9.13
C MET C 255 -31.90 13.18 -10.60
N ILE C 256 -32.22 14.15 -11.45
CA ILE C 256 -32.34 13.90 -12.88
C ILE C 256 -30.95 13.68 -13.48
N GLN C 257 -29.96 14.41 -12.95
CA GLN C 257 -28.58 14.23 -13.37
C GLN C 257 -28.11 12.82 -13.06
N GLU C 258 -28.30 12.40 -11.82
CA GLU C 258 -27.87 11.07 -11.40
C GLU C 258 -28.63 10.00 -12.18
N LEU C 259 -29.87 10.29 -12.54
CA LEU C 259 -30.66 9.38 -13.35
C LEU C 259 -30.10 9.31 -14.77
N THR C 260 -29.81 10.46 -15.36
CA THR C 260 -29.28 10.50 -16.72
C THR C 260 -27.94 9.75 -16.80
N SER C 261 -27.14 9.85 -15.74
CA SER C 261 -25.85 9.17 -15.71
C SER C 261 -26.03 7.65 -15.75
N TYR C 262 -26.90 7.13 -14.88
CA TYR C 262 -27.19 5.69 -14.85
C TYR C 262 -27.90 5.26 -16.14
N GLY C 263 -28.33 6.23 -16.94
CA GLY C 263 -28.94 5.95 -18.23
C GLY C 263 -30.42 5.57 -18.18
N ILE C 264 -31.11 6.04 -17.14
CA ILE C 264 -32.53 5.76 -16.96
C ILE C 264 -33.40 6.93 -17.41
N ASP C 265 -34.33 6.65 -18.33
CA ASP C 265 -35.16 7.69 -18.94
C ASP C 265 -36.02 8.49 -17.93
N THR C 266 -36.06 9.80 -18.10
CA THR C 266 -36.96 10.66 -17.35
C THR C 266 -37.43 11.85 -18.19
N HIS C 267 -38.75 12.03 -18.28
CA HIS C 267 -39.33 13.06 -19.13
C HIS C 267 -40.63 13.63 -18.55
N ALA C 268 -40.80 13.52 -17.24
CA ALA C 268 -42.00 14.05 -16.62
C ALA C 268 -41.73 14.59 -15.22
N ILE C 269 -42.21 15.79 -14.95
CA ILE C 269 -42.11 16.40 -13.63
C ILE C 269 -43.49 16.79 -13.10
N VAL C 270 -43.81 16.33 -11.89
CA VAL C 270 -45.08 16.70 -11.27
C VAL C 270 -44.85 17.77 -10.21
N VAL C 271 -45.36 18.98 -10.46
CA VAL C 271 -45.17 20.08 -9.53
C VAL C 271 -46.38 20.23 -8.61
N ASN C 272 -46.23 19.74 -7.38
CA ASN C 272 -47.35 19.62 -6.44
C ASN C 272 -47.58 20.86 -5.57
N GLN C 273 -48.74 20.89 -4.91
CA GLN C 273 -49.04 21.88 -3.88
C GLN C 273 -48.97 23.33 -4.39
N LEU C 274 -49.42 23.54 -5.62
CA LEU C 274 -49.41 24.87 -6.23
C LEU C 274 -50.62 25.72 -5.82
N LEU C 275 -50.41 27.01 -5.64
CA LEU C 275 -51.51 27.94 -5.37
C LEU C 275 -52.05 28.51 -6.66
N PHE C 276 -53.37 28.55 -6.79
CA PHE C 276 -54.01 29.07 -7.98
C PHE C 276 -54.82 30.34 -7.68
N PRO C 277 -55.08 31.16 -8.72
CA PRO C 277 -55.86 32.40 -8.58
C PRO C 277 -57.32 32.14 -8.18
N GLY C 282 -58.99 39.00 -2.73
CA GLY C 282 -59.40 39.64 -1.48
C GLY C 282 -58.40 39.45 -0.35
N CYS C 283 -57.47 38.51 -0.53
CA CYS C 283 -56.42 38.27 0.46
C CYS C 283 -55.04 38.52 -0.14
N GLU C 284 -54.41 39.61 0.28
CA GLU C 284 -53.22 40.15 -0.38
C GLU C 284 -51.96 39.27 -0.26
N GLN C 285 -51.58 38.95 0.97
CA GLN C 285 -50.32 38.26 1.23
C GLN C 285 -50.21 36.92 0.52
N CYS C 286 -51.35 36.23 0.35
CA CYS C 286 -51.35 34.96 -0.36
C CYS C 286 -50.98 35.18 -1.82
N ASN C 287 -51.38 36.34 -2.34
CA ASN C 287 -51.05 36.73 -3.71
C ASN C 287 -49.55 36.84 -3.93
N ALA C 288 -48.83 37.29 -2.91
CA ALA C 288 -47.38 37.43 -2.99
C ALA C 288 -46.72 36.07 -3.07
N ARG C 289 -47.18 35.15 -2.25
CA ARG C 289 -46.68 33.79 -2.23
C ARG C 289 -46.91 33.12 -3.58
N ARG C 290 -47.93 33.57 -4.30
CA ARG C 290 -48.22 33.02 -5.62
C ARG C 290 -47.27 33.61 -6.67
N LYS C 291 -46.96 34.91 -6.55
CA LYS C 291 -46.04 35.57 -7.48
C LYS C 291 -44.69 34.87 -7.48
N MET C 292 -44.27 34.38 -6.31
CA MET C 292 -43.02 33.64 -6.19
C MET C 292 -43.13 32.27 -6.86
N GLN C 293 -44.30 31.65 -6.77
CA GLN C 293 -44.55 30.39 -7.45
C GLN C 293 -44.46 30.57 -8.96
N LYS C 294 -44.99 31.68 -9.45
CA LYS C 294 -44.93 32.00 -10.86
C LYS C 294 -43.48 32.01 -11.34
N LYS C 295 -42.60 32.63 -10.55
CA LYS C 295 -41.17 32.68 -10.87
C LYS C 295 -40.56 31.29 -10.99
N TYR C 296 -40.59 30.54 -9.88
CA TYR C 296 -40.07 29.17 -9.87
C TYR C 296 -40.68 28.34 -11.01
N LEU C 297 -41.94 28.61 -11.30
CA LEU C 297 -42.67 27.80 -12.28
C LEU C 297 -42.21 28.13 -13.70
N GLU C 298 -41.80 29.37 -13.91
CA GLU C 298 -41.24 29.78 -15.19
C GLU C 298 -39.86 29.16 -15.39
N GLN C 299 -39.07 29.13 -14.31
CA GLN C 299 -37.78 28.46 -14.34
C GLN C 299 -37.95 27.03 -14.81
N ILE C 300 -38.87 26.30 -14.16
CA ILE C 300 -39.14 24.91 -14.47
C ILE C 300 -39.58 24.73 -15.91
N GLU C 301 -40.49 25.59 -16.36
CA GLU C 301 -41.00 25.53 -17.73
C GLU C 301 -39.85 25.72 -18.71
N GLU C 302 -38.82 26.46 -18.29
CA GLU C 302 -37.68 26.73 -19.13
C GLU C 302 -36.65 25.61 -19.12
N LEU C 303 -36.20 25.22 -17.93
CA LEU C 303 -35.20 24.15 -17.80
C LEU C 303 -35.68 22.86 -18.44
N TYR C 304 -36.93 22.50 -18.16
CA TYR C 304 -37.50 21.24 -18.62
C TYR C 304 -38.54 21.46 -19.71
N GLU C 305 -38.11 22.09 -20.80
CA GLU C 305 -38.97 22.31 -21.94
C GLU C 305 -39.34 20.97 -22.57
N ASP C 306 -38.39 20.04 -22.54
CA ASP C 306 -38.58 18.71 -23.11
C ASP C 306 -39.42 17.80 -22.23
N PHE C 307 -39.80 18.31 -21.06
CA PHE C 307 -40.54 17.51 -20.09
C PHE C 307 -42.04 17.78 -20.13
N ASN C 308 -42.80 16.80 -19.67
CA ASN C 308 -44.19 17.02 -19.31
C ASN C 308 -44.17 17.66 -17.93
N VAL C 309 -44.67 18.89 -17.83
CA VAL C 309 -44.75 19.56 -16.52
C VAL C 309 -46.19 19.57 -16.03
N VAL C 310 -46.52 18.64 -15.14
CA VAL C 310 -47.87 18.50 -14.63
C VAL C 310 -48.07 19.32 -13.36
N ARG C 311 -49.15 20.11 -13.34
CA ARG C 311 -49.42 20.99 -12.21
C ARG C 311 -50.59 20.50 -11.35
N MET C 312 -50.31 20.36 -10.06
CA MET C 312 -51.31 19.91 -9.09
C MET C 312 -51.53 21.00 -8.06
N PRO C 313 -52.81 21.26 -7.74
CA PRO C 313 -53.22 22.30 -6.79
C PRO C 313 -53.12 21.81 -5.36
N LEU C 314 -52.67 22.67 -4.44
CA LEU C 314 -52.75 22.30 -3.04
C LEU C 314 -54.23 22.15 -2.70
N LEU C 315 -54.60 21.00 -2.16
CA LEU C 315 -55.98 20.78 -1.75
C LEU C 315 -56.15 21.15 -0.27
N VAL C 316 -57.41 21.38 0.12
CA VAL C 316 -57.72 21.84 1.47
C VAL C 316 -57.72 20.71 2.50
N GLU C 317 -57.88 19.47 2.04
CA GLU C 317 -57.84 18.30 2.91
C GLU C 317 -56.80 17.29 2.43
N GLU C 318 -56.31 16.47 3.35
CA GLU C 318 -55.32 15.47 3.02
C GLU C 318 -55.84 14.58 1.90
N VAL C 319 -54.95 14.13 1.04
CA VAL C 319 -55.31 13.20 -0.02
C VAL C 319 -55.13 11.79 0.51
N ARG C 320 -56.08 11.34 1.33
CA ARG C 320 -55.94 10.08 2.05
C ARG C 320 -56.90 8.99 1.58
N GLY C 321 -58.19 9.32 1.48
CA GLY C 321 -59.16 8.33 1.04
C GLY C 321 -58.79 7.70 -0.29
N LYS C 322 -59.53 6.67 -0.69
CA LYS C 322 -59.39 6.13 -2.04
C LYS C 322 -60.19 7.02 -2.98
N GLU C 323 -61.27 7.59 -2.45
CA GLU C 323 -62.11 8.49 -3.22
C GLU C 323 -61.36 9.80 -3.48
N LYS C 324 -60.56 10.22 -2.51
CA LYS C 324 -59.76 11.43 -2.63
C LYS C 324 -58.56 11.21 -3.54
N LEU C 325 -57.95 10.03 -3.43
CA LEU C 325 -56.85 9.65 -4.30
C LEU C 325 -57.28 9.55 -5.76
N GLU C 326 -58.52 9.12 -5.99
CA GLU C 326 -59.06 9.05 -7.34
C GLU C 326 -59.20 10.46 -7.88
N LYS C 327 -59.97 11.29 -7.18
CA LYS C 327 -60.16 12.68 -7.53
C LYS C 327 -58.82 13.39 -7.82
N PHE C 328 -57.82 13.13 -6.99
CA PHE C 328 -56.51 13.75 -7.16
C PHE C 328 -55.80 13.18 -8.38
N SER C 329 -55.99 11.89 -8.63
CA SER C 329 -55.30 11.22 -9.73
C SER C 329 -55.81 11.70 -11.09
N GLU C 330 -57.06 12.15 -11.12
CA GLU C 330 -57.64 12.63 -12.37
C GLU C 330 -56.87 13.83 -12.89
N MET C 331 -56.37 14.65 -11.97
CA MET C 331 -55.60 15.84 -12.35
C MET C 331 -54.21 15.51 -12.88
N LEU C 332 -53.87 14.22 -12.90
CA LEU C 332 -52.62 13.77 -13.51
C LEU C 332 -52.79 13.57 -15.00
N VAL C 333 -54.04 13.53 -15.45
CA VAL C 333 -54.34 13.32 -16.87
C VAL C 333 -55.21 14.43 -17.43
N HIS C 334 -55.86 15.18 -16.55
CA HIS C 334 -56.71 16.30 -16.96
C HIS C 334 -56.34 17.56 -16.20
N PRO C 335 -55.53 18.43 -16.83
CA PRO C 335 -54.98 19.64 -16.22
C PRO C 335 -56.02 20.39 -15.38
N TYR C 336 -55.63 20.75 -14.16
CA TYR C 336 -56.54 21.42 -13.23
C TYR C 336 -56.87 22.84 -13.66
N VAL C 337 -58.11 23.25 -13.41
CA VAL C 337 -58.51 24.63 -13.65
C VAL C 337 -59.49 25.07 -12.56
N PRO C 338 -59.32 26.30 -12.05
CA PRO C 338 -60.12 26.88 -10.97
C PRO C 338 -61.58 26.45 -11.00
N LEU D 12 -38.50 32.11 29.98
CA LEU D 12 -38.47 31.67 28.58
C LEU D 12 -37.39 32.37 27.76
N MET D 13 -37.46 32.19 26.43
CA MET D 13 -36.53 32.84 25.51
C MET D 13 -37.28 33.53 24.38
N GLU D 14 -37.53 34.82 24.56
CA GLU D 14 -38.34 35.61 23.62
C GLU D 14 -37.93 35.43 22.15
N PRO D 15 -38.87 35.68 21.23
CA PRO D 15 -38.68 35.52 19.79
C PRO D 15 -37.87 36.67 19.20
N THR D 16 -36.74 37.00 19.83
CA THR D 16 -36.00 38.21 19.47
C THR D 16 -34.50 37.98 19.44
N LEU D 17 -33.82 38.68 18.53
CA LEU D 17 -32.36 38.69 18.48
C LEU D 17 -31.80 39.76 19.41
N GLN D 18 -32.63 40.22 20.35
CA GLN D 18 -32.24 41.28 21.25
C GLN D 18 -31.14 40.84 22.21
N SER D 19 -31.25 39.61 22.71
CA SER D 19 -30.23 39.06 23.60
C SER D 19 -28.86 39.14 22.96
N ILE D 20 -28.80 39.01 21.63
CA ILE D 20 -27.55 39.06 20.90
C ILE D 20 -27.05 40.49 20.75
N LEU D 21 -27.94 41.38 20.33
CA LEU D 21 -27.60 42.78 20.14
C LEU D 21 -27.12 43.39 21.46
N SER D 22 -27.56 42.79 22.57
CA SER D 22 -27.23 43.31 23.90
C SER D 22 -25.83 42.87 24.35
N GLN D 23 -25.36 41.75 23.81
CA GLN D 23 -24.00 41.27 24.12
C GLN D 23 -22.93 42.13 23.47
N LYS D 24 -22.21 42.90 24.29
CA LYS D 24 -21.17 43.77 23.79
C LYS D 24 -19.82 43.07 23.78
N THR D 25 -19.80 41.82 24.21
CA THR D 25 -18.59 41.01 24.18
C THR D 25 -18.49 40.22 22.87
N LEU D 26 -19.60 40.10 22.15
CA LEU D 26 -19.59 39.40 20.87
C LEU D 26 -18.71 40.14 19.87
N ARG D 27 -17.89 39.38 19.15
CA ARG D 27 -17.04 39.95 18.11
C ARG D 27 -17.29 39.25 16.77
N TRP D 28 -17.72 38.00 16.84
CA TRP D 28 -18.05 37.23 15.66
C TRP D 28 -19.49 36.75 15.72
N ILE D 29 -20.31 37.19 14.76
CA ILE D 29 -21.69 36.72 14.69
C ILE D 29 -21.98 36.16 13.30
N PHE D 30 -21.98 34.84 13.19
CA PHE D 30 -22.28 34.18 11.92
C PHE D 30 -23.76 34.28 11.57
N VAL D 31 -24.07 34.26 10.28
CA VAL D 31 -25.45 34.11 9.82
C VAL D 31 -25.45 33.11 8.67
N GLY D 32 -26.20 32.04 8.81
CA GLY D 32 -26.20 30.99 7.81
C GLY D 32 -27.56 30.34 7.65
N GLY D 33 -27.82 29.84 6.44
CA GLY D 33 -29.10 29.24 6.13
C GLY D 33 -29.09 28.88 4.66
N LYS D 34 -29.55 27.68 4.35
CA LYS D 34 -29.34 27.20 3.00
C LYS D 34 -30.62 27.20 2.17
N GLY D 35 -30.48 27.59 0.91
CA GLY D 35 -31.56 27.42 -0.05
C GLY D 35 -32.53 28.57 -0.22
N GLY D 36 -32.03 29.80 -0.17
CA GLY D 36 -32.84 30.96 -0.45
C GLY D 36 -33.87 31.29 0.61
N VAL D 37 -33.58 30.93 1.85
CA VAL D 37 -34.51 31.16 2.94
C VAL D 37 -34.47 32.62 3.37
N GLY D 38 -33.56 33.38 2.78
CA GLY D 38 -33.39 34.77 3.17
C GLY D 38 -32.22 34.95 4.11
N LYS D 39 -31.14 34.20 3.86
CA LYS D 39 -29.94 34.32 4.68
C LYS D 39 -29.33 35.70 4.53
N THR D 40 -29.04 36.08 3.28
CA THR D 40 -28.40 37.35 2.98
C THR D 40 -29.18 38.53 3.54
N THR D 41 -30.50 38.51 3.35
CA THR D 41 -31.35 39.57 3.90
C THR D 41 -31.29 39.66 5.43
N THR D 42 -31.07 38.53 6.09
CA THR D 42 -30.89 38.51 7.54
C THR D 42 -29.52 39.05 7.96
N SER D 43 -28.48 38.71 7.19
CA SER D 43 -27.13 39.17 7.49
C SER D 43 -27.03 40.69 7.45
N CYS D 44 -27.63 41.30 6.43
CA CYS D 44 -27.65 42.76 6.34
C CYS D 44 -28.48 43.39 7.45
N SER D 45 -29.67 42.85 7.68
CA SER D 45 -30.56 43.36 8.72
C SER D 45 -29.91 43.33 10.09
N LEU D 46 -29.34 42.18 10.45
CA LEU D 46 -28.67 42.02 11.74
C LEU D 46 -27.50 42.99 11.85
N ALA D 47 -26.83 43.23 10.72
CA ALA D 47 -25.72 44.17 10.70
C ALA D 47 -26.23 45.58 10.95
N ILE D 48 -27.28 45.98 10.21
CA ILE D 48 -27.89 47.30 10.39
C ILE D 48 -28.32 47.52 11.83
N GLN D 49 -28.93 46.48 12.41
CA GLN D 49 -29.43 46.58 13.77
C GLN D 49 -28.28 46.57 14.76
N LEU D 50 -27.12 46.08 14.33
CA LEU D 50 -25.92 46.10 15.18
C LEU D 50 -25.20 47.44 15.14
N ALA D 51 -25.32 48.15 14.01
CA ALA D 51 -24.66 49.44 13.85
C ALA D 51 -25.27 50.48 14.78
N LYS D 52 -26.52 50.27 15.16
CA LYS D 52 -27.22 51.19 16.05
C LYS D 52 -26.70 51.09 17.48
N VAL D 53 -26.18 49.93 17.86
CA VAL D 53 -25.80 49.67 19.24
C VAL D 53 -24.29 49.53 19.46
N ARG D 54 -23.58 49.11 18.41
CA ARG D 54 -22.14 48.91 18.52
C ARG D 54 -21.37 50.03 17.82
N LYS D 55 -20.12 50.24 18.24
CA LYS D 55 -19.33 51.35 17.71
C LYS D 55 -19.16 51.25 16.20
N SER D 56 -18.65 50.11 15.73
CA SER D 56 -18.49 49.88 14.29
C SER D 56 -18.81 48.43 13.95
N VAL D 57 -19.31 48.20 12.73
CA VAL D 57 -19.72 46.85 12.34
C VAL D 57 -19.23 46.51 10.95
N LEU D 58 -18.46 45.43 10.86
CA LEU D 58 -17.97 44.93 9.57
C LEU D 58 -18.74 43.70 9.11
N LEU D 59 -19.12 43.69 7.84
CA LEU D 59 -19.93 42.63 7.27
C LEU D 59 -19.15 41.91 6.18
N ILE D 60 -18.47 40.82 6.54
CA ILE D 60 -17.68 40.07 5.57
C ILE D 60 -18.49 38.91 5.00
N SER D 61 -18.32 38.63 3.72
CA SER D 61 -19.15 37.61 3.06
C SER D 61 -18.37 36.54 2.30
N THR D 62 -18.63 35.30 2.70
CA THR D 62 -18.03 34.12 2.09
C THR D 62 -18.91 33.63 0.94
N ASP D 63 -20.10 34.24 0.83
CA ASP D 63 -21.09 33.86 -0.17
C ASP D 63 -20.60 34.17 -1.58
N PRO D 64 -20.46 33.13 -2.41
CA PRO D 64 -19.98 33.24 -3.79
C PRO D 64 -20.93 34.00 -4.70
N ALA D 65 -22.17 34.19 -4.26
CA ALA D 65 -23.18 34.89 -5.07
C ALA D 65 -23.05 36.38 -4.85
N HIS D 66 -22.33 36.74 -3.79
CA HIS D 66 -22.15 38.12 -3.40
C HIS D 66 -23.49 38.86 -3.51
N ASN D 67 -24.52 38.30 -2.89
CA ASN D 67 -25.83 38.92 -2.83
C ASN D 67 -25.80 40.11 -1.89
N LEU D 68 -24.66 40.27 -1.23
CA LEU D 68 -24.45 41.37 -0.32
C LEU D 68 -24.53 42.69 -1.08
N SER D 69 -24.26 42.64 -2.39
CA SER D 69 -24.32 43.81 -3.24
C SER D 69 -25.74 44.05 -3.72
N ASP D 70 -26.36 43.01 -4.27
CA ASP D 70 -27.73 43.10 -4.77
C ASP D 70 -28.69 43.53 -3.67
N ALA D 71 -28.36 43.20 -2.42
CA ALA D 71 -29.19 43.57 -1.28
C ALA D 71 -29.16 45.06 -1.02
N PHE D 72 -27.96 45.62 -0.85
CA PHE D 72 -27.80 47.04 -0.56
C PHE D 72 -27.79 47.90 -1.82
N GLY D 73 -27.82 47.27 -2.99
CA GLY D 73 -27.69 47.97 -4.25
C GLY D 73 -26.42 48.79 -4.30
N GLN D 74 -25.30 48.14 -4.05
CA GLN D 74 -24.00 48.81 -4.00
C GLN D 74 -22.89 47.80 -4.20
N LYS D 75 -21.88 48.16 -4.99
CA LYS D 75 -20.80 47.24 -5.33
C LYS D 75 -19.75 47.11 -4.23
N PHE D 76 -19.54 45.88 -3.76
CA PHE D 76 -18.53 45.61 -2.75
C PHE D 76 -17.43 44.76 -3.36
N GLY D 77 -16.23 44.87 -2.81
CA GLY D 77 -15.09 44.10 -3.31
C GLY D 77 -14.34 43.45 -2.17
N LYS D 78 -13.04 43.21 -2.37
CA LYS D 78 -12.23 42.63 -1.31
C LYS D 78 -11.79 43.72 -0.34
N GLU D 79 -12.00 44.97 -0.74
CA GLU D 79 -11.71 46.12 0.10
C GLU D 79 -12.96 46.51 0.89
N ALA D 80 -12.83 46.60 2.20
CA ALA D 80 -13.95 47.01 3.05
C ALA D 80 -14.42 48.44 2.73
N ARG D 81 -15.60 48.55 2.14
CA ARG D 81 -16.18 49.86 1.86
C ARG D 81 -17.25 50.19 2.89
N LEU D 82 -17.63 51.45 2.95
CA LEU D 82 -18.66 51.89 3.88
C LEU D 82 -20.02 51.73 3.20
N VAL D 83 -20.92 50.96 3.81
CA VAL D 83 -22.26 50.82 3.26
C VAL D 83 -22.92 52.21 3.18
N ASP D 84 -23.46 52.54 2.01
CA ASP D 84 -23.80 53.91 1.66
C ASP D 84 -24.55 54.75 2.70
N GLY D 85 -25.65 54.24 3.22
CA GLY D 85 -26.46 55.04 4.13
C GLY D 85 -25.95 55.16 5.56
N TYR D 86 -24.74 54.65 5.81
CA TYR D 86 -24.27 54.50 7.20
C TYR D 86 -22.91 55.13 7.44
N SER D 87 -22.49 55.15 8.71
CA SER D 87 -21.21 55.77 9.07
C SER D 87 -20.30 54.80 9.82
N ASN D 88 -20.88 53.75 10.38
CA ASN D 88 -20.12 52.74 11.12
C ASN D 88 -20.35 51.31 10.61
N LEU D 89 -21.07 51.19 9.50
CA LEU D 89 -21.34 49.90 8.89
C LEU D 89 -20.58 49.74 7.57
N SER D 90 -19.73 48.72 7.50
CA SER D 90 -18.94 48.49 6.30
C SER D 90 -19.05 47.03 5.85
N ALA D 91 -18.90 46.80 4.54
CA ALA D 91 -19.06 45.47 3.97
C ALA D 91 -17.90 45.09 3.06
N MET D 92 -17.48 43.82 3.14
CA MET D 92 -16.48 43.30 2.22
C MET D 92 -16.84 41.89 1.77
N GLU D 93 -16.35 41.53 0.59
CA GLU D 93 -16.63 40.21 0.03
C GLU D 93 -15.33 39.45 -0.23
N ILE D 94 -15.08 38.44 0.59
CA ILE D 94 -13.87 37.66 0.52
C ILE D 94 -13.85 36.74 -0.70
N ASP D 95 -12.71 36.65 -1.35
CA ASP D 95 -12.53 35.70 -2.44
C ASP D 95 -11.81 34.48 -1.90
N PRO D 96 -12.30 33.29 -2.25
CA PRO D 96 -11.72 32.04 -1.77
C PRO D 96 -10.22 31.93 -2.12
N ASN D 97 -9.90 32.05 -3.40
CA ASN D 97 -8.51 31.96 -3.86
C ASN D 97 -7.89 30.58 -3.81
N GLY D 98 -8.63 29.56 -4.22
CA GLY D 98 -8.07 28.23 -4.38
C GLY D 98 -7.19 28.23 -5.61
N SER D 99 -6.04 27.55 -5.53
CA SER D 99 -5.08 27.53 -6.63
C SER D 99 -5.21 26.29 -7.50
N ILE D 100 -4.52 26.28 -8.63
CA ILE D 100 -4.52 25.10 -9.49
C ILE D 100 -3.88 23.95 -8.72
N GLN D 101 -2.88 24.25 -7.91
CA GLN D 101 -2.26 23.25 -7.05
C GLN D 101 -3.29 22.73 -6.05
N ASP D 102 -3.98 23.65 -5.38
CA ASP D 102 -5.02 23.30 -4.41
C ASP D 102 -5.95 22.26 -4.99
N LEU D 103 -6.39 22.50 -6.23
CA LEU D 103 -7.29 21.61 -6.94
C LEU D 103 -6.63 20.27 -7.24
N LEU D 104 -5.46 20.32 -7.88
CA LEU D 104 -4.71 19.12 -8.22
C LEU D 104 -4.44 18.23 -7.02
N ALA D 105 -4.44 18.81 -5.82
CA ALA D 105 -4.06 18.08 -4.61
C ALA D 105 -5.19 17.22 -4.02
N SER D 106 -6.41 17.42 -4.50
CA SER D 106 -7.55 16.65 -4.00
C SER D 106 -7.65 15.30 -4.70
N GLN D 125 -21.39 12.47 -3.83
CA GLN D 125 -20.58 12.60 -5.05
C GLN D 125 -19.89 13.96 -5.11
N ASP D 126 -20.27 14.86 -4.21
CA ASP D 126 -19.79 16.24 -4.21
C ASP D 126 -18.75 16.53 -3.11
N LEU D 127 -18.60 15.58 -2.18
CA LEU D 127 -17.66 15.73 -1.07
C LEU D 127 -16.24 15.42 -1.51
N ALA D 128 -15.93 15.69 -2.77
CA ALA D 128 -14.60 15.43 -3.32
C ALA D 128 -13.77 16.71 -3.30
N PHE D 129 -14.45 17.85 -3.31
CA PHE D 129 -13.81 19.15 -3.24
C PHE D 129 -14.10 19.80 -1.91
N SER D 130 -14.31 19.00 -0.88
CA SER D 130 -14.76 19.54 0.40
C SER D 130 -13.61 19.99 1.29
N ILE D 131 -12.44 19.38 1.12
CA ILE D 131 -11.26 19.80 1.87
C ILE D 131 -10.54 20.95 1.18
N PRO D 132 -10.29 22.04 1.92
CA PRO D 132 -9.64 23.23 1.37
C PRO D 132 -8.15 23.02 1.13
N GLY D 133 -7.58 23.74 0.18
CA GLY D 133 -6.16 23.66 -0.12
C GLY D 133 -5.33 24.59 0.76
N VAL D 134 -4.03 24.35 0.82
CA VAL D 134 -3.13 25.17 1.63
C VAL D 134 -3.09 26.63 1.18
N ASP D 135 -3.26 26.85 -0.12
CA ASP D 135 -3.25 28.19 -0.67
C ASP D 135 -4.49 28.98 -0.26
N GLU D 136 -5.65 28.34 -0.37
CA GLU D 136 -6.89 28.99 0.01
C GLU D 136 -6.90 29.30 1.50
N ALA D 137 -6.51 28.31 2.30
CA ALA D 137 -6.42 28.48 3.75
C ALA D 137 -5.53 29.68 4.08
N MET D 138 -4.37 29.72 3.46
CA MET D 138 -3.42 30.81 3.66
C MET D 138 -4.05 32.17 3.32
N SER D 139 -4.75 32.24 2.19
CA SER D 139 -5.36 33.49 1.76
C SER D 139 -6.38 34.02 2.77
N PHE D 140 -7.24 33.14 3.26
CA PHE D 140 -8.22 33.53 4.28
C PHE D 140 -7.51 34.05 5.53
N ALA D 141 -6.48 33.32 5.97
CA ALA D 141 -5.67 33.74 7.12
C ALA D 141 -5.14 35.15 6.91
N GLU D 142 -4.71 35.44 5.68
CA GLU D 142 -4.19 36.76 5.36
C GLU D 142 -5.28 37.83 5.47
N VAL D 143 -6.52 37.46 5.13
CA VAL D 143 -7.65 38.37 5.22
C VAL D 143 -8.01 38.64 6.68
N LEU D 144 -8.07 37.58 7.48
CA LEU D 144 -8.26 37.74 8.91
C LEU D 144 -7.22 38.70 9.47
N LYS D 145 -5.99 38.58 8.98
CA LYS D 145 -4.90 39.46 9.41
C LYS D 145 -5.28 40.91 9.17
N GLN D 146 -5.67 41.22 7.93
CA GLN D 146 -6.16 42.55 7.57
C GLN D 146 -7.25 43.02 8.51
N VAL D 147 -8.28 42.20 8.63
CA VAL D 147 -9.48 42.54 9.39
C VAL D 147 -9.18 42.96 10.83
N LYS D 148 -8.24 42.25 11.46
CA LYS D 148 -7.87 42.54 12.84
C LYS D 148 -7.21 43.91 12.96
N SER D 149 -6.41 44.27 11.96
CA SER D 149 -5.78 45.59 11.91
C SER D 149 -6.80 46.71 11.89
N LEU D 150 -7.87 46.51 11.12
CA LEU D 150 -8.92 47.52 10.98
C LEU D 150 -9.62 47.84 12.29
N SER D 151 -9.53 46.93 13.26
CA SER D 151 -10.18 47.13 14.56
C SER D 151 -11.66 47.51 14.41
N TYR D 152 -12.43 46.64 13.78
CA TYR D 152 -13.88 46.79 13.77
C TYR D 152 -14.43 46.18 15.06
N GLU D 153 -15.37 46.89 15.68
CA GLU D 153 -15.94 46.47 16.97
C GLU D 153 -16.48 45.05 16.94
N VAL D 154 -17.36 44.76 15.99
CA VAL D 154 -17.98 43.44 15.85
C VAL D 154 -18.11 43.09 14.38
N ILE D 155 -18.09 41.80 14.07
CA ILE D 155 -18.16 41.35 12.68
C ILE D 155 -19.32 40.40 12.40
N VAL D 156 -20.15 40.77 11.44
CA VAL D 156 -21.19 39.88 10.96
C VAL D 156 -20.70 39.06 9.76
N PHE D 157 -20.74 37.74 9.91
CA PHE D 157 -20.16 36.83 8.93
C PHE D 157 -21.25 36.21 8.05
N ASP D 158 -21.41 36.75 6.84
CA ASP D 158 -22.36 36.23 5.87
C ASP D 158 -21.79 34.94 5.25
N THR D 159 -22.20 33.80 5.77
CA THR D 159 -21.70 32.49 5.31
C THR D 159 -22.20 32.12 3.91
N ALA D 160 -21.55 31.13 3.31
CA ALA D 160 -21.98 30.63 2.02
C ALA D 160 -23.12 29.64 2.18
N PRO D 161 -24.24 29.88 1.49
CA PRO D 161 -25.45 29.04 1.56
C PRO D 161 -25.29 27.74 0.80
N THR D 162 -24.05 27.29 0.57
CA THR D 162 -23.80 26.10 -0.23
C THR D 162 -23.59 24.87 0.65
N GLY D 163 -22.90 23.88 0.11
CA GLY D 163 -22.60 22.67 0.86
C GLY D 163 -21.40 22.88 1.77
N HIS D 164 -20.69 23.98 1.54
CA HIS D 164 -19.44 24.23 2.26
C HIS D 164 -19.53 25.42 3.18
N THR D 165 -20.70 25.61 3.80
CA THR D 165 -20.93 26.71 4.72
C THR D 165 -19.82 26.82 5.78
N LEU D 166 -19.41 25.67 6.32
CA LEU D 166 -18.43 25.65 7.41
C LEU D 166 -17.04 25.23 6.94
N ARG D 167 -16.79 25.33 5.64
CA ARG D 167 -15.51 24.91 5.09
C ARG D 167 -14.31 25.60 5.75
N PHE D 168 -14.48 26.86 6.14
CA PHE D 168 -13.38 27.63 6.72
C PHE D 168 -12.91 27.09 8.07
N LEU D 169 -13.66 26.14 8.62
CA LEU D 169 -13.31 25.56 9.92
C LEU D 169 -12.22 24.50 9.80
N GLN D 170 -11.82 24.20 8.56
CA GLN D 170 -10.74 23.25 8.31
C GLN D 170 -9.40 23.96 8.11
N PHE D 171 -9.46 25.28 7.98
CA PHE D 171 -8.24 26.07 7.75
C PHE D 171 -7.18 25.90 8.85
N PRO D 172 -7.61 25.72 10.11
CA PRO D 172 -6.63 25.48 11.18
C PRO D 172 -5.85 24.19 10.98
N THR D 173 -6.57 23.08 10.75
CA THR D 173 -5.92 21.79 10.56
C THR D 173 -5.13 21.75 9.24
N VAL D 174 -5.61 22.45 8.23
CA VAL D 174 -4.90 22.54 6.95
C VAL D 174 -3.53 23.19 7.11
N LEU D 175 -3.50 24.36 7.75
CA LEU D 175 -2.26 25.09 7.95
C LEU D 175 -1.32 24.38 8.93
N GLU D 176 -1.88 23.72 9.94
CA GLU D 176 -1.04 23.00 10.88
C GLU D 176 -0.31 21.86 10.19
N LYS D 177 -1.02 21.14 9.32
CA LYS D 177 -0.40 20.05 8.58
C LYS D 177 0.67 20.57 7.63
N ALA D 178 0.42 21.73 7.04
CA ALA D 178 1.40 22.38 6.20
C ALA D 178 2.62 22.77 7.05
N LEU D 179 2.39 23.53 8.12
CA LEU D 179 3.48 23.97 9.00
C LEU D 179 4.30 22.78 9.49
N ALA D 180 3.66 21.62 9.56
CA ALA D 180 4.32 20.40 10.01
C ALA D 180 5.23 19.82 8.94
N LYS D 181 4.68 19.60 7.75
CA LYS D 181 5.44 19.11 6.61
C LYS D 181 6.57 20.08 6.27
N LEU D 182 6.34 21.36 6.54
CA LEU D 182 7.32 22.38 6.25
C LEU D 182 8.46 22.33 7.27
N SER D 183 8.12 22.16 8.54
CA SER D 183 9.13 22.06 9.60
C SER D 183 9.96 20.78 9.45
N GLN D 184 9.30 19.69 9.08
CA GLN D 184 9.98 18.41 8.84
C GLN D 184 10.93 18.54 7.66
N LEU D 185 10.55 19.38 6.71
CA LEU D 185 11.39 19.65 5.53
C LEU D 185 12.56 20.57 5.86
N SER D 186 12.53 21.18 7.05
CA SER D 186 13.61 22.07 7.45
C SER D 186 14.79 21.30 8.03
N SER D 187 14.53 20.07 8.46
CA SER D 187 15.58 19.19 8.97
C SER D 187 16.44 18.64 7.84
N GLN D 188 16.10 19.04 6.61
CA GLN D 188 16.86 18.68 5.42
C GLN D 188 17.74 19.83 4.96
N PHE D 189 18.59 20.31 5.86
CA PHE D 189 19.63 21.29 5.56
C PHE D 189 20.37 21.71 6.82
N SER D 195 27.86 26.50 3.23
CA SER D 195 28.24 25.68 2.08
C SER D 195 28.88 26.50 0.96
N ILE D 196 29.96 25.97 0.39
CA ILE D 196 30.73 26.66 -0.65
C ILE D 196 29.89 27.02 -1.87
N LEU D 197 28.80 26.29 -2.09
CA LEU D 197 27.99 26.48 -3.27
C LEU D 197 27.42 27.90 -3.37
N GLY D 198 27.23 28.57 -2.24
CA GLY D 198 26.65 29.90 -2.23
C GLY D 198 25.30 29.96 -2.93
N ALA D 199 25.10 30.97 -3.76
CA ALA D 199 23.84 31.19 -4.47
C ALA D 199 23.29 29.92 -5.09
N ARG D 200 24.18 29.09 -5.60
CA ARG D 200 23.79 27.90 -6.32
C ARG D 200 23.53 26.72 -5.37
N GLY D 201 23.57 27.01 -4.07
CA GLY D 201 23.39 25.99 -3.06
C GLY D 201 22.04 26.09 -2.40
N GLY D 202 21.11 26.77 -3.06
CA GLY D 202 19.77 26.90 -2.54
C GLY D 202 18.88 25.75 -2.98
N LEU D 203 17.58 25.89 -2.72
CA LEU D 203 16.62 24.95 -3.26
C LEU D 203 16.34 25.33 -4.70
N PRO D 204 16.23 24.33 -5.58
CA PRO D 204 15.80 24.71 -6.93
C PRO D 204 14.34 25.11 -6.81
N GLY D 205 13.94 26.19 -7.47
CA GLY D 205 12.58 26.66 -7.31
C GLY D 205 12.61 27.91 -6.47
N GLY D 206 13.68 28.06 -5.70
CA GLY D 206 13.98 29.31 -5.04
C GLY D 206 13.31 29.52 -3.71
N GLN D 207 12.60 28.51 -3.24
CA GLN D 207 11.92 28.60 -1.95
C GLN D 207 12.93 28.72 -0.81
N ASN D 208 12.70 29.66 0.09
CA ASN D 208 13.51 29.76 1.30
C ASN D 208 12.74 29.16 2.47
N ILE D 209 13.14 27.96 2.87
CA ILE D 209 12.41 27.23 3.91
C ILE D 209 12.26 28.02 5.22
N ASP D 210 13.36 28.48 5.78
CA ASP D 210 13.31 29.23 7.04
C ASP D 210 12.49 30.50 6.91
N GLU D 211 12.33 30.97 5.68
CA GLU D 211 11.60 32.19 5.40
C GLU D 211 10.09 31.93 5.28
N LEU D 212 9.75 30.71 4.88
CA LEU D 212 8.36 30.30 4.75
C LEU D 212 7.84 29.75 6.08
N LEU D 213 8.74 29.13 6.83
CA LEU D 213 8.40 28.64 8.16
C LEU D 213 7.87 29.80 9.01
N GLN D 214 8.19 31.01 8.60
CA GLN D 214 7.73 32.21 9.29
C GLN D 214 6.34 32.63 8.86
N LYS D 215 6.12 32.76 7.55
CA LYS D 215 4.79 33.10 7.05
C LYS D 215 3.77 32.08 7.54
N MET D 216 4.18 30.82 7.54
CA MET D 216 3.29 29.73 7.93
C MET D 216 2.99 29.76 9.43
N GLU D 217 4.02 29.99 10.24
CA GLU D 217 3.83 30.08 11.68
C GLU D 217 2.93 31.28 11.99
N SER D 218 3.18 32.38 11.29
CA SER D 218 2.44 33.62 11.52
C SER D 218 0.98 33.52 11.10
N LEU D 219 0.73 32.79 10.03
CA LEU D 219 -0.64 32.60 9.57
C LEU D 219 -1.38 31.57 10.42
N ARG D 220 -0.65 30.59 10.94
CA ARG D 220 -1.23 29.57 11.81
C ARG D 220 -1.68 30.22 13.12
N GLU D 221 -0.86 31.14 13.60
CA GLU D 221 -1.16 31.84 14.84
C GLU D 221 -2.40 32.73 14.69
N THR D 222 -2.48 33.43 13.55
CA THR D 222 -3.65 34.26 13.27
C THR D 222 -4.89 33.39 13.15
N ILE D 223 -4.77 32.27 12.45
CA ILE D 223 -5.88 31.34 12.30
C ILE D 223 -6.28 30.74 13.65
N SER D 224 -5.30 30.34 14.45
CA SER D 224 -5.61 29.74 15.74
C SER D 224 -6.30 30.71 16.70
N GLU D 225 -5.86 31.96 16.72
CA GLU D 225 -6.51 32.97 17.54
C GLU D 225 -8.00 33.02 17.21
N VAL D 226 -8.30 33.30 15.95
CA VAL D 226 -9.69 33.47 15.52
C VAL D 226 -10.51 32.20 15.75
N ASN D 227 -9.88 31.04 15.64
CA ASN D 227 -10.60 29.77 15.78
C ASN D 227 -11.04 29.50 17.21
N THR D 228 -10.17 29.76 18.18
CA THR D 228 -10.53 29.55 19.58
C THR D 228 -11.44 30.68 20.08
N GLN D 229 -11.52 31.76 19.30
CA GLN D 229 -12.50 32.81 19.55
C GLN D 229 -13.87 32.32 19.09
N PHE D 230 -13.90 31.69 17.92
CA PHE D 230 -15.10 31.07 17.40
C PHE D 230 -15.72 30.13 18.44
N LYS D 231 -14.86 29.36 19.11
CA LYS D 231 -15.30 28.33 20.06
C LYS D 231 -15.64 28.90 21.42
N ASN D 232 -15.53 30.22 21.57
CA ASN D 232 -15.89 30.91 22.80
C ASN D 232 -17.26 31.57 22.69
N PRO D 233 -18.26 31.01 23.38
CA PRO D 233 -19.65 31.47 23.30
C PRO D 233 -19.81 32.94 23.64
N ASP D 234 -18.91 33.48 24.46
CA ASP D 234 -18.96 34.89 24.84
C ASP D 234 -18.63 35.81 23.68
N MET D 235 -17.84 35.29 22.74
CA MET D 235 -17.35 36.09 21.62
C MET D 235 -18.02 35.73 20.29
N THR D 236 -18.46 34.48 20.14
CA THR D 236 -18.96 34.00 18.87
C THR D 236 -20.23 33.17 18.99
N THR D 237 -21.27 33.56 18.25
CA THR D 237 -22.51 32.80 18.16
C THR D 237 -22.98 32.73 16.71
N PHE D 238 -23.82 31.75 16.42
CA PHE D 238 -24.26 31.47 15.06
C PHE D 238 -25.77 31.59 14.97
N VAL D 239 -26.25 32.35 13.99
CA VAL D 239 -27.68 32.58 13.80
C VAL D 239 -28.20 31.88 12.55
N CYS D 240 -29.07 30.91 12.73
CA CYS D 240 -29.62 30.18 11.58
C CYS D 240 -30.80 30.91 10.95
N VAL D 241 -30.99 30.72 9.65
CA VAL D 241 -32.17 31.22 8.96
C VAL D 241 -32.81 30.07 8.18
N CYS D 242 -34.14 30.05 8.12
CA CYS D 242 -34.80 28.95 7.45
C CYS D 242 -36.22 29.30 7.01
N ILE D 243 -36.77 28.51 6.11
CA ILE D 243 -38.18 28.60 5.78
C ILE D 243 -38.88 27.61 6.69
N ALA D 244 -40.22 27.71 6.77
CA ALA D 244 -41.00 26.69 7.44
C ALA D 244 -41.45 25.64 6.43
N GLU D 245 -40.46 24.95 5.87
CA GLU D 245 -40.68 23.80 5.00
C GLU D 245 -39.90 22.65 5.59
N PHE D 246 -40.08 21.45 5.06
CA PHE D 246 -39.34 20.30 5.56
C PHE D 246 -37.86 20.40 5.20
N LEU D 247 -37.59 20.50 3.90
CA LEU D 247 -36.21 20.51 3.41
C LEU D 247 -35.32 21.56 4.09
N SER D 248 -35.93 22.62 4.60
CA SER D 248 -35.18 23.67 5.29
C SER D 248 -35.01 23.36 6.79
N LEU D 249 -36.10 22.91 7.43
CA LEU D 249 -36.03 22.48 8.82
C LEU D 249 -35.04 21.34 8.98
N TYR D 250 -34.97 20.50 7.96
CA TYR D 250 -34.02 19.39 7.94
C TYR D 250 -32.60 19.90 7.84
N GLU D 251 -32.34 20.65 6.76
CA GLU D 251 -31.02 21.22 6.54
C GLU D 251 -30.57 22.04 7.75
N THR D 252 -31.54 22.59 8.50
CA THR D 252 -31.25 23.39 9.68
C THR D 252 -30.72 22.57 10.86
N GLU D 253 -31.41 21.50 11.21
CA GLU D 253 -30.95 20.62 12.29
C GLU D 253 -29.62 20.00 11.91
N ARG D 254 -29.44 19.78 10.61
CA ARG D 254 -28.21 19.20 10.09
C ARG D 254 -27.03 20.14 10.33
N MET D 255 -27.25 21.43 10.08
CA MET D 255 -26.19 22.43 10.20
C MET D 255 -25.88 22.74 11.66
N ILE D 256 -26.88 22.62 12.53
CA ILE D 256 -26.69 22.86 13.96
C ILE D 256 -25.88 21.72 14.56
N GLN D 257 -26.07 20.51 14.03
CA GLN D 257 -25.32 19.35 14.48
C GLN D 257 -23.84 19.55 14.18
N GLU D 258 -23.54 19.95 12.95
CA GLU D 258 -22.17 20.15 12.54
C GLU D 258 -21.54 21.30 13.33
N LEU D 259 -22.35 22.31 13.63
CA LEU D 259 -21.89 23.45 14.43
C LEU D 259 -21.57 23.05 15.86
N THR D 260 -22.47 22.29 16.47
CA THR D 260 -22.27 21.79 17.83
C THR D 260 -21.00 20.94 17.91
N SER D 261 -20.71 20.21 16.84
CA SER D 261 -19.53 19.36 16.80
C SER D 261 -18.24 20.18 16.80
N TYR D 262 -18.17 21.17 15.92
CA TYR D 262 -17.00 22.05 15.84
C TYR D 262 -16.85 22.86 17.13
N GLY D 263 -17.90 22.87 17.95
CA GLY D 263 -17.88 23.56 19.23
C GLY D 263 -18.32 25.02 19.17
N ILE D 264 -19.02 25.38 18.09
CA ILE D 264 -19.45 26.75 17.88
C ILE D 264 -20.87 26.99 18.37
N ASP D 265 -21.02 27.97 19.27
CA ASP D 265 -22.30 28.27 19.89
C ASP D 265 -23.38 28.66 18.88
N THR D 266 -24.60 28.19 19.11
CA THR D 266 -25.77 28.60 18.34
C THR D 266 -27.02 28.52 19.20
N HIS D 267 -27.83 29.57 19.19
CA HIS D 267 -29.00 29.65 20.06
C HIS D 267 -30.12 30.52 19.50
N ALA D 268 -30.14 30.72 18.19
CA ALA D 268 -31.12 31.60 17.58
C ALA D 268 -31.46 31.19 16.16
N ILE D 269 -32.75 30.97 15.91
CA ILE D 269 -33.22 30.60 14.57
C ILE D 269 -34.21 31.62 14.03
N VAL D 270 -33.93 32.17 12.86
CA VAL D 270 -34.87 33.09 12.23
C VAL D 270 -35.70 32.32 11.22
N VAL D 271 -37.01 32.24 11.47
CA VAL D 271 -37.91 31.55 10.56
C VAL D 271 -38.58 32.56 9.62
N ASN D 272 -38.11 32.61 8.39
CA ASN D 272 -38.50 33.65 7.44
C ASN D 272 -39.72 33.33 6.55
N GLN D 273 -40.20 34.33 5.83
CA GLN D 273 -41.27 34.17 4.84
C GLN D 273 -42.57 33.56 5.38
N LEU D 274 -42.88 33.82 6.65
CA LEU D 274 -44.09 33.24 7.26
C LEU D 274 -45.37 33.96 6.83
N LEU D 275 -46.46 33.20 6.74
CA LEU D 275 -47.78 33.76 6.46
C LEU D 275 -48.51 33.99 7.78
N PHE D 276 -49.20 35.13 7.89
CA PHE D 276 -49.95 35.45 9.09
C PHE D 276 -51.43 35.59 8.80
N PRO D 277 -52.28 35.48 9.84
CA PRO D 277 -53.74 35.63 9.68
C PRO D 277 -54.13 37.04 9.25
N GLY D 282 -61.05 35.58 3.83
CA GLY D 282 -61.89 35.53 2.66
C GLY D 282 -61.31 34.67 1.56
N CYS D 283 -60.05 34.26 1.74
CA CYS D 283 -59.34 33.41 0.78
C CYS D 283 -58.96 32.06 1.40
N GLU D 284 -59.65 31.01 0.98
CA GLU D 284 -59.59 29.71 1.66
C GLU D 284 -58.27 28.95 1.49
N GLN D 285 -57.81 28.81 0.25
CA GLN D 285 -56.63 28.01 -0.03
C GLN D 285 -55.36 28.50 0.65
N CYS D 286 -55.27 29.79 0.89
CA CYS D 286 -54.13 30.36 1.58
C CYS D 286 -54.17 29.97 3.06
N ASN D 287 -55.38 29.81 3.60
CA ASN D 287 -55.56 29.37 4.97
C ASN D 287 -54.98 27.97 5.20
N ALA D 288 -55.20 27.07 4.25
CA ALA D 288 -54.64 25.73 4.34
C ALA D 288 -53.11 25.78 4.44
N ARG D 289 -52.50 26.49 3.50
CA ARG D 289 -51.05 26.65 3.48
C ARG D 289 -50.55 27.20 4.81
N ARG D 290 -51.41 27.92 5.53
CA ARG D 290 -51.02 28.46 6.83
C ARG D 290 -51.12 27.40 7.92
N LYS D 291 -52.09 26.49 7.80
CA LYS D 291 -52.22 25.40 8.75
C LYS D 291 -50.98 24.49 8.72
N MET D 292 -50.34 24.41 7.56
CA MET D 292 -49.12 23.63 7.40
C MET D 292 -47.94 24.31 8.09
N GLN D 293 -47.84 25.62 7.94
CA GLN D 293 -46.82 26.40 8.63
C GLN D 293 -46.93 26.21 10.13
N LYS D 294 -48.16 26.28 10.63
CA LYS D 294 -48.44 26.12 12.05
C LYS D 294 -47.81 24.82 12.56
N LYS D 295 -48.00 23.76 11.79
CA LYS D 295 -47.42 22.46 12.13
C LYS D 295 -45.90 22.52 12.19
N TYR D 296 -45.27 22.92 11.10
CA TYR D 296 -43.82 23.04 11.06
C TYR D 296 -43.31 23.96 12.18
N LEU D 297 -44.09 24.99 12.49
CA LEU D 297 -43.68 26.00 13.46
C LEU D 297 -43.76 25.47 14.89
N GLU D 298 -44.72 24.58 15.14
CA GLU D 298 -44.83 23.90 16.43
C GLU D 298 -43.63 22.97 16.64
N GLN D 299 -43.25 22.25 15.58
CA GLN D 299 -42.07 21.40 15.61
C GLN D 299 -40.87 22.20 16.06
N ILE D 300 -40.64 23.32 15.37
CA ILE D 300 -39.50 24.18 15.66
C ILE D 300 -39.53 24.72 17.09
N GLU D 301 -40.70 25.15 17.54
CA GLU D 301 -40.86 25.62 18.91
C GLU D 301 -40.55 24.51 19.91
N GLU D 302 -40.69 23.26 19.46
CA GLU D 302 -40.46 22.12 20.33
C GLU D 302 -38.99 21.70 20.35
N LEU D 303 -38.43 21.45 19.17
CA LEU D 303 -37.03 21.01 19.06
C LEU D 303 -36.08 22.04 19.65
N TYR D 304 -36.34 23.32 19.35
CA TYR D 304 -35.45 24.39 19.77
C TYR D 304 -36.08 25.25 20.85
N GLU D 305 -36.47 24.61 21.94
CA GLU D 305 -37.03 25.30 23.09
C GLU D 305 -35.98 26.22 23.68
N ASP D 306 -34.72 25.80 23.58
CA ASP D 306 -33.60 26.55 24.13
C ASP D 306 -33.17 27.70 23.21
N PHE D 307 -33.85 27.85 22.09
CA PHE D 307 -33.49 28.85 21.09
C PHE D 307 -34.40 30.07 21.11
N ASN D 308 -33.86 31.22 20.70
CA ASN D 308 -34.68 32.34 20.32
C ASN D 308 -35.24 32.03 18.95
N VAL D 309 -36.56 31.89 18.84
CA VAL D 309 -37.16 31.64 17.53
C VAL D 309 -37.88 32.88 17.01
N VAL D 310 -37.19 33.65 16.17
CA VAL D 310 -37.72 34.89 15.62
C VAL D 310 -38.58 34.60 14.39
N ARG D 311 -39.75 35.23 14.33
CA ARG D 311 -40.67 35.02 13.23
C ARG D 311 -40.78 36.24 12.32
N MET D 312 -40.43 36.06 11.05
CA MET D 312 -40.49 37.14 10.08
C MET D 312 -41.57 36.87 9.05
N PRO D 313 -42.34 37.90 8.70
CA PRO D 313 -43.46 37.78 7.76
C PRO D 313 -43.00 37.79 6.32
N LEU D 314 -43.69 37.07 5.44
CA LEU D 314 -43.45 37.25 4.02
C LEU D 314 -43.94 38.64 3.65
N LEU D 315 -43.05 39.47 3.13
CA LEU D 315 -43.44 40.80 2.69
C LEU D 315 -43.82 40.80 1.22
N VAL D 316 -44.60 41.81 0.81
CA VAL D 316 -45.16 41.85 -0.54
C VAL D 316 -44.17 42.35 -1.58
N GLU D 317 -43.14 43.07 -1.14
CA GLU D 317 -42.09 43.54 -2.03
C GLU D 317 -40.73 43.05 -1.58
N GLU D 318 -39.81 42.86 -2.53
CA GLU D 318 -38.46 42.44 -2.21
C GLU D 318 -37.87 43.35 -1.15
N VAL D 319 -37.08 42.78 -0.24
CA VAL D 319 -36.41 43.57 0.79
C VAL D 319 -35.06 44.05 0.26
N ARG D 320 -35.10 45.02 -0.65
CA ARG D 320 -33.89 45.46 -1.34
C ARG D 320 -33.34 46.78 -0.83
N GLY D 321 -34.17 47.82 -0.82
CA GLY D 321 -33.70 49.12 -0.42
C GLY D 321 -32.99 49.12 0.91
N LYS D 322 -32.34 50.23 1.23
CA LYS D 322 -31.80 50.44 2.57
C LYS D 322 -32.97 50.69 3.52
N GLU D 323 -33.95 51.45 3.04
CA GLU D 323 -35.12 51.78 3.84
C GLU D 323 -35.94 50.54 4.12
N LYS D 324 -36.04 49.65 3.13
CA LYS D 324 -36.78 48.41 3.29
C LYS D 324 -36.03 47.45 4.21
N LEU D 325 -34.71 47.38 4.04
CA LEU D 325 -33.86 46.57 4.91
C LEU D 325 -33.94 47.06 6.35
N GLU D 326 -34.09 48.37 6.54
CA GLU D 326 -34.23 48.92 7.89
C GLU D 326 -35.54 48.43 8.49
N LYS D 327 -36.66 48.74 7.82
CA LYS D 327 -37.99 48.32 8.26
C LYS D 327 -38.06 46.82 8.57
N PHE D 328 -37.41 46.01 7.74
CA PHE D 328 -37.37 44.59 7.95
C PHE D 328 -36.52 44.21 9.17
N SER D 329 -35.43 44.95 9.39
CA SER D 329 -34.51 44.64 10.46
C SER D 329 -35.13 44.92 11.82
N GLU D 330 -36.13 45.79 11.83
CA GLU D 330 -36.80 46.15 13.09
C GLU D 330 -37.54 44.95 13.67
N MET D 331 -37.98 44.04 12.81
CA MET D 331 -38.72 42.86 13.26
C MET D 331 -37.84 41.77 13.84
N LEU D 332 -36.53 41.98 13.78
CA LEU D 332 -35.57 41.08 14.41
C LEU D 332 -35.47 41.38 15.91
N VAL D 333 -35.98 42.54 16.31
CA VAL D 333 -35.92 42.95 17.71
C VAL D 333 -37.30 43.29 18.29
N HIS D 334 -38.29 43.48 17.41
CA HIS D 334 -39.65 43.76 17.82
C HIS D 334 -40.65 42.85 17.10
N PRO D 335 -41.07 41.76 17.76
CA PRO D 335 -41.88 40.71 17.15
C PRO D 335 -42.99 41.27 16.28
N TYR D 336 -43.12 40.74 15.07
CA TYR D 336 -44.14 41.23 14.15
C TYR D 336 -45.54 40.94 14.66
N VAL D 337 -46.47 41.84 14.36
CA VAL D 337 -47.89 41.62 14.62
C VAL D 337 -48.73 42.26 13.52
N PRO D 338 -49.76 41.54 13.05
CA PRO D 338 -50.62 41.98 11.94
C PRO D 338 -50.85 43.48 11.93
N LEU E 12 38.81 15.61 -39.83
CA LEU E 12 38.10 15.27 -38.60
C LEU E 12 37.14 16.38 -38.15
N MET E 13 37.33 16.88 -36.94
CA MET E 13 36.45 17.90 -36.36
C MET E 13 37.23 19.01 -35.66
N GLU E 14 37.49 20.09 -36.40
CA GLU E 14 38.32 21.18 -35.94
C GLU E 14 37.94 21.70 -34.55
N PRO E 15 38.90 22.33 -33.86
CA PRO E 15 38.80 22.86 -32.50
C PRO E 15 38.03 24.17 -32.44
N THR E 16 36.82 24.17 -32.97
CA THR E 16 36.10 25.41 -33.17
C THR E 16 34.59 25.26 -33.06
N LEU E 17 33.96 26.30 -32.53
CA LEU E 17 32.51 26.39 -32.49
C LEU E 17 32.00 27.03 -33.77
N GLN E 18 32.77 26.87 -34.84
CA GLN E 18 32.38 27.45 -36.12
C GLN E 18 31.21 26.67 -36.68
N SER E 19 31.29 25.35 -36.57
CA SER E 19 30.26 24.46 -37.09
C SER E 19 28.90 24.83 -36.55
N ILE E 20 28.87 25.30 -35.30
CA ILE E 20 27.64 25.71 -34.66
C ILE E 20 27.14 27.09 -35.14
N LEU E 21 28.04 28.06 -35.16
CA LEU E 21 27.71 29.40 -35.65
C LEU E 21 27.21 29.36 -37.10
N SER E 22 27.68 28.38 -37.86
CA SER E 22 27.33 28.25 -39.27
C SER E 22 25.94 27.65 -39.48
N GLN E 23 25.45 26.91 -38.49
CA GLN E 23 24.10 26.33 -38.57
C GLN E 23 23.04 27.38 -38.34
N LYS E 24 22.35 27.77 -39.40
CA LYS E 24 21.33 28.80 -39.28
C LYS E 24 19.96 28.19 -38.97
N THR E 25 19.92 26.87 -38.79
CA THR E 25 18.70 26.19 -38.38
C THR E 25 18.64 26.02 -36.86
N LEU E 26 19.77 26.16 -36.19
CA LEU E 26 19.79 26.10 -34.73
C LEU E 26 18.91 27.21 -34.13
N ARG E 27 18.05 26.83 -33.20
CA ARG E 27 17.23 27.80 -32.47
C ARG E 27 17.51 27.76 -30.98
N TRP E 28 17.88 26.60 -30.48
CA TRP E 28 18.23 26.44 -29.06
C TRP E 28 19.67 25.95 -28.88
N ILE E 29 20.51 26.79 -28.29
CA ILE E 29 21.89 26.42 -28.02
C ILE E 29 22.22 26.49 -26.54
N PHE E 30 22.17 25.35 -25.86
CA PHE E 30 22.48 25.26 -24.43
C PHE E 30 23.97 25.46 -24.17
N VAL E 31 24.29 25.98 -22.99
CA VAL E 31 25.69 26.05 -22.54
C VAL E 31 25.76 25.64 -21.09
N GLY E 32 26.41 24.51 -20.83
CA GLY E 32 26.46 23.98 -19.48
C GLY E 32 27.85 23.55 -19.07
N GLY E 33 28.07 23.49 -17.77
CA GLY E 33 29.39 23.15 -17.24
C GLY E 33 29.40 23.43 -15.75
N LYS E 34 29.78 22.43 -14.97
CA LYS E 34 29.61 22.55 -13.52
C LYS E 34 30.93 22.90 -12.83
N GLY E 35 30.84 23.76 -11.81
CA GLY E 35 31.97 24.00 -10.92
C GLY E 35 32.92 25.14 -11.25
N GLY E 36 32.38 26.27 -11.68
CA GLY E 36 33.20 27.44 -11.94
C GLY E 36 34.26 27.26 -13.02
N VAL E 37 33.93 26.51 -14.06
CA VAL E 37 34.84 26.28 -15.17
C VAL E 37 34.81 27.42 -16.21
N GLY E 38 33.93 28.39 -16.00
CA GLY E 38 33.77 29.45 -16.97
C GLY E 38 32.58 29.20 -17.86
N LYS E 39 31.53 28.60 -17.30
CA LYS E 39 30.30 28.36 -18.02
C LYS E 39 29.67 29.69 -18.45
N THR E 40 29.52 30.59 -17.48
CA THR E 40 28.88 31.87 -17.74
C THR E 40 29.64 32.69 -18.79
N THR E 41 30.98 32.70 -18.70
CA THR E 41 31.78 33.43 -19.68
C THR E 41 31.58 32.88 -21.08
N THR E 42 31.49 31.55 -21.19
CA THR E 42 31.26 30.89 -22.48
C THR E 42 29.88 31.22 -23.06
N SER E 43 28.85 31.21 -22.21
CA SER E 43 27.50 31.53 -22.62
C SER E 43 27.44 32.92 -23.25
N CYS E 44 28.12 33.89 -22.63
CA CYS E 44 28.17 35.25 -23.15
C CYS E 44 28.98 35.32 -24.44
N SER E 45 30.14 34.68 -24.42
CA SER E 45 31.05 34.67 -25.57
C SER E 45 30.41 34.07 -26.81
N LEU E 46 29.74 32.94 -26.62
CA LEU E 46 29.02 32.29 -27.71
C LEU E 46 27.93 33.21 -28.23
N ALA E 47 27.23 33.88 -27.31
CA ALA E 47 26.15 34.79 -27.69
C ALA E 47 26.66 35.99 -28.50
N ILE E 48 27.72 36.63 -28.01
CA ILE E 48 28.35 37.72 -28.75
C ILE E 48 28.72 37.29 -30.16
N GLN E 49 29.37 36.12 -30.27
CA GLN E 49 29.83 35.61 -31.56
C GLN E 49 28.66 35.21 -32.45
N LEU E 50 27.51 34.95 -31.84
CA LEU E 50 26.30 34.59 -32.59
C LEU E 50 25.62 35.82 -33.16
N ALA E 51 25.65 36.91 -32.39
CA ALA E 51 25.06 38.17 -32.82
C ALA E 51 25.65 38.62 -34.15
N LYS E 52 26.91 38.27 -34.37
CA LYS E 52 27.63 38.68 -35.58
C LYS E 52 27.07 38.01 -36.83
N VAL E 53 26.45 36.85 -36.66
CA VAL E 53 26.05 36.04 -37.79
C VAL E 53 24.53 35.85 -37.91
N ARG E 54 23.83 35.88 -36.78
CA ARG E 54 22.37 35.71 -36.76
C ARG E 54 21.67 37.05 -36.61
N LYS E 55 20.40 37.12 -37.03
CA LYS E 55 19.65 38.37 -37.03
C LYS E 55 19.52 38.95 -35.63
N SER E 56 19.02 38.16 -34.69
CA SER E 56 18.88 38.58 -33.29
C SER E 56 19.11 37.38 -32.37
N VAL E 57 19.70 37.63 -31.21
CA VAL E 57 20.06 36.55 -30.30
C VAL E 57 19.57 36.85 -28.89
N LEU E 58 18.82 35.92 -28.31
CA LEU E 58 18.37 36.09 -26.91
C LEU E 58 19.15 35.19 -25.95
N LEU E 59 19.57 35.75 -24.83
CA LEU E 59 20.38 35.04 -23.85
C LEU E 59 19.60 34.88 -22.55
N ILE E 60 18.91 33.75 -22.37
CA ILE E 60 18.16 33.52 -21.14
C ILE E 60 18.98 32.69 -20.15
N SER E 61 18.79 32.95 -18.85
CA SER E 61 19.62 32.32 -17.83
C SER E 61 18.85 31.72 -16.67
N THR E 62 19.03 30.41 -16.50
CA THR E 62 18.42 29.63 -15.46
C THR E 62 19.34 29.63 -14.23
N ASP E 63 20.53 30.18 -14.41
CA ASP E 63 21.58 30.19 -13.39
C ASP E 63 21.23 31.11 -12.23
N PRO E 64 21.10 30.54 -11.03
CA PRO E 64 20.70 31.21 -9.78
C PRO E 64 21.69 32.26 -9.28
N ALA E 65 22.91 32.24 -9.80
CA ALA E 65 23.90 33.23 -9.40
C ALA E 65 23.73 34.50 -10.22
N HIS E 66 22.96 34.39 -11.30
CA HIS E 66 22.75 35.49 -12.23
C HIS E 66 24.07 36.17 -12.56
N ASN E 67 25.09 35.36 -12.84
CA ASN E 67 26.39 35.85 -13.26
C ASN E 67 26.31 36.49 -14.62
N LEU E 68 25.13 36.42 -15.23
CA LEU E 68 24.94 36.99 -16.55
C LEU E 68 25.05 38.50 -16.44
N SER E 69 24.83 39.01 -15.24
CA SER E 69 25.01 40.44 -14.95
C SER E 69 26.47 40.79 -14.65
N ASP E 70 27.04 40.18 -13.62
CA ASP E 70 28.45 40.43 -13.27
C ASP E 70 29.34 40.32 -14.50
N ALA E 71 28.88 39.52 -15.46
CA ALA E 71 29.62 39.30 -16.70
C ALA E 71 29.61 40.53 -17.59
N PHE E 72 28.41 40.99 -17.95
CA PHE E 72 28.28 42.17 -18.79
C PHE E 72 28.30 43.49 -18.01
N GLY E 73 28.41 43.40 -16.68
CA GLY E 73 28.39 44.58 -15.85
C GLY E 73 27.14 45.41 -16.03
N GLN E 74 26.01 44.71 -16.15
CA GLN E 74 24.73 45.36 -16.44
C GLN E 74 23.60 44.54 -15.82
N LYS E 75 22.66 45.20 -15.14
CA LYS E 75 21.59 44.49 -14.46
C LYS E 75 20.49 43.97 -15.40
N PHE E 76 20.27 42.66 -15.38
CA PHE E 76 19.23 42.04 -16.17
C PHE E 76 18.15 41.50 -15.25
N GLY E 77 16.92 41.40 -15.76
CA GLY E 77 15.82 40.89 -14.95
C GLY E 77 15.02 39.83 -15.67
N LYS E 78 13.72 39.76 -15.39
CA LYS E 78 12.86 38.82 -16.08
C LYS E 78 12.39 39.42 -17.40
N GLU E 79 12.63 40.72 -17.55
CA GLU E 79 12.34 41.42 -18.80
C GLU E 79 13.57 41.44 -19.68
N ALA E 80 13.41 40.99 -20.93
CA ALA E 80 14.51 40.93 -21.87
C ALA E 80 15.00 42.33 -22.24
N ARG E 81 16.21 42.66 -21.80
CA ARG E 81 16.81 43.95 -22.13
C ARG E 81 17.84 43.76 -23.23
N LEU E 82 18.33 44.87 -23.77
CA LEU E 82 19.36 44.82 -24.80
C LEU E 82 20.72 44.94 -24.13
N VAL E 83 21.61 44.00 -24.42
CA VAL E 83 22.96 44.06 -23.89
C VAL E 83 23.61 45.36 -24.38
N ASP E 84 24.11 46.15 -23.46
CA ASP E 84 24.49 47.52 -23.75
C ASP E 84 25.21 47.74 -25.09
N GLY E 85 26.30 47.03 -25.33
CA GLY E 85 27.13 47.31 -26.49
C GLY E 85 26.63 46.75 -27.81
N TYR E 86 25.39 46.26 -27.82
CA TYR E 86 24.87 45.51 -28.96
C TYR E 86 23.51 46.01 -29.43
N SER E 87 23.10 45.57 -30.61
CA SER E 87 21.83 45.99 -31.19
C SER E 87 20.87 44.82 -31.38
N ASN E 88 21.41 43.61 -31.46
CA ASN E 88 20.60 42.42 -31.72
C ASN E 88 20.77 41.35 -30.64
N LEU E 89 21.58 41.65 -29.63
CA LEU E 89 21.81 40.71 -28.54
C LEU E 89 21.10 41.16 -27.26
N SER E 90 20.17 40.34 -26.78
CA SER E 90 19.42 40.67 -25.58
C SER E 90 19.64 39.59 -24.52
N ALA E 91 19.33 39.91 -23.26
CA ALA E 91 19.49 38.95 -22.18
C ALA E 91 18.40 39.09 -21.12
N MET E 92 17.92 37.94 -20.63
CA MET E 92 16.97 37.92 -19.52
C MET E 92 17.40 36.85 -18.53
N GLU E 93 16.98 37.01 -17.27
CA GLU E 93 17.27 36.02 -16.24
C GLU E 93 15.98 35.48 -15.63
N ILE E 94 15.66 34.23 -15.95
CA ILE E 94 14.42 33.59 -15.49
C ILE E 94 14.46 33.26 -14.01
N ASP E 95 13.32 33.43 -13.34
CA ASP E 95 13.19 33.00 -11.95
C ASP E 95 12.41 31.68 -11.91
N PRO E 96 12.84 30.75 -11.05
CA PRO E 96 12.26 29.41 -10.99
C PRO E 96 10.79 29.46 -10.61
N ASN E 97 10.46 30.24 -9.59
CA ASN E 97 9.09 30.37 -9.09
C ASN E 97 8.48 29.08 -8.56
N GLY E 98 9.20 28.42 -7.66
CA GLY E 98 8.64 27.31 -6.93
C GLY E 98 7.74 27.82 -5.82
N SER E 99 6.57 27.22 -5.67
CA SER E 99 5.57 27.69 -4.71
C SER E 99 5.67 26.94 -3.39
N ILE E 100 4.95 27.43 -2.39
CA ILE E 100 4.85 26.73 -1.11
C ILE E 100 4.20 25.37 -1.32
N GLN E 101 3.20 25.32 -2.20
CA GLN E 101 2.59 24.06 -2.56
C GLN E 101 3.59 23.15 -3.23
N ASP E 102 4.31 23.68 -4.20
CA ASP E 102 5.33 22.92 -4.90
C ASP E 102 6.21 22.17 -3.92
N LEU E 103 6.69 22.90 -2.91
CA LEU E 103 7.59 22.37 -1.91
C LEU E 103 6.89 21.35 -1.02
N LEU E 104 5.66 21.66 -0.62
CA LEU E 104 4.88 20.77 0.25
C LEU E 104 4.51 19.45 -0.42
N ALA E 105 4.53 19.43 -1.74
CA ALA E 105 4.13 18.25 -2.49
C ALA E 105 5.28 17.24 -2.66
N SER E 106 6.50 17.66 -2.33
CA SER E 106 7.66 16.76 -2.42
C SER E 106 7.80 15.89 -1.17
N GLN E 125 19.66 11.95 -0.17
CA GLN E 125 20.17 13.24 0.31
C GLN E 125 19.59 14.43 -0.46
N ASP E 126 20.33 14.89 -1.46
CA ASP E 126 19.98 16.13 -2.17
C ASP E 126 18.99 15.91 -3.32
N LEU E 127 18.86 14.67 -3.78
CA LEU E 127 17.90 14.32 -4.81
C LEU E 127 16.47 14.24 -4.27
N ALA E 128 16.21 15.01 -3.21
CA ALA E 128 14.90 15.03 -2.59
C ALA E 128 14.05 16.17 -3.12
N PHE E 129 14.72 17.23 -3.60
CA PHE E 129 14.02 18.36 -4.18
C PHE E 129 14.23 18.36 -5.69
N SER E 130 14.44 17.18 -6.26
CA SER E 130 14.86 17.08 -7.66
C SER E 130 13.71 17.19 -8.66
N ILE E 131 12.51 16.79 -8.25
CA ILE E 131 11.35 16.85 -9.13
C ILE E 131 10.61 18.18 -8.99
N PRO E 132 10.39 18.87 -10.12
CA PRO E 132 9.77 20.21 -10.13
C PRO E 132 8.28 20.16 -9.82
N GLY E 133 7.77 21.22 -9.23
CA GLY E 133 6.35 21.31 -8.89
C GLY E 133 5.55 21.84 -10.05
N VAL E 134 4.24 21.64 -10.01
CA VAL E 134 3.38 22.07 -11.10
C VAL E 134 3.47 23.58 -11.31
N ASP E 135 3.62 24.31 -10.22
CA ASP E 135 3.67 25.76 -10.29
C ASP E 135 4.93 26.25 -11.02
N GLU E 136 6.08 25.69 -10.64
CA GLU E 136 7.33 26.05 -11.28
C GLU E 136 7.34 25.68 -12.76
N ALA E 137 6.78 24.53 -13.09
CA ALA E 137 6.70 24.09 -14.48
C ALA E 137 5.83 25.05 -15.27
N MET E 138 4.70 25.42 -14.68
CA MET E 138 3.76 26.32 -15.33
C MET E 138 4.42 27.66 -15.63
N SER E 139 5.14 28.19 -14.64
CA SER E 139 5.79 29.47 -14.81
C SER E 139 6.71 29.47 -16.03
N PHE E 140 7.59 28.48 -16.09
CA PHE E 140 8.54 28.37 -17.19
C PHE E 140 7.85 28.27 -18.55
N ALA E 141 6.78 27.50 -18.61
CA ALA E 141 6.00 27.36 -19.84
C ALA E 141 5.46 28.73 -20.26
N GLU E 142 5.02 29.51 -19.28
CA GLU E 142 4.55 30.86 -19.53
C GLU E 142 5.66 31.75 -20.08
N VAL E 143 6.89 31.51 -19.62
CA VAL E 143 8.04 32.28 -20.08
C VAL E 143 8.40 31.92 -21.52
N LEU E 144 8.42 30.62 -21.82
CA LEU E 144 8.61 30.13 -23.18
C LEU E 144 7.57 30.70 -24.14
N LYS E 145 6.35 30.87 -23.64
CA LYS E 145 5.29 31.48 -24.43
C LYS E 145 5.70 32.91 -24.79
N GLN E 146 6.09 33.68 -23.78
CA GLN E 146 6.56 35.05 -23.99
C GLN E 146 7.64 35.08 -25.06
N VAL E 147 8.68 34.30 -24.83
CA VAL E 147 9.87 34.31 -25.67
C VAL E 147 9.54 34.02 -27.14
N LYS E 148 8.56 33.16 -27.37
CA LYS E 148 8.18 32.84 -28.73
C LYS E 148 7.55 34.05 -29.41
N SER E 149 6.79 34.83 -28.64
CA SER E 149 6.14 36.04 -29.15
C SER E 149 7.15 37.07 -29.63
N LEU E 150 8.28 37.17 -28.92
CA LEU E 150 9.31 38.14 -29.24
C LEU E 150 10.03 37.83 -30.56
N SER E 151 9.92 36.58 -31.01
CA SER E 151 10.54 36.15 -32.27
C SER E 151 12.01 36.52 -32.35
N TYR E 152 12.80 36.01 -31.40
CA TYR E 152 14.24 36.12 -31.46
C TYR E 152 14.77 35.00 -32.35
N GLU E 153 15.73 35.33 -33.21
CA GLU E 153 16.23 34.38 -34.20
C GLU E 153 16.72 33.08 -33.56
N VAL E 154 17.63 33.19 -32.60
CA VAL E 154 18.21 32.03 -31.91
C VAL E 154 18.35 32.33 -30.42
N ILE E 155 18.43 31.30 -29.60
CA ILE E 155 18.49 31.49 -28.16
C ILE E 155 19.61 30.71 -27.47
N VAL E 156 20.55 31.45 -26.88
CA VAL E 156 21.61 30.86 -26.06
C VAL E 156 21.13 30.69 -24.63
N PHE E 157 21.25 29.47 -24.13
CA PHE E 157 20.60 29.09 -22.89
C PHE E 157 21.63 28.86 -21.80
N ASP E 158 21.92 29.90 -21.04
CA ASP E 158 22.84 29.79 -19.90
C ASP E 158 22.23 28.93 -18.81
N THR E 159 22.64 27.66 -18.74
CA THR E 159 22.07 26.72 -17.76
C THR E 159 22.56 26.90 -16.33
N ALA E 160 21.94 26.18 -15.39
CA ALA E 160 22.31 26.24 -13.98
C ALA E 160 23.43 25.28 -13.66
N PRO E 161 24.60 25.81 -13.27
CA PRO E 161 25.77 24.98 -12.97
C PRO E 161 25.59 24.21 -11.67
N THR E 162 24.34 23.87 -11.34
CA THR E 162 24.04 23.20 -10.08
C THR E 162 23.79 21.72 -10.28
N GLY E 163 23.17 21.11 -9.29
CA GLY E 163 22.80 19.71 -9.38
C GLY E 163 21.57 19.53 -10.25
N HIS E 164 20.98 20.65 -10.68
CA HIS E 164 19.71 20.58 -11.40
C HIS E 164 19.77 21.18 -12.81
N THR E 165 20.90 20.98 -13.49
CA THR E 165 21.13 21.55 -14.82
C THR E 165 20.00 21.27 -15.80
N LEU E 166 19.54 20.02 -15.81
CA LEU E 166 18.51 19.57 -16.74
C LEU E 166 17.16 19.34 -16.05
N ARG E 167 16.88 20.11 -15.01
CA ARG E 167 15.63 19.96 -14.27
C ARG E 167 14.43 20.36 -15.11
N PHE E 168 14.61 21.28 -16.04
CA PHE E 168 13.49 21.75 -16.87
C PHE E 168 12.95 20.67 -17.80
N LEU E 169 13.76 19.64 -18.02
CA LEU E 169 13.37 18.56 -18.92
C LEU E 169 12.26 17.69 -18.34
N GLN E 170 11.88 17.96 -17.09
CA GLN E 170 10.79 17.22 -16.46
C GLN E 170 9.49 17.98 -16.56
N PHE E 171 9.55 19.23 -16.99
CA PHE E 171 8.35 20.05 -17.08
C PHE E 171 7.26 19.43 -17.97
N PRO E 172 7.65 18.80 -19.10
CA PRO E 172 6.62 18.18 -19.95
C PRO E 172 5.83 17.13 -19.18
N THR E 173 6.54 16.20 -18.56
CA THR E 173 5.88 15.14 -17.79
C THR E 173 5.16 15.67 -16.55
N VAL E 174 5.62 16.78 -15.98
CA VAL E 174 4.92 17.38 -14.83
C VAL E 174 3.58 17.98 -15.24
N LEU E 175 3.58 18.66 -16.38
CA LEU E 175 2.36 19.30 -16.87
C LEU E 175 1.36 18.29 -17.43
N GLU E 176 1.85 17.22 -18.04
CA GLU E 176 0.96 16.19 -18.55
C GLU E 176 0.24 15.49 -17.40
N LYS E 177 0.96 15.17 -16.34
CA LYS E 177 0.37 14.55 -15.16
C LYS E 177 -0.69 15.47 -14.55
N ALA E 178 -0.39 16.76 -14.53
CA ALA E 178 -1.33 17.76 -14.01
C ALA E 178 -2.56 17.86 -14.90
N LEU E 179 -2.35 17.92 -16.20
CA LEU E 179 -3.45 18.04 -17.15
C LEU E 179 -4.31 16.77 -17.14
N ALA E 180 -3.70 15.67 -16.71
CA ALA E 180 -4.40 14.40 -16.63
C ALA E 180 -5.28 14.37 -15.39
N LYS E 181 -4.69 14.64 -14.24
CA LYS E 181 -5.43 14.71 -12.98
C LYS E 181 -6.53 15.77 -13.06
N LEU E 182 -6.34 16.74 -13.96
CA LEU E 182 -7.26 17.85 -14.13
C LEU E 182 -8.44 17.47 -15.02
N SER E 183 -8.17 16.64 -16.02
CA SER E 183 -9.21 16.16 -16.94
C SER E 183 -10.04 15.04 -16.31
N GLN E 184 -9.38 14.19 -15.52
CA GLN E 184 -10.04 13.18 -14.71
C GLN E 184 -11.03 13.86 -13.77
N LEU E 185 -10.92 15.19 -13.69
CA LEU E 185 -11.68 15.97 -12.71
C LEU E 185 -12.77 16.79 -13.40
N SER E 186 -12.76 16.78 -14.73
CA SER E 186 -13.76 17.53 -15.49
C SER E 186 -15.02 16.70 -15.66
N SER E 187 -14.87 15.39 -15.58
CA SER E 187 -15.99 14.47 -15.74
C SER E 187 -16.97 14.61 -14.58
N GLN E 188 -16.48 15.16 -13.48
CA GLN E 188 -17.28 15.29 -12.26
C GLN E 188 -17.85 16.70 -12.13
N PHE E 189 -18.50 17.16 -13.20
CA PHE E 189 -19.15 18.46 -13.20
C PHE E 189 -20.02 18.65 -14.44
N SER E 195 -26.17 24.37 -13.37
CA SER E 195 -26.88 24.16 -12.11
C SER E 195 -27.94 25.24 -11.87
N ILE E 196 -28.83 25.00 -10.93
CA ILE E 196 -29.81 26.00 -10.51
C ILE E 196 -29.15 26.93 -9.52
N LEU E 197 -28.18 26.38 -8.78
CA LEU E 197 -27.47 27.10 -7.74
C LEU E 197 -26.85 28.40 -8.26
N GLY E 198 -26.78 28.54 -9.57
CA GLY E 198 -26.18 29.71 -10.18
C GLY E 198 -24.74 29.89 -9.73
N ALA E 199 -24.40 31.09 -9.30
CA ALA E 199 -23.04 31.43 -8.88
C ALA E 199 -22.61 30.69 -7.61
N ARG E 200 -23.53 29.90 -7.07
CA ARG E 200 -23.25 29.12 -5.87
C ARG E 200 -23.09 27.66 -6.24
N GLY E 201 -22.86 27.38 -7.52
CA GLY E 201 -22.71 26.01 -7.99
C GLY E 201 -21.26 25.62 -8.22
N GLY E 202 -20.39 26.62 -8.36
CA GLY E 202 -18.99 26.38 -8.63
C GLY E 202 -18.29 25.74 -7.45
N LEU E 203 -17.05 25.31 -7.67
CA LEU E 203 -16.27 24.66 -6.64
C LEU E 203 -16.01 25.60 -5.46
N PRO E 204 -15.92 25.03 -4.24
CA PRO E 204 -15.45 25.92 -3.19
C PRO E 204 -13.99 26.21 -3.49
N GLY E 205 -13.54 27.43 -3.23
CA GLY E 205 -12.18 27.79 -3.57
C GLY E 205 -12.13 28.56 -4.87
N GLY E 206 -13.24 28.52 -5.61
CA GLY E 206 -13.39 29.37 -6.77
C GLY E 206 -12.78 28.89 -8.08
N GLN E 207 -12.00 27.82 -8.04
CA GLN E 207 -11.41 27.29 -9.25
C GLN E 207 -12.48 26.95 -10.29
N ASN E 208 -12.24 27.34 -11.54
CA ASN E 208 -13.11 26.94 -12.65
C ASN E 208 -12.47 25.82 -13.49
N ILE E 209 -12.94 24.58 -13.32
CA ILE E 209 -12.25 23.44 -13.91
C ILE E 209 -12.06 23.53 -15.42
N ASP E 210 -13.13 23.83 -16.15
CA ASP E 210 -13.05 23.90 -17.61
C ASP E 210 -12.19 25.07 -18.09
N GLU E 211 -11.99 26.04 -17.21
CA GLU E 211 -11.23 27.23 -17.54
C GLU E 211 -9.73 27.03 -17.30
N LEU E 212 -9.41 26.16 -16.34
CA LEU E 212 -8.03 25.78 -16.08
C LEU E 212 -7.59 24.72 -17.08
N LEU E 213 -8.52 23.84 -17.45
CA LEU E 213 -8.21 22.80 -18.42
C LEU E 213 -7.72 23.43 -19.70
N GLN E 214 -8.01 24.72 -19.89
CA GLN E 214 -7.53 25.46 -21.05
C GLN E 214 -6.10 25.96 -20.86
N LYS E 215 -5.86 26.69 -19.77
CA LYS E 215 -4.52 27.17 -19.45
C LYS E 215 -3.53 26.02 -19.47
N MET E 216 -3.89 24.92 -18.84
CA MET E 216 -3.01 23.76 -18.74
C MET E 216 -2.75 23.16 -20.10
N GLU E 217 -3.80 23.01 -20.91
CA GLU E 217 -3.63 22.45 -22.24
C GLU E 217 -2.71 23.36 -23.05
N SER E 218 -2.94 24.66 -22.95
CA SER E 218 -2.17 25.64 -23.68
C SER E 218 -0.71 25.66 -23.27
N LEU E 219 -0.45 25.53 -21.98
CA LEU E 219 0.92 25.49 -21.49
C LEU E 219 1.58 24.17 -21.83
N ARG E 220 0.78 23.10 -21.91
CA ARG E 220 1.30 21.78 -22.22
C ARG E 220 1.76 21.74 -23.67
N GLU E 221 1.01 22.42 -24.53
CA GLU E 221 1.31 22.46 -25.94
C GLU E 221 2.55 23.31 -26.20
N THR E 222 2.69 24.40 -25.45
CA THR E 222 3.88 25.23 -25.58
C THR E 222 5.09 24.42 -25.12
N ILE E 223 4.96 23.76 -23.98
CA ILE E 223 6.05 22.95 -23.44
C ILE E 223 6.45 21.81 -24.40
N SER E 224 5.46 21.11 -24.92
CA SER E 224 5.76 20.02 -25.85
C SER E 224 6.43 20.49 -27.12
N GLU E 225 5.95 21.58 -27.69
CA GLU E 225 6.58 22.14 -28.88
C GLU E 225 8.07 22.30 -28.63
N VAL E 226 8.39 23.15 -27.66
CA VAL E 226 9.76 23.45 -27.29
C VAL E 226 10.55 22.16 -26.99
N ASN E 227 9.91 21.22 -26.27
CA ASN E 227 10.61 19.99 -25.91
C ASN E 227 10.99 19.09 -27.08
N THR E 228 10.12 18.96 -28.09
CA THR E 228 10.47 18.16 -29.25
C THR E 228 11.42 18.93 -30.15
N GLN E 229 11.52 20.24 -29.94
CA GLN E 229 12.54 21.05 -30.62
C GLN E 229 13.89 20.72 -30.02
N PHE E 230 13.94 20.69 -28.69
CA PHE E 230 15.15 20.33 -27.95
C PHE E 230 15.71 18.99 -28.42
N LYS E 231 14.83 18.08 -28.81
CA LYS E 231 15.23 16.73 -29.20
C LYS E 231 15.52 16.64 -30.68
N ASN E 232 15.49 17.79 -31.36
CA ASN E 232 15.87 17.86 -32.77
C ASN E 232 17.26 18.48 -32.91
N PRO E 233 18.23 17.67 -33.39
CA PRO E 233 19.63 18.10 -33.54
C PRO E 233 19.78 19.31 -34.44
N ASP E 234 18.95 19.40 -35.49
CA ASP E 234 18.99 20.52 -36.41
C ASP E 234 18.60 21.83 -35.73
N MET E 235 17.92 21.71 -34.59
CA MET E 235 17.37 22.88 -33.93
C MET E 235 18.04 23.15 -32.58
N THR E 236 18.52 22.10 -31.94
CA THR E 236 19.06 22.24 -30.59
C THR E 236 20.30 21.41 -30.36
N THR E 237 21.35 22.06 -29.86
CA THR E 237 22.54 21.36 -29.42
C THR E 237 23.03 21.91 -28.07
N PHE E 238 23.90 21.15 -27.42
CA PHE E 238 24.38 21.47 -26.07
C PHE E 238 25.90 21.60 -26.09
N VAL E 239 26.39 22.70 -25.55
CA VAL E 239 27.83 22.93 -25.48
C VAL E 239 28.33 22.78 -24.05
N CYS E 240 29.20 21.80 -23.83
CA CYS E 240 29.76 21.56 -22.50
C CYS E 240 31.00 22.42 -22.26
N VAL E 241 31.11 22.98 -21.08
CA VAL E 241 32.33 23.69 -20.68
C VAL E 241 33.01 22.92 -19.56
N CYS E 242 34.33 22.94 -19.51
CA CYS E 242 35.03 22.17 -18.48
C CYS E 242 36.47 22.62 -18.29
N ILE E 243 37.02 22.36 -17.11
CA ILE E 243 38.43 22.51 -16.85
C ILE E 243 39.11 21.19 -17.18
N ALA E 244 40.42 21.22 -17.36
CA ALA E 244 41.20 19.99 -17.47
C ALA E 244 41.60 19.52 -16.07
N GLU E 245 40.62 19.05 -15.30
CA GLU E 245 40.86 18.39 -14.03
C GLU E 245 40.05 17.11 -14.08
N PHE E 246 40.27 16.22 -13.13
CA PHE E 246 39.50 14.98 -13.12
C PHE E 246 38.04 15.25 -12.76
N LEU E 247 37.82 15.88 -11.62
CA LEU E 247 36.46 16.14 -11.16
C LEU E 247 35.61 16.84 -12.22
N SER E 248 36.23 17.53 -13.16
CA SER E 248 35.45 18.22 -14.19
C SER E 248 35.27 17.38 -15.45
N LEU E 249 36.32 16.65 -15.82
CA LEU E 249 36.21 15.70 -16.92
C LEU E 249 35.17 14.64 -16.58
N TYR E 250 35.10 14.28 -15.30
CA TYR E 250 34.12 13.33 -14.83
C TYR E 250 32.72 13.89 -14.91
N GLU E 251 32.49 15.04 -14.29
CA GLU E 251 31.17 15.68 -14.27
C GLU E 251 30.69 15.99 -15.68
N THR E 252 31.63 16.02 -16.62
CA THR E 252 31.34 16.28 -18.03
C THR E 252 30.82 15.04 -18.75
N GLU E 253 31.49 13.91 -18.59
CA GLU E 253 30.97 12.68 -19.18
C GLU E 253 29.63 12.33 -18.56
N ARG E 254 29.47 12.69 -17.30
CA ARG E 254 28.24 12.42 -16.57
C ARG E 254 27.08 13.21 -17.17
N MET E 255 27.32 14.48 -17.48
CA MET E 255 26.26 15.34 -18.00
C MET E 255 25.98 15.06 -19.48
N ILE E 256 26.97 14.48 -20.16
CA ILE E 256 26.77 14.08 -21.54
C ILE E 256 25.96 12.80 -21.62
N GLN E 257 26.07 11.97 -20.59
CA GLN E 257 25.25 10.78 -20.51
C GLN E 257 23.81 11.19 -20.33
N GLU E 258 23.55 11.99 -19.31
CA GLU E 258 22.18 12.39 -19.01
C GLU E 258 21.58 13.09 -20.22
N LEU E 259 22.41 13.82 -20.95
CA LEU E 259 21.95 14.52 -22.15
C LEU E 259 21.55 13.55 -23.24
N THR E 260 22.41 12.58 -23.50
CA THR E 260 22.15 11.56 -24.50
C THR E 260 20.87 10.79 -24.20
N SER E 261 20.61 10.55 -22.92
CA SER E 261 19.42 9.82 -22.51
C SER E 261 18.15 10.62 -22.82
N TYR E 262 18.13 11.90 -22.44
CA TYR E 262 16.97 12.76 -22.71
C TYR E 262 16.82 13.01 -24.20
N GLY E 263 17.82 12.59 -24.97
CA GLY E 263 17.79 12.71 -26.42
C GLY E 263 18.24 14.04 -26.98
N ILE E 264 19.01 14.79 -26.19
CA ILE E 264 19.47 16.13 -26.56
C ILE E 264 20.87 16.08 -27.16
N ASP E 265 21.01 16.65 -28.36
CA ASP E 265 22.27 16.61 -29.09
C ASP E 265 23.41 17.35 -28.39
N THR E 266 24.59 16.74 -28.35
CA THR E 266 25.79 17.43 -27.86
C THR E 266 27.05 16.96 -28.59
N HIS E 267 27.83 17.92 -29.09
CA HIS E 267 28.98 17.58 -29.92
C HIS E 267 30.13 18.58 -29.85
N ALA E 268 30.16 19.39 -28.79
CA ALA E 268 31.19 20.40 -28.66
C ALA E 268 31.59 20.58 -27.19
N ILE E 269 32.88 20.47 -26.92
CA ILE E 269 33.39 20.68 -25.57
C ILE E 269 34.36 21.84 -25.56
N VAL E 270 34.18 22.75 -24.61
CA VAL E 270 35.09 23.89 -24.43
C VAL E 270 35.97 23.64 -23.20
N VAL E 271 37.26 23.37 -23.43
CA VAL E 271 38.21 23.17 -22.34
C VAL E 271 38.86 24.52 -21.98
N ASN E 272 38.49 25.06 -20.83
CA ASN E 272 38.85 26.42 -20.46
C ASN E 272 40.03 26.47 -19.50
N GLN E 273 40.64 27.66 -19.39
CA GLN E 273 41.70 27.94 -18.42
C GLN E 273 42.97 27.12 -18.63
N LEU E 274 43.30 26.81 -19.88
CA LEU E 274 44.47 26.00 -20.19
C LEU E 274 45.76 26.80 -20.10
N LEU E 275 46.85 26.14 -19.71
CA LEU E 275 48.18 26.74 -19.74
C LEU E 275 48.84 26.41 -21.07
N PHE E 276 49.51 27.39 -21.66
CA PHE E 276 50.22 27.16 -22.91
C PHE E 276 51.72 27.40 -22.75
N PRO E 277 52.54 26.85 -23.67
CA PRO E 277 54.00 26.97 -23.60
C PRO E 277 54.51 28.39 -23.89
N GLY E 282 61.48 29.15 -18.32
CA GLY E 282 62.31 29.59 -17.21
C GLY E 282 61.72 29.26 -15.85
N CYS E 283 60.48 28.79 -15.85
CA CYS E 283 59.78 28.42 -14.61
C CYS E 283 59.38 26.94 -14.63
N GLU E 284 60.10 26.15 -13.85
CA GLU E 284 60.00 24.69 -13.90
C GLU E 284 58.66 24.14 -13.44
N GLN E 285 58.25 24.47 -12.22
CA GLN E 285 57.05 23.87 -11.62
C GLN E 285 55.80 24.11 -12.45
N CYS E 286 55.73 25.22 -13.15
CA CYS E 286 54.58 25.53 -13.98
C CYS E 286 54.55 24.59 -15.18
N ASN E 287 55.74 24.12 -15.58
CA ASN E 287 55.83 23.16 -16.66
C ASN E 287 55.23 21.83 -16.26
N ALA E 288 55.42 21.45 -15.01
CA ALA E 288 54.85 20.22 -14.49
C ALA E 288 53.33 20.26 -14.62
N ARG E 289 52.73 21.30 -14.04
CA ARG E 289 51.28 21.50 -14.11
C ARG E 289 50.78 21.43 -15.55
N ARG E 290 51.65 21.70 -16.51
CA ARG E 290 51.26 21.63 -17.92
C ARG E 290 51.38 20.22 -18.47
N LYS E 291 52.34 19.46 -17.95
CA LYS E 291 52.46 18.06 -18.32
C LYS E 291 51.19 17.31 -17.93
N MET E 292 50.58 17.72 -16.83
CA MET E 292 49.36 17.07 -16.35
C MET E 292 48.17 17.44 -17.23
N GLN E 293 48.11 18.71 -17.63
CA GLN E 293 47.08 19.15 -18.56
C GLN E 293 47.15 18.33 -19.84
N LYS E 294 48.36 18.06 -20.29
CA LYS E 294 48.57 17.29 -21.52
C LYS E 294 47.93 15.91 -21.40
N LYS E 295 48.11 15.27 -20.26
CA LYS E 295 47.48 13.98 -20.01
C LYS E 295 45.97 14.10 -20.08
N TYR E 296 45.38 14.98 -19.26
CA TYR E 296 43.93 15.15 -19.28
C TYR E 296 43.42 15.48 -20.67
N LEU E 297 44.17 16.32 -21.37
CA LEU E 297 43.76 16.79 -22.69
C LEU E 297 43.73 15.64 -23.70
N GLU E 298 44.71 14.75 -23.63
CA GLU E 298 44.73 13.59 -24.50
C GLU E 298 43.52 12.68 -24.24
N GLN E 299 43.20 12.47 -22.97
CA GLN E 299 42.00 11.71 -22.59
C GLN E 299 40.79 12.29 -23.30
N ILE E 300 40.65 13.62 -23.24
CA ILE E 300 39.50 14.30 -23.82
C ILE E 300 39.45 14.13 -25.33
N GLU E 301 40.62 14.26 -25.96
CA GLU E 301 40.74 14.11 -27.41
C GLU E 301 40.40 12.69 -27.83
N GLU E 302 40.62 11.75 -26.91
CA GLU E 302 40.34 10.34 -27.19
C GLU E 302 38.87 10.00 -26.98
N LEU E 303 38.33 10.37 -25.83
CA LEU E 303 36.93 10.07 -25.52
C LEU E 303 35.98 10.78 -26.47
N TYR E 304 36.26 12.05 -26.74
CA TYR E 304 35.35 12.85 -27.55
C TYR E 304 35.93 13.13 -28.92
N GLU E 305 36.28 12.06 -29.63
CA GLU E 305 36.84 12.18 -30.96
C GLU E 305 35.79 12.76 -31.89
N ASP E 306 34.53 12.43 -31.63
CA ASP E 306 33.42 12.91 -32.45
C ASP E 306 33.03 14.34 -32.11
N PHE E 307 33.72 14.92 -31.14
CA PHE E 307 33.39 16.27 -30.65
C PHE E 307 34.32 17.35 -31.18
N ASN E 308 33.80 18.57 -31.23
CA ASN E 308 34.65 19.73 -31.39
C ASN E 308 35.23 20.02 -30.01
N VAL E 309 36.54 19.84 -29.85
CA VAL E 309 37.21 20.18 -28.60
C VAL E 309 37.93 21.52 -28.73
N VAL E 310 37.32 22.57 -28.16
CA VAL E 310 37.82 23.94 -28.27
C VAL E 310 38.72 24.29 -27.09
N ARG E 311 39.92 24.78 -27.38
CA ARG E 311 40.88 25.12 -26.32
C ARG E 311 40.98 26.62 -26.05
N MET E 312 40.78 26.99 -24.79
CA MET E 312 40.86 28.39 -24.37
C MET E 312 41.94 28.55 -23.30
N PRO E 313 42.74 29.61 -23.41
CA PRO E 313 43.88 29.86 -22.52
C PRO E 313 43.44 30.57 -21.25
N LEU E 314 44.08 30.25 -20.13
CA LEU E 314 43.84 31.01 -18.92
C LEU E 314 44.36 32.42 -19.15
N LEU E 315 43.49 33.40 -19.03
CA LEU E 315 43.90 34.79 -19.23
C LEU E 315 44.31 35.44 -17.91
N VAL E 316 45.16 36.46 -18.01
CA VAL E 316 45.77 37.05 -16.82
C VAL E 316 44.80 37.94 -16.04
N GLU E 317 43.74 38.41 -16.71
CA GLU E 317 42.72 39.23 -16.08
C GLU E 317 41.35 38.60 -16.25
N GLU E 318 40.40 38.93 -15.36
CA GLU E 318 39.05 38.42 -15.46
C GLU E 318 38.41 38.81 -16.78
N VAL E 319 37.64 37.90 -17.35
CA VAL E 319 36.95 38.16 -18.61
C VAL E 319 35.62 38.87 -18.32
N ARG E 320 35.70 40.14 -17.91
CA ARG E 320 34.52 40.86 -17.47
C ARG E 320 33.99 41.86 -18.49
N GLY E 321 34.88 42.70 -19.02
CA GLY E 321 34.46 43.74 -19.94
C GLY E 321 33.72 43.19 -21.15
N LYS E 322 33.05 44.06 -21.89
CA LYS E 322 32.48 43.66 -23.17
C LYS E 322 33.61 43.53 -24.17
N GLU E 323 34.62 44.38 -24.03
CA GLU E 323 35.77 44.33 -24.92
C GLU E 323 36.58 43.06 -24.65
N LYS E 324 36.67 42.70 -23.37
CA LYS E 324 37.39 41.50 -22.99
C LYS E 324 36.62 40.26 -23.41
N LEU E 325 35.29 40.32 -23.26
CA LEU E 325 34.41 39.23 -23.69
C LEU E 325 34.50 39.01 -25.20
N GLU E 326 34.68 40.09 -25.95
CA GLU E 326 34.80 39.99 -27.39
C GLU E 326 36.09 39.26 -27.72
N LYS E 327 37.20 39.79 -27.22
CA LYS E 327 38.52 39.19 -27.41
C LYS E 327 38.53 37.70 -27.02
N PHE E 328 37.86 37.37 -25.92
CA PHE E 328 37.78 35.98 -25.48
C PHE E 328 36.92 35.15 -26.43
N SER E 329 35.80 35.73 -26.88
CA SER E 329 34.90 35.03 -27.77
C SER E 329 35.53 34.71 -29.12
N GLU E 330 36.47 35.53 -29.57
CA GLU E 330 37.13 35.31 -30.85
C GLU E 330 37.84 33.96 -30.88
N MET E 331 38.36 33.54 -29.73
CA MET E 331 39.08 32.27 -29.63
C MET E 331 38.15 31.05 -29.69
N LEU E 332 36.85 31.29 -29.74
CA LEU E 332 35.88 30.21 -29.90
C LEU E 332 35.76 29.78 -31.35
N VAL E 333 36.22 30.63 -32.26
CA VAL E 333 36.11 30.37 -33.68
C VAL E 333 37.48 30.43 -34.37
N HIS E 334 38.46 30.98 -33.67
CA HIS E 334 39.83 31.02 -34.16
C HIS E 334 40.79 30.49 -33.10
N PRO E 335 41.19 29.22 -33.24
CA PRO E 335 42.01 28.52 -32.26
C PRO E 335 43.15 29.39 -31.73
N TYR E 336 43.39 29.34 -30.43
CA TYR E 336 44.43 30.16 -29.81
C TYR E 336 45.82 29.63 -30.12
N VAL E 337 46.76 30.55 -30.30
CA VAL E 337 48.17 30.21 -30.45
C VAL E 337 49.04 31.27 -29.75
N PRO E 338 50.06 30.82 -29.00
CA PRO E 338 50.93 31.66 -28.18
C PRO E 338 51.19 33.04 -28.80
N LEU F 12 47.61 29.14 16.99
CA LEU F 12 47.08 28.67 15.71
C LEU F 12 47.06 27.14 15.63
N MET F 13 47.00 26.63 14.41
CA MET F 13 47.10 25.20 14.13
C MET F 13 48.03 24.95 12.97
N GLU F 14 49.30 24.72 13.27
CA GLU F 14 50.34 24.63 12.26
C GLU F 14 49.92 23.76 11.08
N PRO F 15 50.48 24.05 9.90
CA PRO F 15 50.20 23.38 8.63
C PRO F 15 50.89 22.02 8.51
N THR F 16 50.71 21.17 9.52
CA THR F 16 51.47 19.93 9.61
C THR F 16 50.60 18.78 10.11
N LEU F 17 50.88 17.57 9.63
CA LEU F 17 50.29 16.38 10.22
C LEU F 17 51.14 15.89 11.40
N GLN F 18 51.86 16.81 12.04
CA GLN F 18 52.68 16.49 13.20
C GLN F 18 51.82 16.08 14.37
N SER F 19 50.81 16.90 14.68
CA SER F 19 49.92 16.65 15.80
C SER F 19 49.35 15.23 15.76
N ILE F 20 49.20 14.71 14.55
CA ILE F 20 48.68 13.36 14.36
C ILE F 20 49.74 12.28 14.58
N LEU F 21 50.91 12.44 13.95
CA LEU F 21 52.02 11.52 14.17
C LEU F 21 52.49 11.49 15.64
N SER F 22 52.14 12.52 16.41
CA SER F 22 52.53 12.58 17.81
C SER F 22 51.58 11.83 18.71
N GLN F 23 50.35 11.62 18.23
CA GLN F 23 49.37 10.89 19.02
C GLN F 23 49.75 9.41 19.01
N LYS F 24 49.89 8.84 20.20
CA LYS F 24 50.18 7.41 20.30
C LYS F 24 48.95 6.59 20.66
N THR F 25 47.82 7.26 20.90
CA THR F 25 46.58 6.55 21.20
C THR F 25 45.72 6.39 19.95
N LEU F 26 46.13 7.01 18.85
CA LEU F 26 45.42 6.82 17.60
C LEU F 26 45.61 5.39 17.15
N ARG F 27 44.54 4.75 16.70
CA ARG F 27 44.62 3.40 16.16
C ARG F 27 44.13 3.35 14.72
N TRP F 28 43.13 4.16 14.41
CA TRP F 28 42.58 4.25 13.06
C TRP F 28 42.75 5.65 12.47
N ILE F 29 43.56 5.77 11.43
CA ILE F 29 43.73 7.05 10.75
C ILE F 29 43.29 6.93 9.29
N PHE F 30 42.12 7.46 8.97
CA PHE F 30 41.60 7.37 7.60
C PHE F 30 42.30 8.37 6.68
N VAL F 31 42.33 8.06 5.39
CA VAL F 31 42.78 9.03 4.38
C VAL F 31 41.84 8.99 3.19
N GLY F 32 41.14 10.09 2.94
CA GLY F 32 40.11 10.11 1.92
C GLY F 32 40.20 11.37 1.10
N GLY F 33 39.69 11.29 -0.12
CA GLY F 33 39.81 12.42 -1.03
C GLY F 33 39.42 11.98 -2.42
N LYS F 34 38.53 12.75 -3.02
CA LYS F 34 37.90 12.30 -4.24
C LYS F 34 38.48 13.00 -5.46
N GLY F 35 38.76 12.23 -6.50
CA GLY F 35 38.99 12.77 -7.83
C GLY F 35 40.41 13.07 -8.27
N GLY F 36 41.34 12.19 -7.95
CA GLY F 36 42.70 12.33 -8.48
C GLY F 36 43.53 13.40 -7.80
N VAL F 37 43.18 13.74 -6.57
CA VAL F 37 43.83 14.84 -5.88
C VAL F 37 45.10 14.40 -5.15
N GLY F 38 45.41 13.11 -5.21
CA GLY F 38 46.57 12.59 -4.53
C GLY F 38 46.26 11.85 -3.24
N LYS F 39 45.08 11.25 -3.18
CA LYS F 39 44.68 10.51 -1.99
C LYS F 39 45.65 9.38 -1.69
N THR F 40 45.84 8.49 -2.66
CA THR F 40 46.74 7.34 -2.51
C THR F 40 48.15 7.72 -2.10
N THR F 41 48.70 8.74 -2.75
CA THR F 41 50.03 9.22 -2.42
C THR F 41 50.12 9.72 -0.98
N THR F 42 49.04 10.35 -0.50
CA THR F 42 48.99 10.80 0.90
C THR F 42 48.88 9.62 1.89
N SER F 43 48.04 8.64 1.57
CA SER F 43 47.93 7.45 2.40
C SER F 43 49.31 6.83 2.64
N CYS F 44 50.02 6.53 1.56
CA CYS F 44 51.35 5.95 1.63
C CYS F 44 52.31 6.84 2.41
N SER F 45 52.38 8.11 2.03
CA SER F 45 53.27 9.03 2.72
C SER F 45 53.00 9.04 4.21
N LEU F 46 51.72 9.20 4.58
CA LEU F 46 51.33 9.21 5.98
C LEU F 46 51.75 7.93 6.69
N ALA F 47 51.63 6.79 6.02
CA ALA F 47 52.04 5.51 6.60
C ALA F 47 53.55 5.43 6.78
N ILE F 48 54.29 5.88 5.77
CA ILE F 48 55.74 5.90 5.84
C ILE F 48 56.20 6.74 7.02
N GLN F 49 55.57 7.91 7.18
CA GLN F 49 55.95 8.82 8.25
C GLN F 49 55.54 8.29 9.64
N LEU F 50 54.52 7.43 9.68
CA LEU F 50 54.04 6.86 10.92
C LEU F 50 54.95 5.72 11.39
N ALA F 51 55.46 4.94 10.44
CA ALA F 51 56.35 3.82 10.73
C ALA F 51 57.61 4.32 11.42
N LYS F 52 57.92 5.59 11.21
CA LYS F 52 59.10 6.19 11.83
C LYS F 52 58.87 6.39 13.32
N VAL F 53 57.61 6.54 13.70
CA VAL F 53 57.27 6.91 15.06
C VAL F 53 56.54 5.82 15.84
N ARG F 54 55.76 5.00 15.14
CA ARG F 54 55.01 3.92 15.78
C ARG F 54 55.70 2.57 15.62
N LYS F 55 55.37 1.62 16.49
CA LYS F 55 56.01 0.31 16.49
C LYS F 55 55.79 -0.46 15.19
N SER F 56 54.55 -0.45 14.71
CA SER F 56 54.21 -1.04 13.43
C SER F 56 53.03 -0.30 12.80
N VAL F 57 52.87 -0.42 11.50
CA VAL F 57 51.80 0.29 10.82
C VAL F 57 51.23 -0.57 9.72
N LEU F 58 49.95 -0.85 9.79
CA LEU F 58 49.30 -1.59 8.71
C LEU F 58 48.54 -0.63 7.82
N LEU F 59 48.73 -0.78 6.51
CA LEU F 59 48.08 0.07 5.52
C LEU F 59 47.03 -0.75 4.77
N ILE F 60 45.77 -0.66 5.20
CA ILE F 60 44.71 -1.41 4.53
C ILE F 60 44.01 -0.49 3.53
N SER F 61 43.49 -1.07 2.46
CA SER F 61 42.89 -0.27 1.39
C SER F 61 41.53 -0.80 0.88
N THR F 62 40.57 0.10 0.87
CA THR F 62 39.24 -0.12 0.37
C THR F 62 39.18 0.29 -1.11
N ASP F 63 40.15 1.10 -1.51
CA ASP F 63 40.23 1.62 -2.88
C ASP F 63 40.28 0.50 -3.90
N PRO F 64 39.26 0.44 -4.79
CA PRO F 64 39.11 -0.59 -5.82
C PRO F 64 40.25 -0.55 -6.84
N ALA F 65 40.89 0.61 -6.99
CA ALA F 65 41.96 0.72 -7.96
C ALA F 65 43.19 -0.04 -7.48
N HIS F 66 43.28 -0.19 -6.17
CA HIS F 66 44.47 -0.78 -5.60
C HIS F 66 45.68 -0.04 -6.17
N ASN F 67 45.63 1.28 -6.10
CA ASN F 67 46.75 2.13 -6.50
C ASN F 67 47.85 1.97 -5.47
N LEU F 68 47.50 1.31 -4.37
CA LEU F 68 48.47 1.06 -3.31
C LEU F 68 49.65 0.28 -3.87
N SER F 69 49.40 -0.52 -4.90
CA SER F 69 50.46 -1.29 -5.54
C SER F 69 51.30 -0.42 -6.48
N ASP F 70 50.62 0.20 -7.44
CA ASP F 70 51.27 1.11 -8.39
C ASP F 70 52.10 2.18 -7.69
N ALA F 71 51.70 2.54 -6.47
CA ALA F 71 52.40 3.55 -5.69
C ALA F 71 53.73 3.04 -5.15
N PHE F 72 53.74 1.84 -4.58
CA PHE F 72 54.96 1.26 -4.02
C PHE F 72 55.67 0.33 -5.01
N GLY F 73 55.11 0.20 -6.20
CA GLY F 73 55.69 -0.66 -7.22
C GLY F 73 55.85 -2.08 -6.74
N GLN F 74 54.80 -2.61 -6.13
CA GLN F 74 54.84 -3.91 -5.49
C GLN F 74 53.44 -4.47 -5.34
N LYS F 75 53.28 -5.76 -5.60
CA LYS F 75 51.95 -6.36 -5.61
C LYS F 75 51.47 -6.69 -4.20
N PHE F 76 50.30 -6.17 -3.85
CA PHE F 76 49.67 -6.47 -2.58
C PHE F 76 48.37 -7.23 -2.81
N GLY F 77 48.01 -8.08 -1.85
CA GLY F 77 46.83 -8.92 -1.99
C GLY F 77 45.94 -8.80 -0.78
N LYS F 78 45.19 -9.85 -0.47
CA LYS F 78 44.33 -9.83 0.72
C LYS F 78 45.11 -10.34 1.93
N GLU F 79 46.32 -10.81 1.68
CA GLU F 79 47.24 -11.18 2.74
C GLU F 79 48.16 -10.00 2.99
N ALA F 80 48.35 -9.65 4.25
CA ALA F 80 49.15 -8.48 4.58
C ALA F 80 50.63 -8.74 4.37
N ARG F 81 51.21 -8.07 3.38
CA ARG F 81 52.63 -8.22 3.09
C ARG F 81 53.42 -7.04 3.63
N LEU F 82 54.73 -7.23 3.76
CA LEU F 82 55.61 -6.18 4.24
C LEU F 82 56.04 -5.28 3.08
N VAL F 83 55.78 -3.98 3.18
CA VAL F 83 56.19 -3.06 2.12
C VAL F 83 57.71 -3.11 1.97
N ASP F 84 58.17 -3.39 0.76
CA ASP F 84 59.56 -3.80 0.52
C ASP F 84 60.64 -3.09 1.33
N GLY F 85 60.66 -1.77 1.30
CA GLY F 85 61.75 -1.03 1.93
C GLY F 85 61.71 -0.83 3.44
N TYR F 86 60.82 -1.54 4.13
CA TYR F 86 60.57 -1.26 5.55
C TYR F 86 60.58 -2.52 6.40
N SER F 87 60.44 -2.34 7.71
CA SER F 87 60.47 -3.47 8.65
C SER F 87 59.20 -3.56 9.48
N ASN F 88 58.47 -2.45 9.55
CA ASN F 88 57.27 -2.37 10.37
C ASN F 88 56.09 -1.80 9.60
N LEU F 89 56.28 -1.52 8.32
CA LEU F 89 55.19 -1.06 7.48
C LEU F 89 54.71 -2.20 6.59
N SER F 90 53.42 -2.50 6.67
CA SER F 90 52.84 -3.57 5.87
C SER F 90 51.57 -3.07 5.16
N ALA F 91 51.20 -3.74 4.08
CA ALA F 91 50.03 -3.31 3.31
C ALA F 91 49.15 -4.48 2.87
N MET F 92 47.83 -4.32 3.04
CA MET F 92 46.90 -5.30 2.49
C MET F 92 45.77 -4.60 1.76
N GLU F 93 45.21 -5.29 0.76
CA GLU F 93 44.12 -4.74 -0.03
C GLU F 93 42.86 -5.57 0.11
N ILE F 94 41.84 -4.97 0.73
CA ILE F 94 40.55 -5.62 1.00
C ILE F 94 39.71 -5.78 -0.28
N ASP F 95 39.09 -6.95 -0.42
CA ASP F 95 38.15 -7.18 -1.51
C ASP F 95 36.74 -7.11 -0.95
N PRO F 96 35.85 -6.40 -1.66
CA PRO F 96 34.54 -6.09 -1.09
C PRO F 96 33.71 -7.34 -0.85
N ASN F 97 33.68 -8.25 -1.82
CA ASN F 97 32.93 -9.50 -1.70
C ASN F 97 31.43 -9.35 -1.62
N GLY F 98 30.86 -8.58 -2.54
CA GLY F 98 29.42 -8.51 -2.67
C GLY F 98 28.95 -9.74 -3.43
N SER F 99 27.85 -10.34 -2.97
CA SER F 99 27.36 -11.59 -3.54
C SER F 99 26.25 -11.37 -4.55
N ILE F 100 25.89 -12.43 -5.28
CA ILE F 100 24.78 -12.35 -6.21
C ILE F 100 23.51 -12.03 -5.45
N GLN F 101 23.36 -12.64 -4.28
CA GLN F 101 22.25 -12.32 -3.40
C GLN F 101 22.29 -10.84 -3.00
N ASP F 102 23.44 -10.40 -2.49
CA ASP F 102 23.65 -8.99 -2.12
C ASP F 102 23.07 -8.04 -3.16
N LEU F 103 23.40 -8.30 -4.41
CA LEU F 103 22.98 -7.49 -5.54
C LEU F 103 21.48 -7.60 -5.81
N LEU F 104 20.96 -8.84 -5.79
CA LEU F 104 19.54 -9.08 -6.01
C LEU F 104 18.67 -8.41 -4.95
N ALA F 105 19.24 -8.20 -3.78
CA ALA F 105 18.48 -7.67 -2.64
C ALA F 105 18.32 -6.14 -2.64
N SER F 106 18.98 -5.45 -3.58
CA SER F 106 18.85 -4.01 -3.72
C SER F 106 17.69 -3.64 -4.65
N GLN F 125 19.07 7.00 -9.74
CA GLN F 125 20.44 7.35 -10.10
C GLN F 125 21.48 6.33 -9.61
N ASP F 126 22.62 6.85 -9.18
CA ASP F 126 23.73 6.02 -8.73
C ASP F 126 23.59 5.58 -7.26
N LEU F 127 22.72 6.28 -6.53
CA LEU F 127 22.45 5.92 -5.14
C LEU F 127 21.52 4.71 -5.06
N ALA F 128 21.57 3.87 -6.09
CA ALA F 128 20.78 2.65 -6.14
C ALA F 128 21.58 1.44 -5.63
N PHE F 129 22.91 1.56 -5.67
CA PHE F 129 23.80 0.53 -5.17
C PHE F 129 24.55 1.02 -3.95
N SER F 130 23.94 1.94 -3.20
CA SER F 130 24.62 2.62 -2.10
C SER F 130 24.59 1.84 -0.79
N ILE F 131 23.54 1.05 -0.59
CA ILE F 131 23.44 0.21 0.60
C ILE F 131 24.15 -1.13 0.35
N PRO F 132 25.06 -1.51 1.25
CA PRO F 132 25.81 -2.77 1.16
C PRO F 132 24.94 -3.97 1.54
N GLY F 133 25.33 -5.16 1.08
CA GLY F 133 24.58 -6.37 1.38
C GLY F 133 25.03 -7.04 2.67
N VAL F 134 24.28 -8.05 3.11
CA VAL F 134 24.64 -8.76 4.32
C VAL F 134 25.94 -9.53 4.12
N ASP F 135 26.13 -10.04 2.92
CA ASP F 135 27.33 -10.81 2.62
C ASP F 135 28.58 -9.93 2.59
N GLU F 136 28.46 -8.75 2.03
CA GLU F 136 29.58 -7.84 1.96
C GLU F 136 29.96 -7.35 3.36
N ALA F 137 28.97 -6.96 4.14
CA ALA F 137 29.19 -6.52 5.52
C ALA F 137 29.85 -7.62 6.36
N MET F 138 29.39 -8.85 6.19
CA MET F 138 29.94 -9.97 6.96
C MET F 138 31.41 -10.16 6.62
N SER F 139 31.74 -10.11 5.33
CA SER F 139 33.10 -10.34 4.87
C SER F 139 34.07 -9.34 5.48
N PHE F 140 33.65 -8.08 5.53
CA PHE F 140 34.47 -7.03 6.14
C PHE F 140 34.67 -7.33 7.62
N ALA F 141 33.59 -7.65 8.33
CA ALA F 141 33.66 -8.00 9.74
C ALA F 141 34.70 -9.09 9.96
N GLU F 142 34.71 -10.06 9.05
CA GLU F 142 35.68 -11.15 9.14
C GLU F 142 37.11 -10.63 9.02
N VAL F 143 37.31 -9.63 8.17
CA VAL F 143 38.63 -9.05 7.95
C VAL F 143 39.10 -8.25 9.18
N LEU F 144 38.24 -7.39 9.69
CA LEU F 144 38.54 -6.65 10.91
C LEU F 144 38.94 -7.63 12.01
N LYS F 145 38.30 -8.80 12.01
CA LYS F 145 38.61 -9.86 12.96
C LYS F 145 40.05 -10.29 12.78
N GLN F 146 40.41 -10.63 11.54
CA GLN F 146 41.78 -10.97 11.18
C GLN F 146 42.74 -9.91 11.67
N VAL F 147 42.44 -8.67 11.29
CA VAL F 147 43.33 -7.53 11.53
C VAL F 147 43.58 -7.28 13.01
N LYS F 148 42.60 -7.60 13.84
CA LYS F 148 42.77 -7.44 15.27
C LYS F 148 43.75 -8.49 15.79
N SER F 149 43.65 -9.71 15.28
CA SER F 149 44.55 -10.80 15.67
C SER F 149 46.00 -10.44 15.40
N LEU F 150 46.21 -9.67 14.34
CA LEU F 150 47.56 -9.30 13.93
C LEU F 150 48.26 -8.41 14.97
N SER F 151 47.52 -7.52 15.61
CA SER F 151 48.12 -6.64 16.61
C SER F 151 49.12 -5.69 15.97
N TYR F 152 48.70 -5.00 14.91
CA TYR F 152 49.45 -3.89 14.36
C TYR F 152 49.16 -2.66 15.22
N GLU F 153 50.18 -1.84 15.43
CA GLU F 153 50.08 -0.70 16.34
C GLU F 153 49.02 0.31 15.91
N VAL F 154 49.11 0.75 14.66
CA VAL F 154 48.19 1.76 14.14
C VAL F 154 47.84 1.39 12.70
N ILE F 155 46.65 1.77 12.24
CA ILE F 155 46.22 1.40 10.91
C ILE F 155 45.82 2.59 10.06
N VAL F 156 46.49 2.72 8.93
CA VAL F 156 46.15 3.72 7.93
C VAL F 156 45.14 3.15 6.91
N PHE F 157 43.97 3.78 6.88
CA PHE F 157 42.86 3.29 6.09
C PHE F 157 42.75 4.07 4.77
N ASP F 158 43.29 3.51 3.69
CA ASP F 158 43.22 4.13 2.38
C ASP F 158 41.83 3.96 1.81
N THR F 159 40.95 4.93 2.06
CA THR F 159 39.57 4.84 1.61
C THR F 159 39.38 4.89 0.08
N ALA F 160 38.19 4.54 -0.38
CA ALA F 160 37.89 4.53 -1.80
C ALA F 160 37.51 5.92 -2.24
N PRO F 161 38.16 6.43 -3.29
CA PRO F 161 37.94 7.79 -3.78
C PRO F 161 36.75 7.85 -4.72
N THR F 162 35.76 6.99 -4.48
CA THR F 162 34.55 6.96 -5.29
C THR F 162 33.38 7.57 -4.53
N GLY F 163 32.16 7.21 -4.93
CA GLY F 163 30.98 7.74 -4.27
C GLY F 163 30.76 7.08 -2.94
N HIS F 164 31.30 5.88 -2.80
CA HIS F 164 31.07 5.05 -1.63
C HIS F 164 32.24 5.07 -0.65
N THR F 165 32.82 6.24 -0.44
CA THR F 165 33.97 6.38 0.44
C THR F 165 33.67 5.91 1.87
N LEU F 166 32.46 6.20 2.36
CA LEU F 166 32.07 5.84 3.71
C LEU F 166 31.05 4.68 3.76
N ARG F 167 31.15 3.78 2.78
CA ARG F 167 30.18 2.71 2.66
C ARG F 167 30.25 1.72 3.81
N PHE F 168 31.46 1.48 4.31
CA PHE F 168 31.65 0.55 5.40
C PHE F 168 30.94 0.97 6.69
N LEU F 169 30.52 2.23 6.77
CA LEU F 169 29.91 2.76 7.98
C LEU F 169 28.46 2.33 8.10
N GLN F 170 27.97 1.63 7.10
CA GLN F 170 26.63 1.05 7.15
C GLN F 170 26.65 -0.41 7.59
N PHE F 171 27.84 -0.97 7.79
CA PHE F 171 27.97 -2.37 8.14
C PHE F 171 27.35 -2.73 9.49
N PRO F 172 27.52 -1.85 10.50
CA PRO F 172 26.87 -2.11 11.79
C PRO F 172 25.35 -2.23 11.68
N THR F 173 24.72 -1.31 10.96
CA THR F 173 23.26 -1.34 10.81
C THR F 173 22.78 -2.43 9.85
N VAL F 174 23.64 -2.87 8.93
CA VAL F 174 23.31 -3.99 8.07
C VAL F 174 23.33 -5.30 8.86
N LEU F 175 24.38 -5.51 9.65
CA LEU F 175 24.50 -6.70 10.47
C LEU F 175 23.47 -6.75 11.59
N GLU F 176 23.12 -5.60 12.15
CA GLU F 176 22.14 -5.59 13.21
C GLU F 176 20.76 -5.98 12.70
N LYS F 177 20.44 -5.55 11.50
CA LYS F 177 19.16 -5.92 10.89
C LYS F 177 19.11 -7.41 10.60
N ALA F 178 20.23 -7.94 10.13
CA ALA F 178 20.33 -9.37 9.86
C ALA F 178 20.18 -10.11 11.18
N LEU F 179 21.02 -9.79 12.16
CA LEU F 179 20.96 -10.42 13.48
C LEU F 179 19.55 -10.40 14.08
N ALA F 180 18.78 -9.37 13.73
CA ALA F 180 17.41 -9.24 14.21
C ALA F 180 16.49 -10.22 13.50
N LYS F 181 16.43 -10.12 12.17
CA LYS F 181 15.63 -11.04 11.35
C LYS F 181 15.98 -12.48 11.67
N LEU F 182 17.26 -12.72 11.93
CA LEU F 182 17.76 -14.04 12.26
C LEU F 182 17.25 -14.48 13.62
N SER F 183 17.28 -13.58 14.60
CA SER F 183 16.82 -13.90 15.94
C SER F 183 15.30 -14.06 15.97
N GLN F 184 14.60 -13.33 15.12
CA GLN F 184 13.14 -13.41 15.07
C GLN F 184 12.69 -14.74 14.50
N LEU F 185 13.42 -15.26 13.52
CA LEU F 185 13.12 -16.59 13.00
C LEU F 185 13.32 -17.63 14.10
N SER F 186 14.37 -17.47 14.89
CA SER F 186 14.64 -18.37 16.00
C SER F 186 13.42 -18.47 16.91
N SER F 187 12.60 -17.42 16.95
CA SER F 187 11.42 -17.40 17.80
C SER F 187 10.28 -18.23 17.23
N GLN F 188 10.28 -18.42 15.91
CA GLN F 188 9.32 -19.31 15.27
C GLN F 188 10.00 -20.61 14.83
N PHE F 189 10.60 -21.28 15.80
CA PHE F 189 11.22 -22.59 15.61
C PHE F 189 12.08 -22.95 16.83
N SER F 195 11.90 -33.12 18.64
CA SER F 195 10.75 -33.35 17.77
C SER F 195 10.78 -34.73 17.13
N ILE F 196 9.60 -35.31 16.93
CA ILE F 196 9.47 -36.67 16.44
C ILE F 196 9.91 -36.81 14.98
N LEU F 197 10.23 -35.69 14.34
CA LEU F 197 10.68 -35.71 12.95
C LEU F 197 12.17 -36.04 12.81
N GLY F 198 12.98 -35.59 13.76
CA GLY F 198 14.38 -35.91 13.77
C GLY F 198 15.14 -35.33 12.59
N ALA F 199 15.86 -36.20 11.87
CA ALA F 199 16.71 -35.78 10.76
C ALA F 199 15.97 -34.88 9.77
N ARG F 200 14.72 -35.23 9.49
CA ARG F 200 13.93 -34.56 8.47
C ARG F 200 13.20 -33.33 9.03
N GLY F 201 13.56 -32.93 10.24
CA GLY F 201 12.89 -31.84 10.92
C GLY F 201 13.56 -30.50 10.71
N GLY F 202 14.86 -30.52 10.45
CA GLY F 202 15.60 -29.30 10.22
C GLY F 202 15.10 -28.54 9.01
N LEU F 203 15.61 -27.34 8.82
CA LEU F 203 15.22 -26.52 7.67
C LEU F 203 15.71 -27.10 6.35
N PRO F 204 14.99 -26.83 5.27
CA PRO F 204 15.50 -27.15 3.93
C PRO F 204 16.51 -26.08 3.51
N GLY F 205 17.59 -26.49 2.86
CA GLY F 205 18.66 -25.56 2.60
C GLY F 205 19.76 -25.86 3.61
N GLY F 206 19.35 -26.45 4.72
CA GLY F 206 20.28 -27.02 5.66
C GLY F 206 20.83 -26.04 6.66
N GLN F 207 20.34 -24.80 6.61
CA GLN F 207 20.82 -23.77 7.53
C GLN F 207 20.54 -24.18 8.96
N ASN F 208 21.51 -24.01 9.84
CA ASN F 208 21.30 -24.22 11.28
C ASN F 208 21.22 -22.85 11.95
N ILE F 209 20.02 -22.47 12.36
CA ILE F 209 19.77 -21.12 12.89
C ILE F 209 20.58 -20.73 14.12
N ASP F 210 20.57 -21.58 15.15
CA ASP F 210 21.29 -21.30 16.37
C ASP F 210 22.80 -21.19 16.11
N GLU F 211 23.23 -21.80 15.00
CA GLU F 211 24.63 -21.82 14.64
C GLU F 211 25.00 -20.52 13.90
N LEU F 212 24.04 -20.00 13.14
CA LEU F 212 24.22 -18.74 12.40
C LEU F 212 24.03 -17.56 13.31
N LEU F 213 23.12 -17.70 14.26
CA LEU F 213 22.92 -16.70 15.28
C LEU F 213 24.24 -16.47 16.02
N GLN F 214 25.15 -17.44 15.99
CA GLN F 214 26.45 -17.26 16.62
C GLN F 214 27.41 -16.47 15.74
N LYS F 215 27.65 -16.95 14.51
CA LYS F 215 28.49 -16.21 13.58
C LYS F 215 28.03 -14.77 13.52
N MET F 216 26.70 -14.59 13.45
CA MET F 216 26.13 -13.27 13.26
C MET F 216 26.34 -12.37 14.48
N GLU F 217 26.20 -12.93 15.68
CA GLU F 217 26.42 -12.17 16.89
C GLU F 217 27.89 -11.84 17.01
N SER F 218 28.76 -12.81 16.72
CA SER F 218 30.19 -12.63 16.83
C SER F 218 30.70 -11.57 15.85
N LEU F 219 30.12 -11.55 14.66
CA LEU F 219 30.52 -10.58 13.65
C LEU F 219 29.98 -9.18 13.98
N ARG F 220 28.77 -9.13 14.52
CA ARG F 220 28.18 -7.86 14.92
C ARG F 220 28.99 -7.24 16.05
N GLU F 221 29.53 -8.07 16.93
CA GLU F 221 30.29 -7.60 18.07
C GLU F 221 31.66 -7.08 17.65
N THR F 222 32.22 -7.70 16.61
CA THR F 222 33.46 -7.22 16.02
C THR F 222 33.22 -5.87 15.35
N ILE F 223 32.19 -5.79 14.51
CA ILE F 223 31.83 -4.55 13.82
C ILE F 223 31.53 -3.40 14.79
N SER F 224 30.83 -3.66 15.87
CA SER F 224 30.50 -2.60 16.84
C SER F 224 31.71 -2.07 17.59
N GLU F 225 32.62 -2.97 17.98
CA GLU F 225 33.84 -2.55 18.63
C GLU F 225 34.51 -1.54 17.75
N VAL F 226 34.94 -2.01 16.58
CA VAL F 226 35.62 -1.16 15.62
C VAL F 226 34.82 0.13 15.38
N ASN F 227 33.51 0.02 15.25
CA ASN F 227 32.69 1.21 15.00
C ASN F 227 32.77 2.25 16.12
N THR F 228 32.57 1.83 17.37
CA THR F 228 32.62 2.80 18.46
C THR F 228 34.04 3.31 18.72
N GLN F 229 35.02 2.62 18.16
CA GLN F 229 36.40 3.11 18.16
C GLN F 229 36.54 4.23 17.13
N PHE F 230 35.91 4.04 15.97
CA PHE F 230 35.87 5.05 14.92
C PHE F 230 35.32 6.35 15.47
N LYS F 231 34.28 6.22 16.30
CA LYS F 231 33.57 7.38 16.84
C LYS F 231 34.28 8.02 18.04
N ASN F 232 35.42 7.46 18.40
CA ASN F 232 36.25 7.99 19.48
C ASN F 232 37.42 8.83 18.95
N PRO F 233 37.37 10.16 19.16
CA PRO F 233 38.38 11.06 18.61
C PRO F 233 39.77 10.71 19.08
N ASP F 234 39.88 10.14 20.27
CA ASP F 234 41.17 9.76 20.81
C ASP F 234 41.81 8.63 20.00
N MET F 235 40.98 7.82 19.37
CA MET F 235 41.46 6.64 18.69
C MET F 235 41.42 6.76 17.17
N THR F 236 40.52 7.59 16.65
CA THR F 236 40.31 7.63 15.21
C THR F 236 40.17 9.04 14.68
N THR F 237 40.88 9.35 13.60
CA THR F 237 40.68 10.61 12.91
C THR F 237 40.73 10.38 11.41
N PHE F 238 40.18 11.32 10.66
CA PHE F 238 40.12 11.26 9.21
C PHE F 238 40.97 12.38 8.64
N VAL F 239 41.75 12.10 7.61
CA VAL F 239 42.58 13.11 6.95
C VAL F 239 42.10 13.31 5.53
N CYS F 240 41.65 14.54 5.23
CA CYS F 240 41.11 14.85 3.91
C CYS F 240 42.20 15.27 2.95
N VAL F 241 42.11 14.84 1.70
CA VAL F 241 43.01 15.30 0.66
C VAL F 241 42.18 16.02 -0.39
N CYS F 242 42.73 17.10 -0.94
CA CYS F 242 42.06 17.83 -2.02
C CYS F 242 43.02 18.63 -2.90
N ILE F 243 42.48 19.15 -4.00
CA ILE F 243 43.16 20.07 -4.88
C ILE F 243 42.63 21.47 -4.57
N ALA F 244 43.37 22.53 -4.93
CA ALA F 244 42.82 23.88 -4.78
C ALA F 244 41.97 24.26 -5.99
N GLU F 245 40.94 23.46 -6.26
CA GLU F 245 39.95 23.77 -7.28
C GLU F 245 38.60 23.84 -6.58
N PHE F 246 37.56 24.25 -7.29
CA PHE F 246 36.24 24.35 -6.69
C PHE F 246 35.63 22.97 -6.48
N LEU F 247 35.52 22.20 -7.56
CA LEU F 247 34.91 20.89 -7.49
C LEU F 247 35.51 20.03 -6.39
N SER F 248 36.78 20.26 -6.06
CA SER F 248 37.40 19.52 -4.96
C SER F 248 37.07 20.12 -3.60
N LEU F 249 37.27 21.43 -3.46
CA LEU F 249 36.91 22.12 -2.23
C LEU F 249 35.47 21.79 -1.86
N TYR F 250 34.63 21.65 -2.88
CA TYR F 250 33.23 21.30 -2.70
C TYR F 250 33.05 19.88 -2.18
N GLU F 251 33.57 18.91 -2.92
CA GLU F 251 33.48 17.51 -2.52
C GLU F 251 34.09 17.28 -1.14
N THR F 252 35.00 18.16 -0.73
CA THR F 252 35.67 18.06 0.56
C THR F 252 34.75 18.50 1.69
N GLU F 253 34.10 19.65 1.55
CA GLU F 253 33.18 20.14 2.57
C GLU F 253 32.01 19.19 2.66
N ARG F 254 31.75 18.53 1.53
CA ARG F 254 30.65 17.60 1.43
C ARG F 254 30.96 16.36 2.25
N MET F 255 32.20 15.88 2.12
CA MET F 255 32.60 14.66 2.80
C MET F 255 32.86 14.85 4.29
N ILE F 256 33.17 16.09 4.68
CA ILE F 256 33.41 16.38 6.08
C ILE F 256 32.08 16.44 6.81
N GLN F 257 31.05 16.91 6.11
CA GLN F 257 29.70 16.92 6.66
C GLN F 257 29.26 15.50 6.99
N GLU F 258 29.41 14.61 6.01
CA GLU F 258 29.02 13.22 6.19
C GLU F 258 29.81 12.57 7.32
N LEU F 259 31.10 12.90 7.40
CA LEU F 259 31.94 12.42 8.50
C LEU F 259 31.44 12.92 9.84
N THR F 260 31.13 14.21 9.93
CA THR F 260 30.61 14.78 11.17
C THR F 260 29.27 14.15 11.57
N SER F 261 28.45 13.82 10.58
CA SER F 261 27.17 13.19 10.87
C SER F 261 27.36 11.79 11.47
N TYR F 262 28.22 10.97 10.86
CA TYR F 262 28.53 9.64 11.39
C TYR F 262 29.26 9.73 12.73
N GLY F 263 29.74 10.93 13.05
CA GLY F 263 30.42 11.19 14.29
C GLY F 263 31.88 10.80 14.29
N ILE F 264 32.52 10.91 13.13
CA ILE F 264 33.94 10.57 12.98
C ILE F 264 34.80 11.84 12.94
N ASP F 265 35.85 11.86 13.74
CA ASP F 265 36.68 13.05 13.87
C ASP F 265 37.42 13.41 12.59
N THR F 266 37.52 14.70 12.30
CA THR F 266 38.34 15.19 11.19
C THR F 266 38.86 16.61 11.44
N HIS F 267 40.17 16.78 11.41
CA HIS F 267 40.76 18.08 11.72
C HIS F 267 42.01 18.39 10.89
N ALA F 268 42.17 17.76 9.73
CA ALA F 268 43.34 17.98 8.90
C ALA F 268 43.03 17.84 7.41
N ILE F 269 43.41 18.86 6.65
CA ILE F 269 43.24 18.84 5.20
C ILE F 269 44.58 19.00 4.50
N VAL F 270 44.89 18.07 3.59
CA VAL F 270 46.12 18.19 2.82
C VAL F 270 45.78 18.78 1.45
N VAL F 271 46.24 20.00 1.19
CA VAL F 271 45.97 20.66 -0.08
C VAL F 271 47.13 20.44 -1.06
N ASN F 272 46.92 19.52 -2.00
CA ASN F 272 47.99 18.98 -2.83
C ASN F 272 48.15 19.68 -4.18
N GLN F 273 49.28 19.45 -4.85
CA GLN F 273 49.51 19.94 -6.20
C GLN F 273 49.48 21.47 -6.34
N LEU F 274 49.94 22.16 -5.31
CA LEU F 274 49.97 23.63 -5.33
C LEU F 274 51.16 24.20 -6.11
N LEU F 275 50.96 25.36 -6.72
CA LEU F 275 52.05 26.10 -7.33
C LEU F 275 52.67 27.05 -6.29
N PHE F 276 53.98 27.22 -6.37
CA PHE F 276 54.69 28.15 -5.50
C PHE F 276 55.51 29.16 -6.33
N PRO F 277 55.79 30.34 -5.75
CA PRO F 277 56.54 31.42 -6.41
C PRO F 277 57.97 31.02 -6.78
N GLY F 282 59.47 34.93 -14.66
CA GLY F 282 59.71 35.14 -16.07
C GLY F 282 58.62 34.55 -16.95
N CYS F 283 57.71 33.80 -16.33
CA CYS F 283 56.59 33.18 -17.03
C CYS F 283 55.26 33.71 -16.51
N GLU F 284 54.61 34.53 -17.32
CA GLU F 284 53.45 35.31 -16.89
C GLU F 284 52.21 34.48 -16.59
N GLN F 285 51.78 33.68 -17.56
CA GLN F 285 50.51 32.94 -17.45
C GLN F 285 50.46 31.95 -16.30
N CYS F 286 51.62 31.42 -15.90
CA CYS F 286 51.68 30.52 -14.76
C CYS F 286 51.39 31.28 -13.48
N ASN F 287 51.71 32.57 -13.47
CA ASN F 287 51.43 33.43 -12.33
C ASN F 287 49.94 33.62 -12.12
N ALA F 288 49.20 33.74 -13.22
CA ALA F 288 47.76 33.91 -13.15
C ALA F 288 47.12 32.71 -12.47
N ARG F 289 47.58 31.52 -12.84
CA ARG F 289 47.07 30.27 -12.26
C ARG F 289 47.34 30.20 -10.77
N ARG F 290 48.44 30.82 -10.35
CA ARG F 290 48.80 30.85 -8.94
C ARG F 290 47.90 31.83 -8.18
N LYS F 291 47.58 32.96 -8.80
CA LYS F 291 46.68 33.94 -8.19
C LYS F 291 45.30 33.34 -7.88
N MET F 292 44.88 32.39 -8.71
CA MET F 292 43.61 31.69 -8.48
C MET F 292 43.71 30.74 -7.29
N GLN F 293 44.83 30.03 -7.21
CA GLN F 293 45.10 29.14 -6.09
C GLN F 293 45.08 29.91 -4.77
N LYS F 294 45.70 31.10 -4.77
CA LYS F 294 45.71 31.96 -3.60
C LYS F 294 44.28 32.18 -3.11
N LYS F 295 43.37 32.42 -4.05
CA LYS F 295 41.97 32.64 -3.73
C LYS F 295 41.33 31.45 -3.04
N TYR F 296 41.38 30.28 -3.70
CA TYR F 296 40.87 29.03 -3.13
C TYR F 296 41.54 28.68 -1.80
N LEU F 297 42.82 29.01 -1.69
CA LEU F 297 43.60 28.69 -0.51
C LEU F 297 43.18 29.59 0.66
N GLU F 298 42.83 30.84 0.35
CA GLU F 298 42.34 31.74 1.39
C GLU F 298 40.99 31.25 1.88
N GLN F 299 40.15 30.79 0.96
CA GLN F 299 38.85 30.21 1.32
C GLN F 299 39.07 29.07 2.31
N ILE F 300 39.95 28.15 1.94
CA ILE F 300 40.24 26.99 2.76
C ILE F 300 40.73 27.39 4.15
N GLU F 301 41.71 28.29 4.19
CA GLU F 301 42.23 28.78 5.45
C GLU F 301 41.11 29.34 6.31
N GLU F 302 40.10 29.92 5.67
CA GLU F 302 39.00 30.55 6.39
C GLU F 302 37.99 29.54 6.88
N LEU F 303 37.51 28.70 5.98
CA LEU F 303 36.51 27.69 6.34
C LEU F 303 37.04 26.75 7.42
N TYR F 304 38.28 26.31 7.24
CA TYR F 304 38.88 25.34 8.14
C TYR F 304 39.97 25.95 8.99
N GLU F 305 39.58 26.94 9.79
CA GLU F 305 40.50 27.58 10.73
C GLU F 305 40.86 26.60 11.84
N ASP F 306 39.94 25.70 12.15
CA ASP F 306 40.13 24.70 13.20
C ASP F 306 40.91 23.50 12.73
N PHE F 307 41.31 23.51 11.47
CA PHE F 307 42.01 22.39 10.84
C PHE F 307 43.51 22.63 10.70
N ASN F 308 44.26 21.53 10.61
CA ASN F 308 45.62 21.61 10.13
C ASN F 308 45.53 21.66 8.63
N VAL F 309 45.95 22.76 8.00
CA VAL F 309 45.91 22.85 6.55
C VAL F 309 47.31 22.67 5.97
N VAL F 310 47.62 21.44 5.59
CA VAL F 310 48.94 21.09 5.06
C VAL F 310 49.08 21.42 3.57
N ARG F 311 50.14 22.16 3.21
CA ARG F 311 50.33 22.56 1.82
C ARG F 311 51.43 21.78 1.10
N MET F 312 51.06 21.13 0.00
CA MET F 312 52.03 20.36 -0.76
C MET F 312 52.22 20.93 -2.16
N PRO F 313 53.49 20.96 -2.62
CA PRO F 313 53.86 21.47 -3.94
C PRO F 313 53.60 20.43 -5.02
N LEU F 314 53.29 20.89 -6.22
CA LEU F 314 53.29 20.00 -7.37
C LEU F 314 54.72 19.65 -7.69
N LEU F 315 55.05 18.37 -7.70
CA LEU F 315 56.41 17.97 -8.03
C LEU F 315 56.52 17.70 -9.53
N VAL F 316 57.75 17.71 -10.03
CA VAL F 316 57.97 17.62 -11.48
C VAL F 316 57.88 16.19 -11.99
N GLU F 317 58.08 15.22 -11.10
CA GLU F 317 57.96 13.82 -11.46
C GLU F 317 56.97 13.10 -10.56
N GLU F 318 56.33 12.08 -11.09
CA GLU F 318 55.39 11.27 -10.32
C GLU F 318 56.03 10.87 -9.00
N VAL F 319 55.23 10.87 -7.93
CA VAL F 319 55.68 10.41 -6.63
C VAL F 319 55.51 8.89 -6.51
N ARG F 320 56.39 8.15 -7.17
CA ARG F 320 56.20 6.70 -7.28
C ARG F 320 57.24 5.88 -6.51
N GLY F 321 58.51 6.25 -6.65
CA GLY F 321 59.55 5.53 -5.94
C GLY F 321 59.29 5.47 -4.44
N LYS F 322 59.94 4.52 -3.77
CA LYS F 322 59.96 4.55 -2.31
C LYS F 322 60.71 5.79 -1.88
N GLU F 323 61.83 6.07 -2.54
CA GLU F 323 62.67 7.19 -2.17
C GLU F 323 61.93 8.48 -2.41
N LYS F 324 61.12 8.49 -3.46
CA LYS F 324 60.32 9.67 -3.82
C LYS F 324 59.17 9.88 -2.84
N LEU F 325 58.50 8.80 -2.48
CA LEU F 325 57.44 8.85 -1.48
C LEU F 325 57.98 9.37 -0.15
N GLU F 326 59.20 8.97 0.19
CA GLU F 326 59.82 9.39 1.45
C GLU F 326 60.05 10.89 1.44
N LYS F 327 60.71 11.36 0.39
CA LYS F 327 60.96 12.79 0.19
C LYS F 327 59.67 13.60 0.20
N PHE F 328 58.62 13.07 -0.43
CA PHE F 328 57.32 13.73 -0.44
C PHE F 328 56.67 13.71 0.94
N SER F 329 56.79 12.58 1.64
CA SER F 329 56.17 12.42 2.96
C SER F 329 56.75 13.38 3.99
N GLU F 330 58.01 13.78 3.80
CA GLU F 330 58.67 14.68 4.74
C GLU F 330 57.95 16.03 4.80
N MET F 331 57.38 16.46 3.68
CA MET F 331 56.62 17.71 3.63
C MET F 331 55.26 17.63 4.35
N LEU F 332 54.89 16.46 4.86
CA LEU F 332 53.69 16.33 5.66
C LEU F 332 54.00 16.67 7.11
N VAL F 333 55.28 16.87 7.39
CA VAL F 333 55.67 17.18 8.76
C VAL F 333 56.57 18.42 8.80
N HIS F 334 57.13 18.79 7.65
CA HIS F 334 57.96 19.98 7.56
C HIS F 334 57.52 20.84 6.40
N PRO F 335 56.78 21.92 6.70
CA PRO F 335 56.18 22.80 5.69
C PRO F 335 57.14 23.10 4.55
N TYR F 336 56.69 22.91 3.32
CA TYR F 336 57.53 23.15 2.16
C TYR F 336 57.89 24.61 2.01
N VAL F 337 59.09 24.85 1.51
CA VAL F 337 59.54 26.19 1.17
C VAL F 337 60.41 26.10 -0.07
N PRO F 338 60.20 27.02 -1.03
CA PRO F 338 60.89 27.06 -2.33
C PRO F 338 62.33 26.56 -2.26
#